data_5US1
#
_entry.id   5US1
#
_cell.length_a   340.170
_cell.length_b   340.170
_cell.length_c   62.770
_cell.angle_alpha   90.00
_cell.angle_beta   90.00
_cell.angle_gamma   120.00
#
_symmetry.space_group_name_H-M   'H 3'
#
loop_
_entity.id
_entity.type
_entity.pdbx_description
1 polymer "Aminoglycoside 2'-N-acetyltransferase"
2 non-polymer '(1R,2S,3S,4R,6S)-4,6-diamino-3-{[3-deoxy-4-C-methyl-3-(methylamino)-beta-L-arabinopyranosyl]oxy}-2-hydroxycyclohexyl 2-(acetylamino)-6-amino-2,3,4,6-tetradeoxy-alpha-D-erythro-hexopyranoside'
3 non-polymer 'D(-)-TARTARIC ACID'
4 non-polymer 'ACETYL COENZYME *A'
5 non-polymer GLYCEROL
6 non-polymer 'COENZYME A'
7 water water
#
_entity_poly.entity_id   1
_entity_poly.type   'polypeptide(L)'
_entity_poly.pdbx_seq_one_letter_code
;GLVPRGSHMGSMGIEYRSLHTSQLTLSEKEALYDLLIEGFEGDFSHDDFAHTLGGMHVMAFDQQKLVGHVAIIQRHMALD
NTPISVGYVEAMVVEQSYRRQGIGRQLMLQTNKIIASCYQLGLLSASDDGQKLYHSVGWQIWKGKLFELKQGSYIRSIEE
EGGVMGWKADGEVDFTASLYCDFRGGDQW
;
_entity_poly.pdbx_strand_id   A,B,C,D,E,F,G,H,I,J,K,L
#
loop_
_chem_comp.id
_chem_comp.type
_chem_comp.name
_chem_comp.formula
8MM non-polymer '(1R,2S,3S,4R,6S)-4,6-diamino-3-{[3-deoxy-4-C-methyl-3-(methylamino)-beta-L-arabinopyranosyl]oxy}-2-hydroxycyclohexyl 2-(acetylamino)-6-amino-2,3,4,6-tetradeoxy-alpha-D-erythro-hexopyranoside' 'C21 H41 N5 O8'
ACO non-polymer 'ACETYL COENZYME *A' 'C23 H38 N7 O17 P3 S'
COA non-polymer 'COENZYME A' 'C21 H36 N7 O16 P3 S'
GOL non-polymer GLYCEROL 'C3 H8 O3'
TAR non-polymer 'D(-)-TARTARIC ACID' 'C4 H6 O6'
#
# COMPACT_ATOMS: atom_id res chain seq x y z
N GLY A 1 -29.70 51.09 -15.83
CA GLY A 1 -28.77 51.16 -16.94
C GLY A 1 -27.67 50.12 -16.87
N LEU A 2 -26.48 50.54 -16.41
CA LEU A 2 -25.34 49.65 -16.28
C LEU A 2 -24.68 49.84 -14.91
N VAL A 3 -24.34 48.68 -14.32
CA VAL A 3 -24.12 48.44 -12.88
C VAL A 3 -22.74 47.77 -12.85
N PRO A 4 -22.07 47.50 -11.71
CA PRO A 4 -20.80 46.77 -11.84
C PRO A 4 -21.10 45.30 -12.08
N ARG A 5 -20.47 44.75 -13.10
CA ARG A 5 -20.53 43.31 -13.28
C ARG A 5 -19.23 42.71 -12.78
N GLY A 6 -19.27 41.40 -12.52
CA GLY A 6 -18.16 40.64 -11.99
C GLY A 6 -17.07 41.36 -11.21
N SER A 7 -15.83 41.20 -11.67
CA SER A 7 -14.67 41.53 -10.87
C SER A 7 -13.62 42.22 -11.73
N HIS A 8 -12.85 43.11 -11.10
CA HIS A 8 -11.90 44.00 -11.77
C HIS A 8 -10.63 44.17 -10.95
N MET A 9 -9.47 44.10 -11.61
CA MET A 9 -8.22 44.54 -11.02
C MET A 9 -7.46 45.35 -12.06
N GLY A 10 -6.49 46.13 -11.59
CA GLY A 10 -5.66 46.94 -12.48
C GLY A 10 -4.19 46.67 -12.26
N SER A 11 -3.45 46.56 -13.36
CA SER A 11 -2.00 46.36 -13.30
C SER A 11 -1.36 47.20 -14.39
N MET A 12 -0.69 48.29 -13.98
CA MET A 12 0.12 49.13 -14.87
C MET A 12 -0.75 49.80 -15.94
N GLY A 13 -1.82 50.46 -15.51
CA GLY A 13 -2.71 51.16 -16.42
C GLY A 13 -3.65 50.28 -17.20
N ILE A 14 -3.47 48.95 -17.16
CA ILE A 14 -4.37 48.02 -17.81
C ILE A 14 -5.37 47.51 -16.78
N GLU A 15 -6.66 47.63 -17.10
CA GLU A 15 -7.72 47.10 -16.25
C GLU A 15 -8.15 45.74 -16.79
N TYR A 16 -8.29 44.76 -15.90
CA TYR A 16 -8.67 43.41 -16.27
C TYR A 16 -9.99 43.08 -15.62
N ARG A 17 -10.96 42.63 -16.40
CA ARG A 17 -12.29 42.32 -15.90
C ARG A 17 -12.66 40.88 -16.24
N SER A 18 -13.09 40.14 -15.24
CA SER A 18 -13.54 38.76 -15.38
C SER A 18 -15.06 38.76 -15.45
N LEU A 19 -15.60 38.35 -16.58
CA LEU A 19 -17.03 38.41 -16.83
C LEU A 19 -17.52 37.09 -17.42
N HIS A 20 -18.66 36.64 -16.94
CA HIS A 20 -19.34 35.54 -17.62
C HIS A 20 -19.99 36.07 -18.91
N THR A 21 -20.24 35.16 -19.85
CA THR A 21 -20.88 35.56 -21.09
C THR A 21 -22.23 36.22 -20.83
N SER A 22 -23.00 35.67 -19.90
CA SER A 22 -24.29 36.24 -19.54
C SER A 22 -24.19 37.64 -18.95
N GLN A 23 -22.98 38.10 -18.61
CA GLN A 23 -22.77 39.41 -18.01
C GLN A 23 -22.24 40.43 -19.01
N LEU A 24 -22.20 40.11 -20.30
CA LEU A 24 -21.66 41.01 -21.30
C LEU A 24 -22.79 41.58 -22.17
N THR A 25 -22.63 42.84 -22.56
CA THR A 25 -23.54 43.47 -23.50
C THR A 25 -23.26 42.97 -24.92
N LEU A 26 -24.23 43.20 -25.81
CA LEU A 26 -24.03 42.91 -27.22
C LEU A 26 -22.86 43.70 -27.78
N SER A 27 -22.69 44.94 -27.33
CA SER A 27 -21.57 45.76 -27.76
C SER A 27 -20.24 45.14 -27.36
N GLU A 28 -20.16 44.61 -26.13
CA GLU A 28 -18.93 43.98 -25.69
C GLU A 28 -18.66 42.70 -26.47
N LYS A 29 -19.72 41.95 -26.80
CA LYS A 29 -19.55 40.74 -27.62
C LYS A 29 -18.93 41.07 -28.97
N GLU A 30 -19.36 42.19 -29.59
CA GLU A 30 -18.85 42.54 -30.90
C GLU A 30 -17.44 43.12 -30.80
N ALA A 31 -17.15 43.91 -29.76
CA ALA A 31 -15.79 44.37 -29.54
C ALA A 31 -14.83 43.20 -29.45
N LEU A 32 -15.23 42.16 -28.71
CA LEU A 32 -14.39 40.98 -28.56
C LEU A 32 -14.20 40.27 -29.90
N TYR A 33 -15.27 40.07 -30.66
CA TYR A 33 -15.17 39.45 -31.97
C TYR A 33 -14.23 40.24 -32.87
N ASP A 34 -14.35 41.57 -32.86
CA ASP A 34 -13.42 42.42 -33.59
C ASP A 34 -11.98 42.15 -33.15
N LEU A 35 -11.76 42.00 -31.83
CA LEU A 35 -10.42 41.75 -31.33
C LEU A 35 -9.88 40.42 -31.83
N LEU A 36 -10.73 39.39 -31.86
CA LEU A 36 -10.25 38.04 -32.15
C LEU A 36 -9.80 37.89 -33.60
N ILE A 37 -10.54 38.48 -34.54
CA ILE A 37 -10.18 38.34 -35.95
C ILE A 37 -8.88 39.10 -36.24
N GLU A 38 -8.83 40.37 -35.85
CA GLU A 38 -7.62 41.16 -36.07
C GLU A 38 -6.41 40.53 -35.40
N GLY A 39 -6.60 39.94 -34.22
CA GLY A 39 -5.48 39.36 -33.50
C GLY A 39 -4.99 38.04 -34.07
N PHE A 40 -5.89 37.26 -34.67
CA PHE A 40 -5.51 35.99 -35.30
C PHE A 40 -5.26 36.12 -36.79
N GLU A 41 -5.40 37.32 -37.35
CA GLU A 41 -5.19 37.57 -38.78
C GLU A 41 -6.10 36.69 -39.63
N GLY A 42 -7.40 36.76 -39.36
CA GLY A 42 -8.40 36.07 -40.16
C GLY A 42 -8.56 34.60 -39.89
N ASP A 43 -7.63 33.96 -39.17
CA ASP A 43 -7.72 32.53 -38.92
C ASP A 43 -8.87 32.15 -38.00
N PHE A 44 -9.47 33.12 -37.32
CA PHE A 44 -10.51 32.82 -36.33
C PHE A 44 -11.84 32.52 -37.04
N SER A 45 -12.32 31.29 -36.87
CA SER A 45 -13.55 30.84 -37.51
C SER A 45 -14.75 31.12 -36.61
N HIS A 46 -15.95 31.02 -37.19
CA HIS A 46 -17.16 31.27 -36.44
C HIS A 46 -17.43 30.16 -35.42
N ASP A 47 -17.01 28.93 -35.72
CA ASP A 47 -17.07 27.87 -34.71
C ASP A 47 -16.18 28.20 -33.53
N ASP A 48 -15.03 28.84 -33.79
CA ASP A 48 -14.16 29.25 -32.69
C ASP A 48 -14.76 30.36 -31.86
N PHE A 49 -15.58 31.23 -32.48
CA PHE A 49 -16.25 32.25 -31.69
C PHE A 49 -17.35 31.64 -30.84
N ALA A 50 -18.05 30.62 -31.36
CA ALA A 50 -19.01 29.89 -30.54
C ALA A 50 -18.32 29.21 -29.37
N HIS A 51 -17.13 28.64 -29.60
CA HIS A 51 -16.39 28.02 -28.52
C HIS A 51 -15.96 29.03 -27.47
N THR A 52 -15.93 30.32 -27.80
CA THR A 52 -15.49 31.33 -26.86
C THR A 52 -16.55 31.64 -25.80
N LEU A 53 -17.82 31.59 -26.20
CA LEU A 53 -18.90 31.97 -25.30
C LEU A 53 -19.48 30.85 -24.46
N GLY A 54 -20.18 31.24 -23.41
CA GLY A 54 -20.82 30.30 -22.51
C GLY A 54 -20.14 30.19 -21.17
N GLY A 55 -18.89 30.62 -21.07
CA GLY A 55 -18.15 30.58 -19.82
C GLY A 55 -17.62 31.93 -19.41
N MET A 56 -16.44 31.94 -18.77
CA MET A 56 -15.85 33.16 -18.27
C MET A 56 -14.96 33.80 -19.33
N HIS A 57 -14.82 35.12 -19.24
CA HIS A 57 -13.89 35.88 -20.04
C HIS A 57 -13.05 36.75 -19.12
N VAL A 58 -11.74 36.77 -19.34
CA VAL A 58 -10.86 37.79 -18.79
C VAL A 58 -10.55 38.76 -19.91
N MET A 59 -10.79 40.04 -19.68
CA MET A 59 -10.64 41.06 -20.71
C MET A 59 -9.75 42.18 -20.19
N ALA A 60 -8.75 42.54 -20.98
CA ALA A 60 -7.82 43.61 -20.65
C ALA A 60 -8.18 44.85 -21.46
N PHE A 61 -8.27 46.00 -20.80
CA PHE A 61 -8.58 47.26 -21.47
C PHE A 61 -7.49 48.28 -21.18
N ASP A 62 -6.87 48.79 -22.24
CA ASP A 62 -6.06 49.99 -22.14
C ASP A 62 -7.03 51.16 -22.17
N GLN A 63 -7.29 51.74 -21.00
CA GLN A 63 -8.30 52.78 -20.85
C GLN A 63 -9.62 52.17 -21.33
N GLN A 64 -10.23 52.69 -22.39
CA GLN A 64 -11.49 52.26 -22.95
C GLN A 64 -11.33 51.22 -24.06
N LYS A 65 -10.10 50.93 -24.46
CA LYS A 65 -9.83 50.07 -25.62
C LYS A 65 -9.65 48.63 -25.16
N LEU A 66 -10.30 47.70 -25.86
CA LEU A 66 -10.13 46.28 -25.57
C LEU A 66 -8.84 45.80 -26.25
N VAL A 67 -7.84 45.41 -25.45
CA VAL A 67 -6.53 45.05 -25.97
C VAL A 67 -6.12 43.63 -25.64
N GLY A 68 -6.93 42.89 -24.90
CA GLY A 68 -6.58 41.52 -24.55
C GLY A 68 -7.78 40.74 -24.08
N HIS A 69 -7.77 39.45 -24.39
CA HIS A 69 -8.88 38.59 -24.00
C HIS A 69 -8.41 37.14 -23.88
N VAL A 70 -9.06 36.42 -22.98
CA VAL A 70 -8.97 34.97 -22.91
C VAL A 70 -10.29 34.46 -22.33
N ALA A 71 -10.68 33.27 -22.77
CA ALA A 71 -11.93 32.67 -22.32
C ALA A 71 -11.65 31.33 -21.65
N ILE A 72 -12.48 30.99 -20.66
CA ILE A 72 -12.37 29.73 -19.95
C ILE A 72 -13.71 29.02 -20.10
N ILE A 73 -13.71 27.93 -20.86
CA ILE A 73 -14.91 27.14 -21.12
C ILE A 73 -14.96 25.97 -20.15
N GLN A 74 -16.16 25.66 -19.66
CA GLN A 74 -16.36 24.44 -18.89
C GLN A 74 -16.62 23.29 -19.87
N ARG A 75 -15.81 22.24 -19.77
CA ARG A 75 -15.98 21.06 -20.59
C ARG A 75 -15.96 19.82 -19.69
N HIS A 76 -16.69 18.80 -20.11
CA HIS A 76 -16.87 17.59 -19.31
C HIS A 76 -16.26 16.42 -20.09
N MET A 77 -15.11 15.96 -19.63
CA MET A 77 -14.34 14.94 -20.32
C MET A 77 -14.18 13.72 -19.42
N ALA A 78 -13.44 12.74 -19.93
CA ALA A 78 -13.06 11.57 -19.17
C ALA A 78 -11.54 11.44 -19.20
N LEU A 79 -10.98 11.10 -18.03
CA LEU A 79 -9.57 10.78 -17.88
C LEU A 79 -9.65 9.28 -17.66
N ASP A 80 -9.16 8.55 -18.67
CA ASP A 80 -9.25 7.12 -18.75
C ASP A 80 -10.76 7.23 -18.75
N ASN A 81 -11.39 6.48 -17.87
CA ASN A 81 -12.84 6.27 -17.83
C ASN A 81 -13.22 6.92 -16.49
N THR A 82 -12.39 7.87 -15.97
CA THR A 82 -12.85 8.62 -14.80
C THR A 82 -13.36 9.99 -15.23
N PRO A 83 -14.47 10.48 -14.68
CA PRO A 83 -14.94 11.82 -15.05
C PRO A 83 -14.02 12.91 -14.51
N ILE A 84 -13.73 13.91 -15.33
CA ILE A 84 -12.89 15.03 -14.90
C ILE A 84 -13.46 16.33 -15.45
N SER A 85 -13.54 17.33 -14.57
CA SER A 85 -14.11 18.63 -14.87
C SER A 85 -13.00 19.54 -15.39
N VAL A 86 -13.19 20.09 -16.59
CA VAL A 86 -12.13 20.79 -17.30
C VAL A 86 -12.53 22.23 -17.52
N GLY A 87 -11.60 23.14 -17.21
CA GLY A 87 -11.70 24.51 -17.67
C GLY A 87 -10.87 24.65 -18.93
N TYR A 88 -11.53 24.69 -20.08
CA TYR A 88 -10.85 24.73 -21.37
C TYR A 88 -10.60 26.17 -21.78
N VAL A 89 -9.35 26.48 -22.09
CA VAL A 89 -8.92 27.85 -22.36
C VAL A 89 -9.03 28.10 -23.87
N GLU A 90 -9.74 29.16 -24.23
CA GLU A 90 -10.04 29.45 -25.63
C GLU A 90 -9.72 30.90 -25.96
N ALA A 91 -9.27 31.11 -27.19
CA ALA A 91 -9.24 32.44 -27.83
C ALA A 91 -8.38 33.43 -27.04
N MET A 92 -7.18 32.99 -26.67
CA MET A 92 -6.22 33.90 -26.07
C MET A 92 -5.64 34.81 -27.15
N VAL A 93 -5.72 36.12 -26.94
CA VAL A 93 -5.18 37.06 -27.92
C VAL A 93 -4.96 38.41 -27.26
N VAL A 94 -3.83 39.03 -27.60
CA VAL A 94 -3.48 40.39 -27.23
C VAL A 94 -3.24 41.17 -28.52
N GLU A 95 -3.72 42.41 -28.56
CA GLU A 95 -3.54 43.22 -29.77
C GLU A 95 -2.07 43.43 -30.06
N GLN A 96 -1.72 43.39 -31.35
CA GLN A 96 -0.32 43.36 -31.78
C GLN A 96 0.49 44.49 -31.15
N SER A 97 -0.05 45.70 -31.14
CA SER A 97 0.66 46.85 -30.58
C SER A 97 0.79 46.79 -29.06
N TYR A 98 0.09 45.86 -28.40
CA TYR A 98 0.12 45.77 -26.95
C TYR A 98 0.87 44.53 -26.46
N ARG A 99 1.58 43.85 -27.34
CA ARG A 99 2.41 42.74 -26.91
C ARG A 99 3.66 43.28 -26.22
N ARG A 100 4.38 42.40 -25.54
CA ARG A 100 5.60 42.75 -24.81
C ARG A 100 5.34 43.58 -23.57
N GLN A 101 4.14 43.59 -23.01
CA GLN A 101 3.86 44.41 -21.85
C GLN A 101 3.35 43.62 -20.65
N GLY A 102 3.33 42.30 -20.73
CA GLY A 102 2.85 41.50 -19.62
C GLY A 102 1.37 41.30 -19.56
N ILE A 103 0.64 41.52 -20.66
CA ILE A 103 -0.81 41.37 -20.63
C ILE A 103 -1.22 39.91 -20.72
N GLY A 104 -0.59 39.16 -21.64
CA GLY A 104 -0.87 37.73 -21.72
C GLY A 104 -0.58 37.00 -20.42
N ARG A 105 0.48 37.40 -19.72
CA ARG A 105 0.80 36.79 -18.44
C ARG A 105 -0.30 37.08 -17.42
N GLN A 106 -0.71 38.34 -17.32
CA GLN A 106 -1.77 38.70 -16.39
C GLN A 106 -3.08 38.01 -16.75
N LEU A 107 -3.37 37.90 -18.06
CA LEU A 107 -4.56 37.18 -18.49
C LEU A 107 -4.51 35.73 -18.03
N MET A 108 -3.35 35.08 -18.17
CA MET A 108 -3.24 33.68 -17.78
C MET A 108 -3.23 33.52 -16.27
N LEU A 109 -2.71 34.51 -15.53
CA LEU A 109 -2.75 34.43 -14.07
C LEU A 109 -4.19 34.47 -13.56
N GLN A 110 -5.02 35.31 -14.19
CA GLN A 110 -6.45 35.29 -13.87
C GLN A 110 -7.09 33.99 -14.30
N THR A 111 -6.70 33.47 -15.47
CA THR A 111 -7.21 32.18 -15.93
C THR A 111 -6.89 31.08 -14.94
N ASN A 112 -5.65 31.05 -14.42
CA ASN A 112 -5.28 30.06 -13.42
C ASN A 112 -6.15 30.18 -12.17
N LYS A 113 -6.41 31.41 -11.73
CA LYS A 113 -7.26 31.62 -10.55
C LYS A 113 -8.65 31.03 -10.77
N ILE A 114 -9.27 31.35 -11.90
CA ILE A 114 -10.60 30.84 -12.22
C ILE A 114 -10.59 29.32 -12.24
N ILE A 115 -9.60 28.73 -12.92
CA ILE A 115 -9.52 27.27 -13.02
C ILE A 115 -9.34 26.65 -11.64
N ALA A 116 -8.48 27.24 -10.82
CA ALA A 116 -8.21 26.66 -9.51
C ALA A 116 -9.45 26.62 -8.65
N SER A 117 -10.35 27.60 -8.82
CA SER A 117 -11.54 27.67 -7.98
C SER A 117 -12.74 26.92 -8.56
N CYS A 118 -12.65 26.42 -9.79
CA CYS A 118 -13.85 25.87 -10.42
C CYS A 118 -13.69 24.45 -10.92
N TYR A 119 -12.54 24.10 -11.50
CA TYR A 119 -12.39 22.85 -12.24
C TYR A 119 -11.21 22.05 -11.69
N GLN A 120 -11.10 20.80 -12.13
CA GLN A 120 -10.01 19.94 -11.70
C GLN A 120 -8.79 20.02 -12.59
N LEU A 121 -8.96 20.40 -13.86
CA LEU A 121 -7.85 20.42 -14.79
C LEU A 121 -8.09 21.54 -15.80
N GLY A 122 -7.05 22.30 -16.11
CA GLY A 122 -7.06 23.25 -17.20
C GLY A 122 -6.48 22.59 -18.44
N LEU A 123 -7.10 22.84 -19.58
CA LEU A 123 -6.61 22.32 -20.85
C LEU A 123 -6.71 23.40 -21.91
N LEU A 124 -5.79 23.35 -22.86
CA LEU A 124 -5.79 24.28 -23.98
C LEU A 124 -5.11 23.60 -25.16
N SER A 125 -5.26 24.23 -26.33
CA SER A 125 -4.55 23.82 -27.54
C SER A 125 -3.73 25.01 -28.01
N ALA A 126 -2.41 24.87 -28.00
CA ALA A 126 -1.51 25.99 -28.24
C ALA A 126 -0.80 25.85 -29.58
N SER A 127 -0.39 27.00 -30.11
CA SER A 127 0.55 27.03 -31.22
C SER A 127 1.97 26.86 -30.73
N ASP A 128 2.84 26.38 -31.62
CA ASP A 128 4.25 26.24 -31.28
C ASP A 128 4.86 27.58 -30.87
N ASP A 129 4.36 28.67 -31.46
CA ASP A 129 4.74 30.01 -31.02
C ASP A 129 4.09 30.40 -29.71
N GLY A 130 3.09 29.66 -29.25
CA GLY A 130 2.35 30.06 -28.08
C GLY A 130 2.64 29.23 -26.84
N GLN A 131 3.39 28.13 -26.99
CA GLN A 131 3.67 27.27 -25.86
C GLN A 131 4.56 27.94 -24.82
N LYS A 132 5.32 28.96 -25.23
CA LYS A 132 6.24 29.64 -24.30
C LYS A 132 5.51 30.38 -23.20
N LEU A 133 4.39 31.03 -23.53
CA LEU A 133 3.67 31.83 -22.55
C LEU A 133 3.02 30.93 -21.49
N TYR A 134 2.33 29.87 -21.94
CA TYR A 134 1.67 28.99 -20.99
C TYR A 134 2.66 28.21 -20.15
N HIS A 135 3.83 27.88 -20.71
CA HIS A 135 4.87 27.24 -19.90
C HIS A 135 5.36 28.18 -18.80
N SER A 136 5.37 29.48 -19.07
CA SER A 136 5.82 30.46 -18.09
C SER A 136 4.89 30.55 -16.87
N VAL A 137 3.72 29.93 -16.91
CA VAL A 137 2.81 29.98 -15.78
C VAL A 137 2.32 28.58 -15.41
N GLY A 138 3.16 27.57 -15.64
CA GLY A 138 2.97 26.26 -15.05
C GLY A 138 2.32 25.21 -15.94
N TRP A 139 1.95 25.55 -17.17
CA TRP A 139 1.30 24.59 -18.04
C TRP A 139 2.33 23.66 -18.68
N GLN A 140 1.98 22.37 -18.76
CA GLN A 140 2.85 21.34 -19.32
C GLN A 140 2.16 20.64 -20.47
N ILE A 141 2.97 20.08 -21.37
CA ILE A 141 2.45 19.28 -22.47
C ILE A 141 1.72 18.06 -21.92
N TRP A 142 0.54 17.79 -22.46
CA TRP A 142 -0.16 16.55 -22.12
C TRP A 142 0.55 15.38 -22.77
N LYS A 143 0.79 14.32 -22.00
CA LYS A 143 1.55 13.18 -22.50
C LYS A 143 0.70 12.03 -22.99
N GLY A 144 -0.55 11.92 -22.52
CA GLY A 144 -1.39 10.82 -22.91
C GLY A 144 -2.00 11.01 -24.30
N LYS A 145 -2.72 9.98 -24.73
CA LYS A 145 -3.43 10.05 -26.01
C LYS A 145 -4.70 10.87 -25.87
N LEU A 146 -5.11 11.46 -26.98
CA LEU A 146 -6.30 12.31 -27.02
C LEU A 146 -7.36 11.68 -27.91
N PHE A 147 -8.61 11.77 -27.48
CA PHE A 147 -9.72 11.21 -28.23
C PHE A 147 -10.82 12.25 -28.36
N GLU A 148 -11.62 12.11 -29.42
CA GLU A 148 -12.72 13.02 -29.67
C GLU A 148 -13.93 12.24 -30.17
N LEU A 149 -15.11 12.69 -29.79
CA LEU A 149 -16.35 12.11 -30.29
C LEU A 149 -16.54 12.54 -31.74
N LYS A 150 -16.57 11.57 -32.65
CA LYS A 150 -16.91 11.80 -34.05
C LYS A 150 -18.09 10.93 -34.40
N GLN A 151 -19.21 11.57 -34.77
CA GLN A 151 -20.46 10.91 -35.15
C GLN A 151 -20.88 9.85 -34.12
N GLY A 152 -20.60 10.12 -32.85
CA GLY A 152 -21.03 9.24 -31.78
C GLY A 152 -20.00 8.22 -31.33
N SER A 153 -18.84 8.16 -31.99
CA SER A 153 -17.80 7.22 -31.62
C SER A 153 -16.49 7.96 -31.38
N TYR A 154 -15.68 7.43 -30.48
CA TYR A 154 -14.43 8.07 -30.11
C TYR A 154 -13.32 7.66 -31.08
N ILE A 155 -12.63 8.65 -31.65
CA ILE A 155 -11.49 8.43 -32.53
C ILE A 155 -10.30 9.16 -31.96
N ARG A 156 -9.10 8.68 -32.29
CA ARG A 156 -7.88 9.26 -31.78
C ARG A 156 -7.59 10.59 -32.47
N SER A 157 -7.23 11.61 -31.67
CA SER A 157 -6.93 12.94 -32.19
C SER A 157 -5.42 13.07 -32.38
N ILE A 158 -4.92 12.36 -33.40
CA ILE A 158 -3.48 12.23 -33.60
C ILE A 158 -2.84 13.59 -33.87
N GLU A 159 -3.51 14.43 -34.65
CA GLU A 159 -2.93 15.72 -35.03
C GLU A 159 -2.80 16.67 -33.85
N GLU A 160 -3.59 16.48 -32.78
CA GLU A 160 -3.54 17.39 -31.65
C GLU A 160 -2.56 16.95 -30.56
N GLU A 161 -2.15 15.69 -30.57
CA GLU A 161 -1.24 15.18 -29.54
C GLU A 161 0.10 15.91 -29.60
N GLY A 162 0.60 16.30 -28.43
CA GLY A 162 1.75 17.16 -28.33
C GLY A 162 1.43 18.65 -28.36
N GLY A 163 0.24 19.02 -28.79
CA GLY A 163 -0.14 20.42 -28.88
C GLY A 163 -1.12 20.84 -27.79
N VAL A 164 -1.63 19.88 -27.04
CA VAL A 164 -2.52 20.15 -25.91
C VAL A 164 -1.67 20.32 -24.66
N MET A 165 -2.00 21.32 -23.85
CA MET A 165 -1.31 21.57 -22.60
C MET A 165 -2.28 21.50 -21.43
N GLY A 166 -1.73 21.22 -20.24
CA GLY A 166 -2.55 21.07 -19.06
C GLY A 166 -1.98 21.84 -17.89
N TRP A 167 -2.85 22.06 -16.90
CA TRP A 167 -2.48 22.76 -15.68
C TRP A 167 -3.33 22.18 -14.56
N LYS A 168 -2.70 21.51 -13.62
CA LYS A 168 -3.45 20.84 -12.55
C LYS A 168 -3.95 21.88 -11.54
N ALA A 169 -5.16 21.65 -11.05
CA ALA A 169 -5.82 22.57 -10.13
C ALA A 169 -5.71 22.05 -8.70
N ASP A 170 -4.51 22.19 -8.14
CA ASP A 170 -4.28 21.92 -6.73
C ASP A 170 -4.62 20.48 -6.35
N GLY A 171 -4.23 19.53 -7.19
CA GLY A 171 -4.58 18.16 -6.91
C GLY A 171 -3.52 17.18 -7.36
N GLU A 172 -3.95 16.14 -8.07
CA GLU A 172 -3.02 15.27 -8.79
C GLU A 172 -3.76 14.66 -9.96
N VAL A 173 -3.24 14.88 -11.16
CA VAL A 173 -3.78 14.36 -12.41
C VAL A 173 -2.64 13.68 -13.14
N ASP A 174 -2.85 12.46 -13.60
CA ASP A 174 -1.78 11.79 -14.33
C ASP A 174 -1.84 12.22 -15.79
N PHE A 175 -0.90 13.10 -16.16
CA PHE A 175 -0.79 13.67 -17.50
C PHE A 175 -0.46 12.64 -18.56
N THR A 176 -0.21 11.38 -18.21
CA THR A 176 -0.01 10.34 -19.20
C THR A 176 -1.28 9.55 -19.51
N ALA A 177 -2.36 9.76 -18.77
CA ALA A 177 -3.61 9.08 -19.07
C ALA A 177 -4.24 9.68 -20.33
N SER A 178 -5.19 8.96 -20.90
CA SER A 178 -5.83 9.47 -22.10
C SER A 178 -7.04 10.32 -21.75
N LEU A 179 -7.37 11.22 -22.66
CA LEU A 179 -8.42 12.22 -22.50
C LEU A 179 -9.47 12.02 -23.57
N TYR A 180 -10.74 11.94 -23.15
CA TYR A 180 -11.88 11.81 -24.06
C TYR A 180 -12.72 13.07 -23.91
N CYS A 181 -12.64 13.97 -24.89
CA CYS A 181 -13.31 15.26 -24.80
C CYS A 181 -14.79 15.13 -25.13
N ASP A 182 -15.50 16.25 -24.94
CA ASP A 182 -16.91 16.38 -25.25
C ASP A 182 -17.10 16.80 -26.70
N PHE A 183 -18.31 16.62 -27.20
CA PHE A 183 -18.63 16.96 -28.57
C PHE A 183 -18.89 18.45 -28.72
N ARG A 184 -18.39 19.03 -29.80
CA ARG A 184 -18.72 20.42 -30.12
C ARG A 184 -18.61 20.61 -31.63
N GLY A 185 -19.04 21.77 -32.10
CA GLY A 185 -18.87 22.10 -33.50
C GLY A 185 -17.45 22.54 -33.80
N GLY A 186 -17.04 22.38 -35.06
CA GLY A 186 -15.71 22.80 -35.46
C GLY A 186 -14.62 21.88 -34.96
N ASP A 187 -13.48 22.45 -34.58
CA ASP A 187 -12.40 21.64 -34.03
C ASP A 187 -12.75 21.21 -32.62
N GLN A 188 -12.55 19.93 -32.32
CA GLN A 188 -12.90 19.44 -30.99
C GLN A 188 -11.90 19.87 -29.93
N TRP A 189 -10.65 20.10 -30.31
CA TRP A 189 -9.64 20.62 -29.39
C TRP A 189 -9.29 22.08 -29.70
N MET B 12 -41.95 38.67 0.27
CA MET B 12 -41.00 39.30 -0.64
C MET B 12 -39.98 40.11 0.17
N GLY B 13 -39.14 40.87 -0.53
CA GLY B 13 -37.98 41.49 0.09
C GLY B 13 -36.73 40.68 -0.04
N ILE B 14 -36.64 39.81 -1.04
CA ILE B 14 -35.50 38.92 -1.23
C ILE B 14 -34.64 39.49 -2.35
N GLU B 15 -33.37 39.72 -2.05
CA GLU B 15 -32.41 40.17 -3.06
C GLU B 15 -31.83 38.96 -3.79
N TYR B 16 -31.76 39.08 -5.11
CA TYR B 16 -31.26 38.01 -5.96
C TYR B 16 -29.93 38.43 -6.58
N ARG B 17 -29.01 37.46 -6.66
CA ARG B 17 -27.69 37.68 -7.24
C ARG B 17 -27.37 36.55 -8.20
N SER B 18 -26.92 36.89 -9.40
CA SER B 18 -26.41 35.92 -10.35
C SER B 18 -24.90 36.00 -10.36
N LEU B 19 -24.23 34.91 -10.00
CA LEU B 19 -22.77 34.91 -9.89
C LEU B 19 -22.20 33.60 -10.38
N HIS B 20 -21.03 33.67 -10.99
CA HIS B 20 -20.34 32.48 -11.47
C HIS B 20 -19.57 31.87 -10.29
N THR B 21 -19.42 30.54 -10.31
CA THR B 21 -18.72 29.84 -9.24
C THR B 21 -17.44 30.57 -8.84
N SER B 22 -16.69 31.07 -9.82
CA SER B 22 -15.46 31.81 -9.58
C SER B 22 -15.68 33.12 -8.81
N GLN B 23 -16.94 33.57 -8.68
CA GLN B 23 -17.21 34.84 -8.01
C GLN B 23 -17.74 34.67 -6.60
N LEU B 24 -18.00 33.44 -6.16
CA LEU B 24 -18.65 33.21 -4.88
C LEU B 24 -17.72 33.55 -3.71
N THR B 25 -18.31 34.10 -2.66
CA THR B 25 -17.64 34.22 -1.37
C THR B 25 -17.47 32.86 -0.74
N LEU B 26 -16.58 32.78 0.26
CA LEU B 26 -16.58 31.60 1.12
C LEU B 26 -17.90 31.48 1.87
N SER B 27 -18.44 32.62 2.32
CA SER B 27 -19.72 32.61 3.03
C SER B 27 -20.83 32.04 2.17
N GLU B 28 -20.87 32.40 0.88
CA GLU B 28 -21.93 31.89 0.01
C GLU B 28 -21.76 30.40 -0.24
N LYS B 29 -20.51 29.94 -0.43
CA LYS B 29 -20.29 28.51 -0.64
C LYS B 29 -20.73 27.71 0.58
N GLU B 30 -20.25 28.07 1.76
CA GLU B 30 -20.63 27.36 2.97
C GLU B 30 -22.12 27.39 3.19
N ALA B 31 -22.77 28.53 2.88
CA ALA B 31 -24.23 28.60 3.01
C ALA B 31 -24.92 27.76 1.94
N LEU B 32 -24.35 27.71 0.73
CA LEU B 32 -24.91 26.89 -0.34
C LEU B 32 -24.90 25.42 0.02
N TYR B 33 -23.77 24.94 0.57
CA TYR B 33 -23.63 23.53 0.90
C TYR B 33 -24.60 23.13 2.00
N ASP B 34 -24.75 23.96 3.03
CA ASP B 34 -25.70 23.65 4.10
C ASP B 34 -27.13 23.65 3.59
N LEU B 35 -27.46 24.55 2.66
CA LEU B 35 -28.82 24.60 2.13
C LEU B 35 -29.14 23.36 1.30
N LEU B 36 -28.18 22.89 0.52
CA LEU B 36 -28.41 21.72 -0.34
C LEU B 36 -28.60 20.45 0.50
N ILE B 37 -27.85 20.34 1.60
CA ILE B 37 -27.97 19.16 2.46
C ILE B 37 -29.31 19.14 3.17
N GLU B 38 -29.73 20.30 3.71
CA GLU B 38 -31.04 20.38 4.35
C GLU B 38 -32.15 20.09 3.36
N GLY B 39 -32.00 20.55 2.11
CA GLY B 39 -33.06 20.37 1.13
C GLY B 39 -33.15 18.94 0.62
N PHE B 40 -32.00 18.27 0.47
CA PHE B 40 -31.97 16.96 -0.18
C PHE B 40 -31.62 15.81 0.75
N GLU B 41 -30.93 16.06 1.87
CA GLU B 41 -30.86 15.16 3.02
C GLU B 41 -30.55 13.71 2.61
N GLY B 42 -29.35 13.53 2.07
CA GLY B 42 -28.91 12.20 1.70
C GLY B 42 -29.26 11.76 0.30
N ASP B 43 -30.15 12.47 -0.37
CA ASP B 43 -30.32 12.28 -1.80
C ASP B 43 -29.27 13.03 -2.61
N PHE B 44 -28.43 13.82 -1.94
CA PHE B 44 -27.42 14.66 -2.61
C PHE B 44 -26.06 13.98 -2.52
N SER B 45 -25.62 13.43 -3.66
CA SER B 45 -24.34 12.74 -3.78
C SER B 45 -23.17 13.74 -3.73
N HIS B 46 -21.96 13.19 -3.62
CA HIS B 46 -20.78 14.00 -3.92
C HIS B 46 -20.70 14.31 -5.42
N ASP B 47 -21.27 13.44 -6.25
CA ASP B 47 -21.38 13.73 -7.68
C ASP B 47 -22.35 14.88 -7.92
N ASP B 48 -23.49 14.88 -7.22
CA ASP B 48 -24.45 15.98 -7.35
C ASP B 48 -23.80 17.31 -7.01
N PHE B 49 -23.00 17.35 -5.95
CA PHE B 49 -22.30 18.57 -5.60
C PHE B 49 -21.32 18.97 -6.70
N ALA B 50 -20.65 17.98 -7.31
CA ALA B 50 -19.71 18.26 -8.39
C ALA B 50 -20.43 18.88 -9.59
N HIS B 51 -21.63 18.39 -9.91
CA HIS B 51 -22.38 18.95 -11.03
C HIS B 51 -22.83 20.38 -10.77
N THR B 52 -22.91 20.78 -9.50
CA THR B 52 -23.35 22.13 -9.15
C THR B 52 -22.29 23.18 -9.51
N LEU B 53 -21.03 22.79 -9.57
CA LEU B 53 -19.93 23.74 -9.69
C LEU B 53 -19.44 23.89 -11.12
N GLY B 54 -18.94 25.07 -11.43
CA GLY B 54 -18.37 25.36 -12.73
C GLY B 54 -19.12 26.40 -13.54
N GLY B 55 -20.38 26.65 -13.22
CA GLY B 55 -21.20 27.58 -13.99
C GLY B 55 -21.74 28.74 -13.18
N MET B 56 -22.94 29.20 -13.53
CA MET B 56 -23.58 30.34 -12.89
C MET B 56 -24.53 29.87 -11.80
N HIS B 57 -24.59 30.64 -10.71
CA HIS B 57 -25.53 30.40 -9.63
C HIS B 57 -26.47 31.58 -9.49
N VAL B 58 -27.77 31.29 -9.41
CA VAL B 58 -28.79 32.26 -9.06
C VAL B 58 -29.15 32.02 -7.61
N MET B 59 -28.94 33.03 -6.77
CA MET B 59 -29.18 32.90 -5.35
C MET B 59 -30.10 33.96 -4.78
N ALA B 60 -30.88 33.54 -3.80
CA ALA B 60 -31.84 34.42 -3.13
C ALA B 60 -31.39 34.66 -1.70
N PHE B 61 -31.46 35.92 -1.28
CA PHE B 61 -30.95 36.33 0.03
C PHE B 61 -32.03 37.08 0.79
N ASP B 62 -32.26 36.69 2.04
CA ASP B 62 -33.07 37.45 2.98
C ASP B 62 -32.10 38.19 3.90
N GLN B 63 -31.79 39.43 3.54
CA GLN B 63 -30.96 40.33 4.34
C GLN B 63 -29.71 39.63 4.88
N GLN B 64 -28.88 39.16 3.94
CA GLN B 64 -27.55 38.58 4.12
C GLN B 64 -27.51 37.08 4.32
N LYS B 65 -28.63 36.37 4.38
CA LYS B 65 -28.54 34.93 4.58
C LYS B 65 -29.32 34.18 3.50
N LEU B 66 -28.66 33.19 2.93
CA LEU B 66 -29.08 32.55 1.69
C LEU B 66 -30.31 31.68 1.90
N VAL B 67 -31.32 31.89 1.06
CA VAL B 67 -32.59 31.19 1.17
C VAL B 67 -32.95 30.39 -0.07
N GLY B 68 -32.29 30.64 -1.19
CA GLY B 68 -32.65 29.97 -2.44
C GLY B 68 -31.45 29.88 -3.35
N HIS B 69 -31.44 28.85 -4.19
CA HIS B 69 -30.33 28.66 -5.10
C HIS B 69 -30.74 27.78 -6.27
N VAL B 70 -30.26 28.14 -7.46
CA VAL B 70 -30.31 27.29 -8.64
C VAL B 70 -29.05 27.55 -9.43
N ALA B 71 -28.53 26.51 -10.08
CA ALA B 71 -27.28 26.60 -10.82
C ALA B 71 -27.50 26.27 -12.29
N ILE B 72 -26.72 26.93 -13.15
CA ILE B 72 -26.77 26.75 -14.59
C ILE B 72 -25.35 26.43 -15.05
N ILE B 73 -25.16 25.22 -15.57
CA ILE B 73 -23.84 24.77 -16.00
C ILE B 73 -23.88 24.51 -17.50
N GLN B 74 -22.73 24.77 -18.15
CA GLN B 74 -22.63 24.55 -19.59
CA GLN B 74 -22.62 24.56 -19.59
C GLN B 74 -22.31 23.09 -19.87
N ARG B 75 -23.13 22.46 -20.70
CA ARG B 75 -22.88 21.09 -21.14
C ARG B 75 -22.92 21.05 -22.66
N HIS B 76 -22.13 20.14 -23.22
CA HIS B 76 -22.00 20.00 -24.66
C HIS B 76 -22.58 18.65 -25.04
N MET B 77 -23.72 18.69 -25.73
CA MET B 77 -24.43 17.48 -26.13
C MET B 77 -24.57 17.45 -27.64
N ALA B 78 -25.19 16.38 -28.13
CA ALA B 78 -25.53 16.24 -29.55
C ALA B 78 -27.04 16.10 -29.67
N LEU B 79 -27.64 16.94 -30.50
CA LEU B 79 -29.06 16.85 -30.82
C LEU B 79 -29.16 16.32 -32.25
N ASP B 80 -29.34 15.00 -32.39
CA ASP B 80 -29.50 14.36 -33.68
C ASP B 80 -28.31 14.66 -34.60
N ASN B 81 -27.13 14.24 -34.12
CA ASN B 81 -25.82 14.36 -34.80
C ASN B 81 -25.42 15.82 -35.07
N THR B 82 -26.03 16.78 -34.38
CA THR B 82 -25.64 18.18 -34.47
C THR B 82 -25.23 18.68 -33.09
N PRO B 83 -24.11 19.38 -32.97
CA PRO B 83 -23.70 19.88 -31.65
C PRO B 83 -24.68 20.93 -31.14
N ILE B 84 -24.93 20.89 -29.82
CA ILE B 84 -25.86 21.81 -29.19
C ILE B 84 -25.27 22.26 -27.86
N SER B 85 -25.25 23.58 -27.65
CA SER B 85 -24.73 24.17 -26.42
C SER B 85 -25.87 24.29 -25.42
N VAL B 86 -25.76 23.57 -24.30
CA VAL B 86 -26.86 23.41 -23.35
C VAL B 86 -26.52 24.10 -22.05
N GLY B 87 -27.47 24.88 -21.53
CA GLY B 87 -27.42 25.33 -20.16
C GLY B 87 -28.19 24.37 -19.28
N TYR B 88 -27.49 23.56 -18.50
CA TYR B 88 -28.11 22.50 -17.72
C TYR B 88 -28.34 22.98 -16.30
N VAL B 89 -29.55 22.77 -15.80
CA VAL B 89 -30.00 23.32 -14.53
C VAL B 89 -29.82 22.28 -13.44
N GLU B 90 -29.17 22.67 -12.35
CA GLU B 90 -28.84 21.74 -11.27
C GLU B 90 -29.11 22.39 -9.92
N ALA B 91 -29.64 21.58 -8.99
CA ALA B 91 -29.64 21.88 -7.55
C ALA B 91 -30.54 23.05 -7.17
N MET B 92 -31.80 23.00 -7.60
CA MET B 92 -32.81 23.96 -7.10
C MET B 92 -33.16 23.59 -5.68
N VAL B 93 -33.11 24.54 -4.82
CA VAL B 93 -33.48 24.30 -3.45
C VAL B 93 -33.91 25.62 -2.84
N VAL B 94 -34.95 25.55 -2.02
CA VAL B 94 -35.36 26.69 -1.24
C VAL B 94 -35.55 26.20 0.18
N GLU B 95 -35.03 26.96 1.14
CA GLU B 95 -35.25 26.69 2.55
C GLU B 95 -36.73 26.54 2.85
N GLN B 96 -37.06 25.56 3.71
CA GLN B 96 -38.47 25.20 3.94
C GLN B 96 -39.30 26.41 4.38
N SER B 97 -38.83 27.15 5.37
CA SER B 97 -39.64 28.27 5.86
C SER B 97 -39.83 29.35 4.80
N TYR B 98 -39.07 29.32 3.71
CA TYR B 98 -39.13 30.33 2.67
C TYR B 98 -39.74 29.81 1.37
N ARG B 99 -40.34 28.62 1.38
CA ARG B 99 -40.82 27.99 0.14
C ARG B 99 -42.13 28.55 -0.35
N ARG B 100 -42.80 29.37 0.45
CA ARG B 100 -44.15 29.81 0.14
C ARG B 100 -44.19 31.29 -0.22
N GLN B 101 -43.26 31.75 -1.07
CA GLN B 101 -43.20 33.18 -1.35
C GLN B 101 -42.78 33.48 -2.79
N GLY B 102 -42.93 32.53 -3.71
CA GLY B 102 -42.54 32.76 -5.09
C GLY B 102 -41.05 32.85 -5.34
N ILE B 103 -40.22 32.50 -4.37
CA ILE B 103 -38.77 32.58 -4.57
C ILE B 103 -38.32 31.63 -5.68
N GLY B 104 -38.94 30.45 -5.74
CA GLY B 104 -38.60 29.50 -6.79
C GLY B 104 -38.86 30.06 -8.18
N ARG B 105 -39.99 30.73 -8.37
CA ARG B 105 -40.30 31.29 -9.68
C ARG B 105 -39.33 32.39 -10.07
N GLN B 106 -38.96 33.25 -9.12
CA GLN B 106 -37.95 34.27 -9.37
C GLN B 106 -36.61 33.62 -9.73
N LEU B 107 -36.30 32.48 -9.10
CA LEU B 107 -35.05 31.78 -9.39
C LEU B 107 -35.00 31.32 -10.84
N MET B 108 -36.10 30.72 -11.31
CA MET B 108 -36.13 30.19 -12.67
C MET B 108 -36.17 31.30 -13.72
N LEU B 109 -36.70 32.48 -13.37
CA LEU B 109 -36.78 33.53 -14.37
C LEU B 109 -35.41 34.16 -14.60
N GLN B 110 -34.59 34.29 -13.55
CA GLN B 110 -33.20 34.64 -13.81
C GLN B 110 -32.48 33.51 -14.54
N THR B 111 -32.82 32.26 -14.23
CA THR B 111 -32.26 31.13 -14.95
C THR B 111 -32.60 31.19 -16.44
N ASN B 112 -33.85 31.49 -16.76
CA ASN B 112 -34.27 31.59 -18.15
C ASN B 112 -33.48 32.66 -18.90
N LYS B 113 -33.23 33.79 -18.25
CA LYS B 113 -32.45 34.86 -18.88
C LYS B 113 -31.04 34.38 -19.19
N ILE B 114 -30.37 33.77 -18.22
CA ILE B 114 -28.99 33.32 -18.41
C ILE B 114 -28.92 32.32 -19.56
N ILE B 115 -29.84 31.35 -19.57
CA ILE B 115 -29.88 30.37 -20.66
C ILE B 115 -30.07 31.08 -21.99
N ALA B 116 -30.97 32.07 -22.03
CA ALA B 116 -31.32 32.74 -23.27
C ALA B 116 -30.15 33.51 -23.85
N SER B 117 -29.31 34.09 -23.00
CA SER B 117 -28.21 34.91 -23.47
C SER B 117 -26.93 34.13 -23.70
N CYS B 118 -26.94 32.80 -23.49
CA CYS B 118 -25.68 32.07 -23.57
C CYS B 118 -25.75 30.78 -24.37
N TYR B 119 -26.87 30.05 -24.29
CA TYR B 119 -26.93 28.69 -24.82
C TYR B 119 -28.14 28.52 -25.72
N GLN B 120 -28.05 27.50 -26.58
CA GLN B 120 -29.12 27.22 -27.52
C GLN B 120 -30.31 26.54 -26.85
N LEU B 121 -30.07 25.81 -25.76
CA LEU B 121 -31.14 25.03 -25.14
C LEU B 121 -30.87 24.86 -23.65
N GLY B 122 -31.93 25.01 -22.85
CA GLY B 122 -31.88 24.70 -21.43
C GLY B 122 -32.47 23.33 -21.19
N LEU B 123 -31.80 22.56 -20.33
CA LEU B 123 -32.22 21.21 -19.97
C LEU B 123 -32.18 21.04 -18.47
N LEU B 124 -33.03 20.16 -17.96
CA LEU B 124 -33.02 19.83 -16.54
C LEU B 124 -33.72 18.49 -16.32
N SER B 125 -33.49 17.91 -15.15
CA SER B 125 -34.10 16.64 -14.76
C SER B 125 -35.00 16.92 -13.55
N ALA B 126 -36.30 16.97 -13.79
CA ALA B 126 -37.27 17.30 -12.77
C ALA B 126 -37.16 16.35 -11.58
N SER B 127 -37.62 16.80 -10.44
CA SER B 127 -37.67 16.01 -9.22
C SER B 127 -39.14 15.77 -8.83
N ASP B 128 -39.33 15.04 -7.73
CA ASP B 128 -40.68 14.76 -7.25
C ASP B 128 -41.42 16.04 -6.91
N ASP B 129 -40.74 16.98 -6.24
CA ASP B 129 -41.41 18.16 -5.73
C ASP B 129 -41.90 19.06 -6.86
N GLY B 130 -41.11 19.21 -7.91
CA GLY B 130 -41.44 20.17 -8.92
C GLY B 130 -41.29 19.74 -10.37
N GLN B 131 -42.40 19.39 -11.00
CA GLN B 131 -42.55 19.47 -12.44
C GLN B 131 -43.64 20.47 -12.80
N LYS B 132 -44.19 21.16 -11.79
CA LYS B 132 -45.16 22.22 -11.91
C LYS B 132 -44.50 23.59 -12.05
N LEU B 133 -43.56 23.90 -11.15
CA LEU B 133 -42.91 25.20 -11.17
C LEU B 133 -42.16 25.43 -12.48
N TYR B 134 -41.45 24.42 -12.97
CA TYR B 134 -40.73 24.57 -14.23
C TYR B 134 -41.70 24.75 -15.39
N HIS B 135 -42.82 24.04 -15.37
CA HIS B 135 -43.81 24.19 -16.43
C HIS B 135 -44.43 25.58 -16.42
N SER B 136 -44.61 26.17 -15.23
CA SER B 136 -45.24 27.48 -15.11
C SER B 136 -44.41 28.61 -15.69
N VAL B 137 -43.18 28.36 -16.12
CA VAL B 137 -42.36 29.40 -16.73
C VAL B 137 -41.83 28.92 -18.08
N GLY B 138 -42.48 27.92 -18.67
CA GLY B 138 -42.29 27.59 -20.06
C GLY B 138 -41.54 26.29 -20.34
N TRP B 139 -41.10 25.57 -19.31
CA TRP B 139 -40.42 24.30 -19.55
C TRP B 139 -41.45 23.22 -19.86
N GLN B 140 -41.11 22.35 -20.81
CA GLN B 140 -41.99 21.26 -21.20
C GLN B 140 -41.17 19.99 -21.36
N ILE B 141 -41.84 18.85 -21.08
CA ILE B 141 -41.20 17.53 -21.08
C ILE B 141 -40.48 17.30 -22.40
N TRP B 142 -39.24 16.80 -22.32
CA TRP B 142 -38.53 16.38 -23.52
C TRP B 142 -39.08 15.03 -23.98
N LYS B 143 -39.37 14.92 -25.27
CA LYS B 143 -40.08 13.76 -25.80
C LYS B 143 -39.20 12.78 -26.56
N GLY B 144 -38.05 13.21 -27.07
CA GLY B 144 -37.18 12.31 -27.79
C GLY B 144 -36.49 11.31 -26.87
N LYS B 145 -35.64 10.49 -27.47
CA LYS B 145 -34.85 9.53 -26.70
C LYS B 145 -33.60 10.20 -26.14
N LEU B 146 -33.17 9.71 -24.98
CA LEU B 146 -32.02 10.29 -24.27
C LEU B 146 -30.92 9.25 -24.14
N PHE B 147 -29.69 9.66 -24.45
CA PHE B 147 -28.54 8.77 -24.45
C PHE B 147 -27.44 9.35 -23.57
N GLU B 148 -26.62 8.46 -23.02
CA GLU B 148 -25.52 8.85 -22.15
C GLU B 148 -24.32 7.97 -22.42
N LEU B 149 -23.13 8.53 -22.19
CA LEU B 149 -21.89 7.79 -22.38
C LEU B 149 -21.69 6.81 -21.24
N LYS B 150 -21.45 5.55 -21.57
CA LYS B 150 -21.15 4.52 -20.57
C LYS B 150 -19.99 3.68 -21.09
N GLN B 151 -18.79 3.94 -20.54
CA GLN B 151 -17.57 3.24 -20.93
C GLN B 151 -17.35 3.34 -22.44
N GLY B 152 -17.32 4.57 -22.94
CA GLY B 152 -16.99 4.85 -24.32
C GLY B 152 -18.13 4.85 -25.31
N SER B 153 -19.10 3.95 -25.15
CA SER B 153 -20.23 3.84 -26.06
C SER B 153 -21.47 4.47 -25.44
N TYR B 154 -22.47 4.71 -26.27
CA TYR B 154 -23.68 5.42 -25.88
C TYR B 154 -24.78 4.42 -25.55
N ILE B 155 -25.22 4.41 -24.29
CA ILE B 155 -26.37 3.67 -23.84
C ILE B 155 -27.55 4.63 -23.77
N ARG B 156 -28.76 4.11 -23.95
CA ARG B 156 -29.95 4.94 -23.84
C ARG B 156 -30.42 4.99 -22.40
N SER B 157 -30.75 6.20 -21.94
CA SER B 157 -31.19 6.44 -20.57
C SER B 157 -32.71 6.37 -20.52
N ILE B 158 -33.23 5.13 -20.45
CA ILE B 158 -34.67 4.94 -20.42
C ILE B 158 -35.26 5.46 -19.12
N GLU B 159 -34.52 5.30 -18.00
CA GLU B 159 -35.00 5.68 -16.68
C GLU B 159 -35.10 7.19 -16.49
N GLU B 160 -34.69 7.98 -17.48
CA GLU B 160 -34.74 9.42 -17.38
C GLU B 160 -35.72 10.08 -18.34
N GLU B 161 -36.08 9.39 -19.43
CA GLU B 161 -37.08 9.92 -20.35
C GLU B 161 -38.40 10.10 -19.62
N GLY B 162 -39.03 11.26 -19.81
CA GLY B 162 -40.17 11.66 -19.01
C GLY B 162 -39.82 12.48 -17.79
N GLY B 163 -38.56 12.43 -17.35
CA GLY B 163 -38.13 13.22 -16.22
C GLY B 163 -37.33 14.45 -16.62
N VAL B 164 -36.87 14.49 -17.87
CA VAL B 164 -36.07 15.58 -18.38
C VAL B 164 -36.98 16.56 -19.11
N MET B 165 -36.79 17.86 -18.86
CA MET B 165 -37.55 18.89 -19.53
C MET B 165 -36.61 19.92 -20.13
N GLY B 166 -37.07 20.57 -21.19
CA GLY B 166 -36.29 21.54 -21.92
C GLY B 166 -36.92 22.92 -21.92
N TRP B 167 -36.17 23.88 -22.44
CA TRP B 167 -36.64 25.27 -22.54
C TRP B 167 -35.88 25.94 -23.66
N LYS B 168 -36.63 26.47 -24.63
CA LYS B 168 -36.07 27.09 -25.82
C LYS B 168 -35.88 28.57 -25.57
N ALA B 169 -34.83 29.13 -26.17
CA ALA B 169 -34.58 30.55 -26.04
C ALA B 169 -34.28 31.09 -27.42
N ASP B 170 -35.28 31.69 -28.03
CA ASP B 170 -35.05 32.47 -29.25
C ASP B 170 -34.68 31.56 -30.42
N GLY B 171 -35.04 30.27 -30.38
CA GLY B 171 -34.77 29.32 -31.47
C GLY B 171 -35.89 28.37 -31.71
N GLU B 172 -35.63 27.13 -32.11
CA GLU B 172 -36.64 26.12 -32.36
C GLU B 172 -35.90 24.78 -32.36
N VAL B 173 -36.21 23.90 -31.42
CA VAL B 173 -35.51 22.65 -31.32
C VAL B 173 -36.56 21.55 -31.29
N ASP B 174 -36.34 20.56 -32.11
CA ASP B 174 -37.22 19.41 -32.19
C ASP B 174 -37.18 18.63 -30.89
N PHE B 175 -38.17 18.85 -30.02
CA PHE B 175 -38.24 18.15 -28.74
C PHE B 175 -38.52 16.65 -28.90
N THR B 176 -38.58 16.15 -30.15
CA THR B 176 -38.70 14.72 -30.47
C THR B 176 -37.36 14.10 -30.83
N ALA B 177 -36.31 14.90 -30.98
CA ALA B 177 -35.03 14.40 -31.43
C ALA B 177 -34.28 13.71 -30.30
N SER B 178 -33.23 12.98 -30.66
CA SER B 178 -32.40 12.32 -29.67
C SER B 178 -31.34 13.27 -29.13
N LEU B 179 -31.09 13.19 -27.83
CA LEU B 179 -30.08 13.99 -27.16
C LEU B 179 -29.01 13.07 -26.58
N TYR B 180 -27.74 13.39 -26.87
CA TYR B 180 -26.59 12.62 -26.39
C TYR B 180 -25.79 13.51 -25.46
N CYS B 181 -25.86 13.24 -24.16
CA CYS B 181 -25.26 14.13 -23.18
C CYS B 181 -23.77 13.85 -23.03
N ASP B 182 -23.08 14.83 -22.45
CA ASP B 182 -21.67 14.67 -22.11
C ASP B 182 -21.53 13.79 -20.87
N PHE B 183 -20.29 13.47 -20.52
CA PHE B 183 -19.96 12.48 -19.52
C PHE B 183 -19.69 13.15 -18.17
N ARG B 184 -20.20 12.55 -17.11
CA ARG B 184 -19.99 13.05 -15.75
C ARG B 184 -20.05 11.88 -14.77
N GLY B 185 -19.79 12.17 -13.50
CA GLY B 185 -19.97 11.16 -12.48
C GLY B 185 -21.41 11.08 -12.00
N GLY B 186 -21.76 9.92 -11.47
CA GLY B 186 -23.08 9.78 -10.85
C GLY B 186 -24.17 9.70 -11.91
N ASP B 187 -25.23 10.45 -11.71
CA ASP B 187 -26.34 10.44 -12.66
C ASP B 187 -26.02 11.39 -13.80
N GLN B 188 -25.91 10.84 -15.01
CA GLN B 188 -25.58 11.63 -16.19
C GLN B 188 -26.64 12.69 -16.48
N TRP B 189 -27.86 12.51 -16.00
CA TRP B 189 -28.92 13.48 -16.21
C TRP B 189 -29.33 14.11 -14.90
N ARG C 5 14.84 -31.83 0.28
CA ARG C 5 15.43 -32.98 -0.38
C ARG C 5 15.77 -34.08 0.62
N GLY C 6 15.54 -33.80 1.91
CA GLY C 6 15.70 -34.81 2.93
C GLY C 6 14.47 -35.69 3.07
N SER C 7 14.11 -36.01 4.32
CA SER C 7 12.93 -36.84 4.57
C SER C 7 11.69 -36.19 3.97
N HIS C 8 10.78 -37.04 3.47
CA HIS C 8 9.47 -36.54 3.07
C HIS C 8 8.49 -37.69 2.95
N MET C 9 7.26 -37.44 3.41
CA MET C 9 6.15 -38.39 3.39
C MET C 9 4.88 -37.66 2.92
N GLY C 10 3.91 -38.41 2.39
CA GLY C 10 2.69 -37.82 1.90
C GLY C 10 1.53 -38.43 2.67
N SER C 11 0.57 -37.59 3.04
CA SER C 11 -0.68 -38.12 3.59
C SER C 11 -1.81 -37.17 3.21
N MET C 12 -2.86 -37.74 2.63
CA MET C 12 -4.07 -36.99 2.27
C MET C 12 -3.75 -35.85 1.30
N GLY C 13 -2.85 -36.11 0.35
CA GLY C 13 -2.52 -35.12 -0.66
C GLY C 13 -1.57 -34.03 -0.21
N ILE C 14 -1.16 -34.02 1.06
CA ILE C 14 -0.19 -33.06 1.58
C ILE C 14 1.15 -33.76 1.67
N GLU C 15 2.21 -33.09 1.20
CA GLU C 15 3.56 -33.61 1.30
C GLU C 15 4.30 -32.86 2.39
N TYR C 16 4.97 -33.61 3.26
CA TYR C 16 5.71 -33.05 4.38
C TYR C 16 7.20 -33.16 4.10
N ARG C 17 7.92 -32.06 4.27
CA ARG C 17 9.35 -32.03 4.01
C ARG C 17 10.09 -31.59 5.26
N SER C 18 11.10 -32.36 5.67
CA SER C 18 11.92 -32.04 6.83
C SER C 18 13.21 -31.40 6.32
N LEU C 19 13.38 -30.13 6.61
CA LEU C 19 14.47 -29.34 6.05
C LEU C 19 15.09 -28.47 7.14
N HIS C 20 16.41 -28.49 7.23
CA HIS C 20 17.13 -27.51 8.03
C HIS C 20 17.05 -26.15 7.35
N THR C 21 17.21 -25.09 8.15
CA THR C 21 17.13 -23.74 7.60
C THR C 21 18.11 -23.56 6.46
N SER C 22 19.31 -24.13 6.58
CA SER C 22 20.34 -23.94 5.56
C SER C 22 20.01 -24.62 4.25
N GLN C 23 19.05 -25.55 4.23
CA GLN C 23 18.66 -26.22 3.00
C GLN C 23 17.37 -25.67 2.41
N LEU C 24 16.77 -24.66 3.03
CA LEU C 24 15.58 -24.05 2.46
C LEU C 24 15.97 -23.19 1.25
N THR C 25 15.12 -23.21 0.23
CA THR C 25 15.27 -22.29 -0.88
C THR C 25 14.77 -20.91 -0.47
N LEU C 26 15.21 -19.90 -1.23
CA LEU C 26 14.76 -18.53 -0.96
C LEU C 26 13.25 -18.43 -1.05
N SER C 27 12.66 -19.01 -2.10
CA SER C 27 11.21 -19.00 -2.24
C SER C 27 10.54 -19.62 -1.01
N GLU C 28 11.09 -20.71 -0.49
CA GLU C 28 10.49 -21.36 0.67
C GLU C 28 10.61 -20.47 1.91
N LYS C 29 11.74 -19.77 2.07
CA LYS C 29 11.93 -18.91 3.23
C LYS C 29 10.94 -17.76 3.22
N GLU C 30 10.64 -17.22 2.03
CA GLU C 30 9.67 -16.14 1.96
C GLU C 30 8.25 -16.65 2.09
N ALA C 31 7.97 -17.85 1.55
CA ALA C 31 6.68 -18.47 1.82
C ALA C 31 6.51 -18.75 3.31
N LEU C 32 7.60 -19.17 3.98
CA LEU C 32 7.55 -19.40 5.41
C LEU C 32 7.25 -18.10 6.16
N TYR C 33 7.94 -17.03 5.80
CA TYR C 33 7.69 -15.73 6.44
C TYR C 33 6.25 -15.30 6.28
N ASP C 34 5.69 -15.46 5.08
CA ASP C 34 4.29 -15.07 4.85
C ASP C 34 3.35 -15.92 5.69
N LEU C 35 3.57 -17.25 5.70
CA LEU C 35 2.71 -18.14 6.47
C LEU C 35 2.79 -17.81 7.96
N LEU C 36 3.98 -17.44 8.46
CA LEU C 36 4.11 -17.10 9.87
C LEU C 36 3.33 -15.84 10.21
N ILE C 37 3.35 -14.84 9.32
CA ILE C 37 2.64 -13.60 9.60
C ILE C 37 1.14 -13.83 9.56
N GLU C 38 0.65 -14.49 8.52
CA GLU C 38 -0.79 -14.72 8.40
C GLU C 38 -1.31 -15.67 9.47
N GLY C 39 -0.56 -16.74 9.74
CA GLY C 39 -1.03 -17.73 10.69
C GLY C 39 -1.12 -17.20 12.10
N PHE C 40 -0.19 -16.33 12.49
CA PHE C 40 -0.20 -15.74 13.82
C PHE C 40 -0.86 -14.38 13.86
N GLU C 41 -1.49 -13.95 12.77
CA GLU C 41 -2.32 -12.74 12.79
C GLU C 41 -1.52 -11.51 13.21
N GLY C 42 -0.32 -11.37 12.66
CA GLY C 42 0.55 -10.27 13.05
C GLY C 42 1.11 -10.35 14.46
N ASP C 43 0.71 -11.33 15.25
CA ASP C 43 1.24 -11.53 16.61
C ASP C 43 2.55 -12.33 16.61
N PHE C 44 3.45 -12.05 15.67
CA PHE C 44 4.72 -12.76 15.57
C PHE C 44 5.83 -11.70 15.55
N SER C 45 6.57 -11.61 16.65
CA SER C 45 7.58 -10.58 16.81
C SER C 45 8.85 -10.95 16.05
N HIS C 46 9.85 -10.07 16.11
CA HIS C 46 11.11 -10.38 15.44
C HIS C 46 11.94 -11.36 16.26
N ASP C 47 11.89 -11.24 17.59
CA ASP C 47 12.41 -12.31 18.44
C ASP C 47 11.73 -13.64 18.15
N ASP C 48 10.52 -13.61 17.59
CA ASP C 48 9.79 -14.83 17.28
C ASP C 48 10.31 -15.46 15.99
N PHE C 49 10.54 -14.65 14.96
CA PHE C 49 11.11 -15.20 13.72
C PHE C 49 12.55 -15.64 13.94
N ALA C 50 13.30 -14.88 14.74
CA ALA C 50 14.68 -15.23 15.04
C ALA C 50 14.77 -16.60 15.70
N HIS C 51 13.82 -16.91 16.59
CA HIS C 51 13.83 -18.19 17.28
C HIS C 51 13.68 -19.37 16.33
N THR C 52 13.21 -19.15 15.10
CA THR C 52 12.88 -20.26 14.21
C THR C 52 14.03 -20.68 13.30
N LEU C 53 14.98 -19.79 13.05
CA LEU C 53 16.08 -20.12 12.15
C LEU C 53 17.21 -20.81 12.92
N GLY C 54 18.00 -21.60 12.18
CA GLY C 54 19.13 -22.30 12.75
C GLY C 54 18.84 -23.73 13.14
N GLY C 55 17.57 -24.15 13.12
CA GLY C 55 17.21 -25.52 13.41
C GLY C 55 16.50 -26.20 12.26
N MET C 56 15.75 -27.25 12.55
CA MET C 56 15.01 -27.98 11.54
C MET C 56 13.63 -27.37 11.35
N HIS C 57 13.06 -27.59 10.16
CA HIS C 57 11.70 -27.24 9.85
C HIS C 57 10.99 -28.44 9.24
N VAL C 58 9.76 -28.68 9.68
CA VAL C 58 8.83 -29.53 8.97
C VAL C 58 7.86 -28.63 8.23
N MET C 59 7.80 -28.78 6.91
CA MET C 59 6.98 -27.93 6.06
C MET C 59 5.95 -28.78 5.31
N ALA C 60 4.70 -28.36 5.37
CA ALA C 60 3.60 -29.06 4.70
C ALA C 60 3.21 -28.30 3.44
N PHE C 61 3.09 -29.03 2.34
CA PHE C 61 2.80 -28.47 1.03
C PHE C 61 1.53 -29.09 0.45
N ASP C 62 0.71 -28.25 -0.16
CA ASP C 62 -0.30 -28.71 -1.11
C ASP C 62 0.09 -28.18 -2.48
N GLN C 63 0.64 -29.07 -3.31
CA GLN C 63 0.89 -28.78 -4.72
C GLN C 63 1.57 -27.43 -4.93
N GLN C 64 2.75 -27.29 -4.34
CA GLN C 64 3.66 -26.13 -4.43
C GLN C 64 3.29 -24.98 -3.51
N LYS C 65 2.21 -25.07 -2.74
CA LYS C 65 1.83 -24.01 -1.80
C LYS C 65 2.08 -24.50 -0.37
N LEU C 66 2.94 -23.79 0.35
CA LEU C 66 3.17 -24.07 1.77
C LEU C 66 1.88 -23.86 2.56
N VAL C 67 1.51 -24.86 3.37
CA VAL C 67 0.26 -24.76 4.12
C VAL C 67 0.47 -25.05 5.61
N GLY C 68 1.68 -25.45 5.99
CA GLY C 68 1.94 -25.79 7.38
C GLY C 68 3.41 -25.75 7.71
N HIS C 69 3.72 -25.46 8.97
CA HIS C 69 5.11 -25.38 9.40
C HIS C 69 5.22 -25.62 10.89
N VAL C 70 6.35 -26.21 11.28
CA VAL C 70 6.78 -26.29 12.66
C VAL C 70 8.30 -26.39 12.66
N ALA C 71 8.93 -25.83 13.70
CA ALA C 71 10.38 -25.79 13.77
C ALA C 71 10.89 -26.50 15.02
N ILE C 72 12.11 -27.01 14.95
CA ILE C 72 12.73 -27.73 16.06
C ILE C 72 14.11 -27.13 16.27
N ILE C 73 14.30 -26.48 17.42
CA ILE C 73 15.54 -25.78 17.74
C ILE C 73 16.38 -26.65 18.65
N GLN C 74 17.68 -26.72 18.35
CA GLN C 74 18.60 -27.37 19.27
C GLN C 74 18.87 -26.47 20.46
N ARG C 75 18.74 -27.02 21.66
CA ARG C 75 19.03 -26.30 22.90
C ARG C 75 19.69 -27.24 23.89
N HIS C 76 20.57 -26.68 24.71
CA HIS C 76 21.35 -27.44 25.67
C HIS C 76 21.00 -26.96 27.07
N MET C 77 20.40 -27.84 27.86
CA MET C 77 19.91 -27.50 29.18
C MET C 77 20.51 -28.44 30.21
N ALA C 78 20.06 -28.29 31.45
CA ALA C 78 20.41 -29.22 32.52
C ALA C 78 19.13 -29.75 33.15
N LEU C 79 19.16 -31.04 33.47
CA LEU C 79 18.07 -31.71 34.18
C LEU C 79 18.61 -32.09 35.55
N ASP C 80 18.42 -31.21 36.53
CA ASP C 80 18.85 -31.44 37.90
C ASP C 80 20.36 -31.72 37.97
N ASN C 81 21.15 -30.84 37.36
CA ASN C 81 22.62 -30.82 37.32
C ASN C 81 23.21 -31.80 36.30
N THR C 82 22.40 -32.58 35.59
CA THR C 82 22.86 -33.44 34.51
C THR C 82 22.56 -32.80 33.16
N PRO C 83 23.47 -32.81 32.19
CA PRO C 83 23.22 -32.12 30.92
C PRO C 83 22.28 -32.90 30.02
N ILE C 84 21.51 -32.15 29.24
CA ILE C 84 20.43 -32.69 28.43
C ILE C 84 20.45 -32.00 27.09
N SER C 85 20.32 -32.76 26.01
CA SER C 85 20.10 -32.13 24.71
C SER C 85 18.60 -32.07 24.43
N VAL C 86 18.16 -30.93 23.95
CA VAL C 86 16.75 -30.59 23.88
C VAL C 86 16.39 -30.25 22.44
N GLY C 87 15.33 -30.89 21.95
CA GLY C 87 14.65 -30.42 20.76
C GLY C 87 13.48 -29.56 21.15
N TYR C 88 13.56 -28.26 20.92
CA TYR C 88 12.54 -27.32 21.35
C TYR C 88 11.66 -26.96 20.16
N VAL C 89 10.36 -27.27 20.28
CA VAL C 89 9.40 -27.11 19.20
C VAL C 89 8.84 -25.70 19.22
N GLU C 90 8.83 -25.05 18.06
CA GLU C 90 8.39 -23.65 18.01
C GLU C 90 7.73 -23.35 16.68
N ALA C 91 6.90 -22.31 16.70
CA ALA C 91 6.34 -21.69 15.49
C ALA C 91 5.49 -22.66 14.68
N MET C 92 4.61 -23.38 15.38
CA MET C 92 3.68 -24.28 14.71
C MET C 92 2.53 -23.46 14.12
N VAL C 93 2.27 -23.65 12.82
CA VAL C 93 1.25 -22.85 12.16
C VAL C 93 0.74 -23.63 10.95
N VAL C 94 -0.58 -23.59 10.76
CA VAL C 94 -1.24 -24.12 9.57
C VAL C 94 -2.04 -22.99 8.95
N GLU C 95 -1.88 -22.80 7.63
CA GLU C 95 -2.65 -21.76 6.96
C GLU C 95 -4.14 -22.00 7.17
N GLN C 96 -4.86 -20.91 7.43
CA GLN C 96 -6.17 -21.01 8.08
C GLN C 96 -7.17 -21.81 7.26
N SER C 97 -7.09 -21.78 5.93
CA SER C 97 -8.05 -22.56 5.17
C SER C 97 -7.75 -24.05 5.20
N TYR C 98 -6.57 -24.47 5.66
CA TYR C 98 -6.21 -25.88 5.72
C TYR C 98 -6.28 -26.45 7.13
N ARG C 99 -6.92 -25.76 8.06
CA ARG C 99 -6.89 -26.23 9.44
C ARG C 99 -7.97 -27.26 9.69
N ARG C 100 -7.76 -28.04 10.75
CA ARG C 100 -8.60 -29.16 11.19
C ARG C 100 -8.63 -30.30 10.17
N GLN C 101 -7.60 -30.39 9.34
CA GLN C 101 -7.46 -31.48 8.39
C GLN C 101 -6.32 -32.43 8.75
N GLY C 102 -5.86 -32.40 10.00
CA GLY C 102 -4.84 -33.32 10.46
C GLY C 102 -3.43 -32.92 10.13
N ILE C 103 -3.22 -31.75 9.54
CA ILE C 103 -1.86 -31.34 9.16
C ILE C 103 -1.01 -31.11 10.39
N GLY C 104 -1.57 -30.44 11.40
CA GLY C 104 -0.82 -30.19 12.62
C GLY C 104 -0.38 -31.48 13.28
N ARG C 105 -1.24 -32.50 13.27
CA ARG C 105 -0.90 -33.79 13.86
C ARG C 105 0.30 -34.41 13.16
N GLN C 106 0.27 -34.43 11.82
CA GLN C 106 1.36 -35.02 11.07
C GLN C 106 2.62 -34.16 11.12
N LEU C 107 2.47 -32.84 11.24
CA LEU C 107 3.63 -32.00 11.49
C LEU C 107 4.32 -32.41 12.79
N MET C 108 3.54 -32.73 13.83
CA MET C 108 4.12 -33.11 15.11
C MET C 108 4.71 -34.53 15.04
N LEU C 109 4.06 -35.44 14.31
CA LEU C 109 4.58 -36.79 14.22
C LEU C 109 5.92 -36.84 13.50
N GLN C 110 6.12 -35.98 12.50
CA GLN C 110 7.44 -35.86 11.89
C GLN C 110 8.42 -35.17 12.84
N THR C 111 7.90 -34.26 13.68
CA THR C 111 8.75 -33.61 14.68
C THR C 111 9.27 -34.62 15.69
N ASN C 112 8.39 -35.50 16.20
CA ASN C 112 8.83 -36.56 17.11
C ASN C 112 9.94 -37.39 16.49
N LYS C 113 9.81 -37.72 15.19
CA LYS C 113 10.86 -38.46 14.50
C LYS C 113 12.18 -37.71 14.55
N ILE C 114 12.13 -36.39 14.38
CA ILE C 114 13.35 -35.59 14.42
C ILE C 114 13.97 -35.63 15.81
N ILE C 115 13.14 -35.44 16.84
CA ILE C 115 13.64 -35.45 18.21
C ILE C 115 14.20 -36.81 18.58
N ALA C 116 13.49 -37.88 18.20
CA ALA C 116 13.89 -39.22 18.62
C ALA C 116 15.26 -39.62 18.08
N SER C 117 15.68 -39.04 16.95
CA SER C 117 16.95 -39.40 16.33
C SER C 117 18.07 -38.41 16.63
N CYS C 118 17.79 -37.32 17.33
CA CYS C 118 18.79 -36.29 17.57
C CYS C 118 19.01 -36.02 19.05
N TYR C 119 17.95 -35.80 19.81
CA TYR C 119 18.05 -35.23 21.14
C TYR C 119 17.50 -36.20 22.18
N GLN C 120 17.76 -35.88 23.45
CA GLN C 120 17.33 -36.72 24.55
C GLN C 120 15.93 -36.38 25.03
N LEU C 121 15.43 -35.19 24.71
CA LEU C 121 14.11 -34.79 25.17
C LEU C 121 13.62 -33.63 24.31
N GLY C 122 12.35 -33.66 23.94
CA GLY C 122 11.70 -32.56 23.26
C GLY C 122 10.85 -31.76 24.23
N LEU C 123 10.82 -30.45 24.05
CA LEU C 123 10.00 -29.60 24.91
C LEU C 123 9.45 -28.43 24.12
N LEU C 124 8.36 -27.88 24.64
CA LEU C 124 7.63 -26.78 24.01
C LEU C 124 6.80 -26.11 25.08
N SER C 125 6.21 -24.96 24.72
CA SER C 125 5.27 -24.26 25.59
C SER C 125 4.00 -23.99 24.80
N ALA C 126 2.85 -24.31 25.40
CA ALA C 126 1.57 -24.15 24.73
C ALA C 126 0.53 -23.65 25.72
N SER C 127 -0.46 -22.94 25.20
CA SER C 127 -1.60 -22.53 26.02
C SER C 127 -2.43 -23.73 26.41
N ASP C 128 -3.31 -23.54 27.40
CA ASP C 128 -4.14 -24.64 27.88
C ASP C 128 -4.97 -25.24 26.75
N ASP C 129 -5.51 -24.39 25.88
CA ASP C 129 -6.27 -24.89 24.74
C ASP C 129 -5.37 -25.62 23.75
N GLY C 130 -4.23 -25.02 23.42
CA GLY C 130 -3.32 -25.61 22.45
C GLY C 130 -2.60 -26.85 22.92
N GLN C 131 -2.72 -27.21 24.21
CA GLN C 131 -2.00 -28.35 24.74
C GLN C 131 -2.57 -29.68 24.25
N LYS C 132 -3.79 -29.70 23.74
CA LYS C 132 -4.42 -30.97 23.42
C LYS C 132 -3.80 -31.60 22.18
N LEU C 133 -3.46 -30.80 21.17
CA LEU C 133 -2.81 -31.36 19.98
C LEU C 133 -1.53 -32.10 20.37
N TYR C 134 -0.70 -31.50 21.22
CA TYR C 134 0.54 -32.14 21.63
C TYR C 134 0.29 -33.33 22.55
N HIS C 135 -0.74 -33.24 23.40
CA HIS C 135 -1.11 -34.41 24.19
C HIS C 135 -1.55 -35.55 23.29
N SER C 136 -2.24 -35.24 22.19
CA SER C 136 -2.73 -36.27 21.28
C SER C 136 -1.61 -36.93 20.49
N VAL C 137 -0.39 -36.40 20.55
CA VAL C 137 0.74 -37.07 19.93
C VAL C 137 1.81 -37.45 20.96
N GLY C 138 1.43 -37.60 22.22
CA GLY C 138 2.27 -38.20 23.22
C GLY C 138 2.88 -37.28 24.25
N TRP C 139 2.78 -35.96 24.06
CA TRP C 139 3.43 -35.01 24.98
C TRP C 139 2.62 -34.87 26.26
N GLN C 140 3.31 -34.69 27.38
CA GLN C 140 2.67 -34.53 28.67
C GLN C 140 3.26 -33.32 29.40
N ILE C 141 2.42 -32.69 30.21
CA ILE C 141 2.81 -31.49 30.94
C ILE C 141 4.03 -31.78 31.81
N TRP C 142 4.97 -30.84 31.85
CA TRP C 142 6.15 -30.99 32.68
C TRP C 142 5.83 -30.57 34.11
N LYS C 143 5.94 -31.51 35.04
CA LYS C 143 5.56 -31.27 36.42
C LYS C 143 6.67 -30.67 37.27
N GLY C 144 7.94 -30.88 36.90
CA GLY C 144 9.07 -30.37 37.66
C GLY C 144 9.16 -28.85 37.60
N LYS C 145 10.24 -28.31 38.16
CA LYS C 145 10.39 -26.87 38.25
C LYS C 145 11.30 -26.33 37.16
N LEU C 146 10.92 -25.18 36.61
CA LEU C 146 11.57 -24.55 35.47
C LEU C 146 12.44 -23.39 35.93
N PHE C 147 13.61 -23.27 35.30
CA PHE C 147 14.55 -22.20 35.59
C PHE C 147 15.08 -21.63 34.29
N GLU C 148 15.34 -20.32 34.29
CA GLU C 148 15.96 -19.62 33.17
C GLU C 148 17.03 -18.68 33.73
N LEU C 149 18.13 -18.53 33.00
CA LEU C 149 19.23 -17.73 33.48
C LEU C 149 18.91 -16.26 33.27
N LYS C 150 18.73 -15.52 34.36
CA LYS C 150 18.53 -14.07 34.32
C LYS C 150 19.87 -13.38 34.46
N GLN C 151 20.44 -12.94 33.35
CA GLN C 151 21.62 -12.09 33.38
C GLN C 151 22.66 -12.69 34.32
N GLY C 152 22.94 -13.97 34.11
CA GLY C 152 23.98 -14.65 34.84
C GLY C 152 23.57 -15.30 36.14
N SER C 153 22.28 -15.43 36.43
CA SER C 153 21.88 -16.32 37.53
C SER C 153 20.45 -16.72 37.19
N TYR C 154 20.11 -17.93 37.63
CA TYR C 154 18.85 -18.60 37.36
C TYR C 154 17.59 -18.14 38.09
N ILE C 155 16.78 -17.35 37.40
CA ILE C 155 15.45 -16.99 37.92
C ILE C 155 14.70 -18.29 38.09
N ARG C 156 13.47 -18.22 38.58
CA ARG C 156 12.50 -19.28 38.44
C ARG C 156 11.30 -18.80 37.63
N SER C 157 10.93 -19.56 36.62
CA SER C 157 9.88 -19.21 35.67
C SER C 157 8.54 -19.69 36.22
N ILE C 158 7.97 -18.89 37.14
CA ILE C 158 6.68 -19.21 37.70
C ILE C 158 5.60 -19.21 36.61
N GLU C 159 5.56 -18.15 35.81
CA GLU C 159 4.52 -17.95 34.81
C GLU C 159 4.52 -19.00 33.70
N GLU C 160 5.45 -19.95 33.71
CA GLU C 160 5.57 -20.91 32.61
C GLU C 160 5.23 -22.34 32.99
N GLU C 161 5.26 -22.70 34.27
CA GLU C 161 5.13 -24.10 34.65
C GLU C 161 3.67 -24.52 34.63
N GLY C 162 3.41 -25.64 33.96
CA GLY C 162 2.08 -25.98 33.53
C GLY C 162 1.80 -25.59 32.09
N GLY C 163 2.66 -24.78 31.49
CA GLY C 163 2.51 -24.41 30.10
C GLY C 163 3.49 -25.13 29.21
N VAL C 164 4.55 -25.66 29.81
CA VAL C 164 5.63 -26.32 29.07
C VAL C 164 5.37 -27.81 29.08
N MET C 165 5.51 -28.45 27.93
CA MET C 165 5.31 -29.88 27.85
C MET C 165 6.51 -30.55 27.19
N GLY C 166 6.70 -31.83 27.54
CA GLY C 166 7.84 -32.58 27.09
C GLY C 166 7.42 -33.86 26.40
N TRP C 167 8.38 -34.43 25.67
CA TRP C 167 8.16 -35.74 25.07
C TRP C 167 9.48 -36.47 25.03
N LYS C 168 9.49 -37.67 25.59
CA LYS C 168 10.71 -38.42 25.79
C LYS C 168 10.94 -39.38 24.63
N ALA C 169 12.16 -39.38 24.11
CA ALA C 169 12.54 -40.24 23.00
C ALA C 169 12.93 -41.64 23.51
N ASP C 170 11.98 -42.28 24.18
CA ASP C 170 12.23 -43.60 24.75
C ASP C 170 13.50 -43.58 25.61
N GLY C 171 13.85 -42.43 26.15
CA GLY C 171 14.95 -42.25 27.08
C GLY C 171 14.52 -41.78 28.47
N GLU C 172 14.87 -42.50 29.52
CA GLU C 172 14.31 -42.21 30.84
C GLU C 172 14.60 -40.79 31.29
N VAL C 173 13.55 -40.09 31.70
CA VAL C 173 13.59 -38.74 32.26
C VAL C 173 12.39 -38.57 33.17
N ASP C 174 12.63 -38.21 34.41
CA ASP C 174 11.53 -37.92 35.31
C ASP C 174 11.04 -36.49 35.10
N PHE C 175 9.76 -36.35 34.74
CA PHE C 175 9.14 -35.04 34.53
C PHE C 175 8.93 -34.25 35.83
N THR C 176 9.22 -34.83 37.00
CA THR C 176 9.27 -34.11 38.26
C THR C 176 10.54 -33.31 38.44
N ALA C 177 11.60 -33.65 37.73
CA ALA C 177 12.88 -33.03 37.98
C ALA C 177 12.88 -31.59 37.47
N SER C 178 13.87 -30.81 37.90
CA SER C 178 13.94 -29.43 37.47
C SER C 178 14.72 -29.29 36.19
N LEU C 179 14.39 -28.25 35.44
CA LEU C 179 14.96 -28.00 34.12
C LEU C 179 15.62 -26.63 34.12
N TYR C 180 16.89 -26.60 33.73
CA TYR C 180 17.68 -25.39 33.67
C TYR C 180 17.89 -25.06 32.20
N CYS C 181 17.08 -24.13 31.68
CA CYS C 181 17.11 -23.82 30.26
C CYS C 181 18.30 -22.93 29.90
N ASP C 182 18.69 -22.98 28.63
CA ASP C 182 19.76 -22.10 28.18
C ASP C 182 19.21 -20.74 27.79
N PHE C 183 20.10 -19.77 27.67
CA PHE C 183 19.71 -18.37 27.54
C PHE C 183 19.47 -18.00 26.08
N ARG C 184 18.42 -17.21 25.86
CA ARG C 184 18.08 -16.76 24.52
C ARG C 184 17.30 -15.45 24.61
N GLY C 185 17.07 -14.85 23.45
CA GLY C 185 16.31 -13.62 23.38
C GLY C 185 14.82 -13.84 23.51
N GLY C 186 14.11 -12.78 23.88
CA GLY C 186 12.68 -12.86 24.07
C GLY C 186 12.33 -13.78 25.22
N ASP C 187 11.20 -14.47 25.08
CA ASP C 187 10.76 -15.41 26.10
C ASP C 187 11.68 -16.62 26.14
N GLN C 188 12.15 -16.95 27.34
CA GLN C 188 13.03 -18.11 27.51
C GLN C 188 12.31 -19.43 27.24
N TRP C 189 10.98 -19.44 27.31
CA TRP C 189 10.22 -20.65 27.06
C TRP C 189 9.17 -20.40 25.98
N GLY D 13 35.13 -36.47 -8.24
CA GLY D 13 36.36 -36.40 -7.46
C GLY D 13 36.10 -36.56 -5.98
N ILE D 14 36.04 -35.43 -5.27
CA ILE D 14 35.64 -35.38 -3.87
C ILE D 14 34.30 -34.65 -3.83
N GLU D 15 33.24 -35.35 -3.44
CA GLU D 15 31.91 -34.78 -3.38
C GLU D 15 31.57 -34.37 -1.95
N TYR D 16 30.76 -33.32 -1.84
CA TYR D 16 30.42 -32.73 -0.55
C TYR D 16 28.91 -32.79 -0.34
N ARG D 17 28.52 -33.16 0.88
CA ARG D 17 27.12 -33.27 1.24
C ARG D 17 26.88 -32.56 2.57
N SER D 18 25.79 -31.81 2.65
CA SER D 18 25.39 -31.10 3.86
C SER D 18 24.15 -31.79 4.40
N LEU D 19 24.29 -32.43 5.55
CA LEU D 19 23.22 -33.24 6.12
C LEU D 19 23.04 -32.92 7.60
N HIS D 20 21.79 -32.90 8.03
CA HIS D 20 21.46 -32.79 9.44
C HIS D 20 21.58 -34.17 10.08
N THR D 21 21.88 -34.18 11.39
CA THR D 21 21.98 -35.44 12.12
C THR D 21 20.73 -36.28 11.93
N SER D 22 19.56 -35.65 11.90
CA SER D 22 18.32 -36.41 11.76
C SER D 22 18.19 -37.06 10.39
N GLN D 23 19.03 -36.72 9.42
CA GLN D 23 19.00 -37.36 8.11
C GLN D 23 20.11 -38.40 7.94
N LEU D 24 20.89 -38.67 8.98
CA LEU D 24 21.99 -39.62 8.89
C LEU D 24 21.52 -41.03 9.22
N THR D 25 22.13 -42.01 8.55
CA THR D 25 21.86 -43.41 8.82
C THR D 25 22.72 -43.90 9.99
N LEU D 26 22.24 -44.97 10.64
CA LEU D 26 23.08 -45.68 11.60
C LEU D 26 24.38 -46.12 10.96
N SER D 27 24.33 -46.48 9.68
CA SER D 27 25.54 -46.76 8.90
C SER D 27 26.49 -45.57 8.90
N GLU D 28 26.01 -44.43 8.41
CA GLU D 28 26.84 -43.23 8.28
C GLU D 28 27.24 -42.65 9.63
N LYS D 29 26.51 -42.98 10.69
CA LYS D 29 26.86 -42.46 12.01
C LYS D 29 28.12 -43.13 12.54
N GLU D 30 28.15 -44.47 12.55
CA GLU D 30 29.34 -45.17 13.00
C GLU D 30 30.50 -44.99 12.02
N ALA D 31 30.20 -44.89 10.73
CA ALA D 31 31.24 -44.52 9.76
C ALA D 31 31.83 -43.16 10.09
N LEU D 32 31.01 -42.24 10.61
CA LEU D 32 31.52 -40.96 11.07
C LEU D 32 32.30 -41.12 12.36
N TYR D 33 31.82 -41.97 13.27
CA TYR D 33 32.50 -42.15 14.55
C TYR D 33 33.88 -42.76 14.36
N ASP D 34 33.98 -43.80 13.53
CA ASP D 34 35.27 -44.44 13.29
C ASP D 34 36.26 -43.47 12.64
N LEU D 35 35.77 -42.57 11.80
CA LEU D 35 36.68 -41.57 11.21
C LEU D 35 37.13 -40.55 12.25
N LEU D 36 36.27 -40.22 13.21
CA LEU D 36 36.63 -39.23 14.22
C LEU D 36 37.65 -39.79 15.21
N ILE D 37 37.59 -41.08 15.50
CA ILE D 37 38.58 -41.69 16.39
C ILE D 37 39.93 -41.75 15.70
N GLU D 38 39.94 -42.22 14.45
CA GLU D 38 41.20 -42.30 13.71
C GLU D 38 41.79 -40.93 13.44
N GLY D 39 40.94 -39.91 13.30
CA GLY D 39 41.41 -38.59 12.91
C GLY D 39 42.06 -37.81 14.03
N PHE D 40 41.66 -38.07 15.27
CA PHE D 40 42.28 -37.45 16.44
C PHE D 40 43.21 -38.39 17.18
N GLU D 41 43.48 -39.57 16.62
CA GLU D 41 44.36 -40.58 17.22
C GLU D 41 43.85 -40.98 18.61
N GLY D 42 42.72 -41.69 18.60
CA GLY D 42 42.18 -42.28 19.81
C GLY D 42 41.79 -41.34 20.93
N ASP D 43 42.12 -40.05 20.78
CA ASP D 43 41.74 -39.02 21.75
C ASP D 43 40.47 -38.35 21.23
N PHE D 44 39.33 -38.97 21.53
CA PHE D 44 38.03 -38.44 21.12
C PHE D 44 36.99 -39.13 22.00
N SER D 45 36.70 -38.52 23.16
CA SER D 45 35.82 -39.13 24.14
C SER D 45 34.40 -39.23 23.63
N HIS D 46 33.61 -40.09 24.28
CA HIS D 46 32.21 -40.26 23.90
C HIS D 46 31.43 -38.96 24.08
N ASP D 47 31.87 -38.11 25.00
CA ASP D 47 31.23 -36.80 25.16
C ASP D 47 31.53 -35.90 23.97
N ASP D 48 32.77 -35.96 23.46
CA ASP D 48 33.11 -35.20 22.25
C ASP D 48 32.24 -35.60 21.08
N PHE D 49 31.91 -36.90 20.99
CA PHE D 49 31.04 -37.37 19.93
C PHE D 49 29.61 -36.89 20.12
N ALA D 50 29.19 -36.70 21.38
CA ALA D 50 27.86 -36.15 21.63
C ALA D 50 27.77 -34.69 21.24
N HIS D 51 28.89 -33.96 21.28
CA HIS D 51 28.90 -32.56 20.89
C HIS D 51 28.72 -32.37 19.40
N THR D 52 28.92 -33.40 18.60
CA THR D 52 28.82 -33.29 17.15
C THR D 52 27.45 -33.63 16.61
N LEU D 53 26.53 -34.10 17.47
CA LEU D 53 25.21 -34.52 17.05
C LEU D 53 24.17 -33.46 17.41
N GLY D 54 23.18 -33.31 16.54
CA GLY D 54 22.08 -32.38 16.75
C GLY D 54 22.00 -31.26 15.74
N GLY D 55 23.07 -31.00 14.99
CA GLY D 55 23.07 -29.93 14.01
C GLY D 55 23.39 -30.43 12.61
N MET D 56 24.19 -29.66 11.87
CA MET D 56 24.48 -29.97 10.48
C MET D 56 25.89 -30.53 10.33
N HIS D 57 26.05 -31.39 9.33
CA HIS D 57 27.34 -31.99 9.00
C HIS D 57 27.71 -31.67 7.57
N VAL D 58 28.90 -31.10 7.37
CA VAL D 58 29.52 -30.95 6.07
C VAL D 58 30.49 -32.11 5.90
N MET D 59 30.22 -32.99 4.95
CA MET D 59 30.98 -34.24 4.84
C MET D 59 31.57 -34.38 3.44
N ALA D 60 32.83 -34.81 3.39
CA ALA D 60 33.58 -34.99 2.16
C ALA D 60 33.74 -36.48 1.89
N PHE D 61 33.38 -36.91 0.68
CA PHE D 61 33.44 -38.32 0.29
C PHE D 61 34.38 -38.50 -0.89
N ASP D 62 35.12 -39.60 -0.88
CA ASP D 62 35.90 -40.04 -2.04
C ASP D 62 35.19 -41.29 -2.56
N GLN D 63 34.20 -41.07 -3.44
CA GLN D 63 33.38 -42.11 -4.07
C GLN D 63 32.87 -43.13 -3.05
N GLN D 64 31.99 -42.63 -2.19
CA GLN D 64 31.20 -43.37 -1.19
C GLN D 64 31.98 -43.71 0.08
N LYS D 65 33.21 -43.24 0.23
CA LYS D 65 33.96 -43.36 1.48
C LYS D 65 34.15 -41.98 2.10
N LEU D 66 33.73 -41.83 3.35
CA LEU D 66 33.90 -40.58 4.06
C LEU D 66 35.37 -40.31 4.32
N VAL D 67 35.86 -39.13 3.94
CA VAL D 67 37.27 -38.79 4.17
C VAL D 67 37.42 -37.39 4.77
N GLY D 68 36.30 -36.76 5.12
CA GLY D 68 36.35 -35.44 5.74
C GLY D 68 35.02 -35.00 6.32
N HIS D 69 35.06 -34.32 7.47
CA HIS D 69 33.84 -33.97 8.18
C HIS D 69 34.02 -32.65 8.92
N VAL D 70 32.93 -31.91 9.07
CA VAL D 70 32.85 -30.80 10.00
C VAL D 70 31.38 -30.60 10.37
N ALA D 71 31.15 -30.32 11.66
CA ALA D 71 29.80 -30.21 12.20
C ALA D 71 29.55 -28.80 12.70
N ILE D 72 28.36 -28.28 12.42
CA ILE D 72 27.93 -26.99 12.93
C ILE D 72 26.77 -27.25 13.87
N ILE D 73 27.02 -27.04 15.16
CA ILE D 73 26.02 -27.22 16.21
C ILE D 73 25.51 -25.84 16.61
N GLN D 74 24.20 -25.73 16.84
CA GLN D 74 23.63 -24.50 17.36
C GLN D 74 23.82 -24.43 18.86
N ARG D 75 24.43 -23.34 19.33
CA ARG D 75 24.59 -23.07 20.75
C ARG D 75 23.89 -21.75 21.07
N HIS D 76 23.43 -21.63 22.32
CA HIS D 76 22.76 -20.42 22.79
C HIS D 76 23.61 -19.80 23.89
N MET D 77 24.18 -18.62 23.60
CA MET D 77 25.19 -18.00 24.42
C MET D 77 24.81 -16.57 24.76
N ALA D 78 25.57 -15.98 25.68
CA ALA D 78 25.43 -14.59 26.05
C ALA D 78 26.72 -13.87 25.70
N LEU D 79 26.62 -12.83 24.88
CA LEU D 79 27.75 -11.96 24.58
C LEU D 79 27.61 -10.72 25.46
N ASP D 80 28.26 -10.76 26.62
CA ASP D 80 28.25 -9.64 27.56
C ASP D 80 26.81 -9.23 27.89
N ASN D 81 26.07 -10.21 28.42
CA ASN D 81 24.66 -10.22 28.80
C ASN D 81 23.68 -9.93 27.65
N THR D 82 24.14 -9.98 26.37
CA THR D 82 23.18 -10.02 25.27
C THR D 82 23.07 -11.43 24.70
N PRO D 83 21.87 -11.95 24.43
CA PRO D 83 21.78 -13.27 23.80
C PRO D 83 22.33 -13.26 22.38
N ILE D 84 23.10 -14.29 22.06
CA ILE D 84 23.69 -14.43 20.74
C ILE D 84 23.53 -15.86 20.27
N SER D 85 23.12 -16.03 19.00
CA SER D 85 22.95 -17.33 18.38
C SER D 85 24.27 -17.75 17.76
N VAL D 86 24.80 -18.90 18.18
CA VAL D 86 26.15 -19.32 17.82
C VAL D 86 26.09 -20.60 17.00
N GLY D 87 26.76 -20.58 15.86
CA GLY D 87 27.12 -21.82 15.19
C GLY D 87 28.47 -22.28 15.68
N TYR D 88 28.49 -23.31 16.52
CA TYR D 88 29.75 -23.77 17.11
C TYR D 88 30.27 -24.97 16.31
N VAL D 89 31.48 -24.86 15.83
CA VAL D 89 32.09 -25.83 14.92
C VAL D 89 32.71 -26.94 15.74
N GLU D 90 32.48 -28.18 15.34
CA GLU D 90 32.89 -29.34 16.10
C GLU D 90 33.51 -30.39 15.18
N ALA D 91 34.48 -31.12 15.73
CA ALA D 91 35.01 -32.34 15.12
C ALA D 91 35.48 -32.09 13.68
N MET D 92 36.15 -30.97 13.45
CA MET D 92 36.82 -30.76 12.17
C MET D 92 37.95 -31.78 12.04
N VAL D 93 38.00 -32.45 10.89
CA VAL D 93 38.83 -33.65 10.75
C VAL D 93 38.93 -34.02 9.28
N VAL D 94 40.10 -34.47 8.85
CA VAL D 94 40.30 -34.99 7.50
C VAL D 94 41.26 -36.17 7.58
N GLU D 95 40.87 -37.30 6.99
CA GLU D 95 41.79 -38.43 6.88
C GLU D 95 43.06 -37.98 6.17
N GLN D 96 44.19 -38.16 6.85
CA GLN D 96 45.50 -37.59 6.49
C GLN D 96 46.01 -38.00 5.12
N SER D 97 45.49 -39.08 4.53
CA SER D 97 45.76 -39.39 3.14
C SER D 97 45.26 -38.27 2.26
N TYR D 98 44.18 -37.60 2.68
CA TYR D 98 43.54 -36.58 1.89
C TYR D 98 43.78 -35.19 2.44
N ARG D 99 44.57 -35.06 3.50
CA ARG D 99 45.11 -33.75 3.82
C ARG D 99 45.95 -33.25 2.64
N ARG D 100 46.30 -31.96 2.69
CA ARG D 100 47.20 -31.31 1.74
C ARG D 100 46.58 -31.21 0.33
N GLN D 101 45.24 -31.09 0.25
CA GLN D 101 44.64 -30.89 -1.06
C GLN D 101 43.38 -30.01 -1.04
N GLY D 102 43.19 -29.19 -0.01
CA GLY D 102 42.14 -28.19 -0.02
C GLY D 102 40.79 -28.65 0.50
N ILE D 103 40.66 -29.90 0.94
CA ILE D 103 39.37 -30.37 1.45
C ILE D 103 38.94 -29.55 2.67
N GLY D 104 39.89 -29.26 3.57
CA GLY D 104 39.54 -28.50 4.76
C GLY D 104 38.98 -27.14 4.46
N ARG D 105 39.54 -26.46 3.45
CA ARG D 105 39.03 -25.15 3.07
C ARG D 105 37.61 -25.25 2.53
N GLN D 106 37.34 -26.24 1.68
CA GLN D 106 35.99 -26.40 1.16
C GLN D 106 35.00 -26.72 2.29
N LEU D 107 35.42 -27.56 3.25
CA LEU D 107 34.59 -27.81 4.42
C LEU D 107 34.25 -26.50 5.14
N MET D 108 35.26 -25.64 5.32
CA MET D 108 35.03 -24.40 6.06
C MET D 108 34.27 -23.36 5.23
N LEU D 109 34.48 -23.33 3.92
CA LEU D 109 33.66 -22.46 3.08
C LEU D 109 32.18 -22.81 3.20
N GLN D 110 31.86 -24.11 3.15
CA GLN D 110 30.49 -24.54 3.38
C GLN D 110 30.03 -24.20 4.79
N THR D 111 30.91 -24.40 5.78
CA THR D 111 30.60 -24.03 7.15
C THR D 111 30.26 -22.54 7.25
N ASN D 112 31.04 -21.70 6.56
CA ASN D 112 30.76 -20.27 6.57
C ASN D 112 29.39 -19.97 5.98
N LYS D 113 29.06 -20.59 4.84
CA LYS D 113 27.76 -20.35 4.22
C LYS D 113 26.62 -20.78 5.13
N ILE D 114 26.81 -21.88 5.87
CA ILE D 114 25.78 -22.35 6.80
C ILE D 114 25.68 -21.41 8.00
N ILE D 115 26.84 -21.05 8.58
CA ILE D 115 26.86 -20.13 9.72
C ILE D 115 26.25 -18.79 9.33
N ALA D 116 26.43 -18.37 8.07
CA ALA D 116 25.92 -17.09 7.63
C ALA D 116 24.40 -17.11 7.42
N SER D 117 23.83 -18.26 7.10
CA SER D 117 22.40 -18.34 6.83
C SER D 117 21.55 -18.52 8.09
N CYS D 118 22.13 -19.01 9.18
CA CYS D 118 21.31 -19.50 10.28
C CYS D 118 21.64 -18.86 11.62
N TYR D 119 22.89 -18.42 11.82
CA TYR D 119 23.36 -18.00 13.13
C TYR D 119 23.95 -16.60 13.06
N GLN D 120 24.23 -16.04 14.23
CA GLN D 120 24.77 -14.69 14.34
C GLN D 120 26.29 -14.65 14.45
N LEU D 121 26.92 -15.76 14.83
CA LEU D 121 28.36 -15.77 15.05
C LEU D 121 28.86 -17.21 15.10
N GLY D 122 30.01 -17.44 14.47
CA GLY D 122 30.67 -18.73 14.57
C GLY D 122 31.67 -18.76 15.72
N LEU D 123 31.89 -19.95 16.27
CA LEU D 123 32.85 -20.13 17.35
C LEU D 123 33.38 -21.55 17.30
N LEU D 124 34.65 -21.70 17.73
CA LEU D 124 35.24 -23.03 17.82
C LEU D 124 36.47 -22.97 18.71
N SER D 125 36.81 -24.10 19.31
CA SER D 125 38.04 -24.29 20.07
C SER D 125 38.96 -25.16 19.22
N ALA D 126 39.98 -24.54 18.65
CA ALA D 126 40.89 -25.23 17.75
C ALA D 126 42.10 -25.77 18.49
N SER D 127 42.70 -26.80 17.91
CA SER D 127 44.07 -27.15 18.26
C SER D 127 45.00 -26.21 17.50
N ASP D 128 46.24 -26.10 18.01
CA ASP D 128 47.22 -25.25 17.33
C ASP D 128 47.55 -25.78 15.93
N ASP D 129 47.22 -27.05 15.65
CA ASP D 129 47.42 -27.58 14.30
C ASP D 129 46.50 -26.92 13.30
N GLY D 130 45.27 -26.59 13.72
CA GLY D 130 44.27 -26.07 12.82
C GLY D 130 44.10 -24.57 12.79
N GLN D 131 44.85 -23.83 13.62
CA GLN D 131 44.70 -22.38 13.67
C GLN D 131 44.93 -21.76 12.29
N LYS D 132 45.91 -22.26 11.55
CA LYS D 132 46.17 -21.73 10.21
C LYS D 132 44.96 -21.88 9.31
N LEU D 133 44.38 -23.09 9.27
CA LEU D 133 43.20 -23.36 8.47
C LEU D 133 42.11 -22.32 8.67
N TYR D 134 41.69 -22.13 9.92
CA TYR D 134 40.59 -21.24 10.21
C TYR D 134 40.95 -19.78 9.94
N HIS D 135 42.22 -19.41 10.14
CA HIS D 135 42.66 -18.07 9.79
C HIS D 135 42.52 -17.83 8.28
N SER D 136 42.74 -18.87 7.48
CA SER D 136 42.65 -18.75 6.03
C SER D 136 41.27 -18.28 5.58
N VAL D 137 40.22 -18.65 6.31
CA VAL D 137 38.85 -18.34 5.92
C VAL D 137 38.26 -17.23 6.78
N GLY D 138 39.07 -16.56 7.58
CA GLY D 138 38.65 -15.35 8.28
C GLY D 138 38.40 -15.47 9.76
N TRP D 139 38.74 -16.59 10.39
CA TRP D 139 38.48 -16.76 11.81
C TRP D 139 39.58 -16.10 12.64
N GLN D 140 39.18 -15.42 13.70
CA GLN D 140 40.10 -14.71 14.58
CA GLN D 140 40.10 -14.71 14.57
C GLN D 140 39.99 -15.24 16.00
N ILE D 141 41.11 -15.17 16.72
CA ILE D 141 41.11 -15.57 18.12
C ILE D 141 40.17 -14.67 18.90
N TRP D 142 39.41 -15.27 19.81
CA TRP D 142 38.55 -14.50 20.71
C TRP D 142 39.41 -13.93 21.84
N LYS D 143 39.40 -12.60 21.98
CA LYS D 143 40.26 -11.95 22.95
C LYS D 143 39.57 -11.71 24.29
N GLY D 144 38.26 -11.89 24.37
CA GLY D 144 37.55 -11.70 25.61
C GLY D 144 37.72 -12.86 26.57
N LYS D 145 37.04 -12.75 27.71
CA LYS D 145 37.05 -13.83 28.68
C LYS D 145 35.88 -14.78 28.44
N LEU D 146 36.13 -16.06 28.70
CA LEU D 146 35.17 -17.12 28.43
C LEU D 146 34.70 -17.72 29.75
N PHE D 147 33.39 -17.93 29.86
CA PHE D 147 32.77 -18.50 31.05
C PHE D 147 31.94 -19.72 30.66
N GLU D 148 31.73 -20.59 31.64
CA GLU D 148 30.97 -21.82 31.42
C GLU D 148 30.14 -22.08 32.67
N LEU D 149 28.82 -22.02 32.55
CA LEU D 149 27.97 -22.17 33.73
C LEU D 149 28.13 -23.60 34.24
N LYS D 150 28.86 -23.75 35.33
CA LYS D 150 29.15 -25.05 35.93
C LYS D 150 28.27 -25.22 37.16
N GLN D 151 27.41 -26.23 37.13
CA GLN D 151 26.45 -26.56 38.19
C GLN D 151 25.74 -25.32 38.74
N GLY D 152 25.23 -24.50 37.82
CA GLY D 152 24.33 -23.42 38.15
C GLY D 152 24.96 -22.05 38.16
N SER D 153 26.24 -21.95 38.46
CA SER D 153 26.95 -20.68 38.43
C SER D 153 28.02 -20.72 37.35
N TYR D 154 28.51 -19.53 36.99
CA TYR D 154 29.42 -19.36 35.87
C TYR D 154 30.86 -19.24 36.39
N ILE D 155 31.72 -20.19 35.99
CA ILE D 155 33.14 -20.11 36.28
C ILE D 155 33.87 -19.79 34.98
N ARG D 156 35.03 -19.15 35.12
CA ARG D 156 35.78 -18.65 33.97
C ARG D 156 36.73 -19.72 33.44
N SER D 157 36.76 -19.89 32.12
CA SER D 157 37.59 -20.90 31.46
C SER D 157 38.85 -20.24 30.93
N ILE D 158 39.79 -19.96 31.84
CA ILE D 158 41.08 -19.40 31.43
C ILE D 158 41.82 -20.34 30.49
N GLU D 159 41.65 -21.65 30.69
CA GLU D 159 42.41 -22.63 29.91
C GLU D 159 42.07 -22.53 28.43
N GLU D 160 40.81 -22.23 28.09
CA GLU D 160 40.39 -22.11 26.70
C GLU D 160 40.63 -20.72 26.12
N GLU D 161 40.97 -19.75 26.95
CA GLU D 161 41.24 -18.40 26.46
C GLU D 161 42.52 -18.39 25.64
N GLY D 162 42.42 -17.87 24.41
CA GLY D 162 43.48 -17.98 23.44
C GLY D 162 43.36 -19.15 22.50
N GLY D 163 42.50 -20.12 22.80
CA GLY D 163 42.33 -21.29 21.98
C GLY D 163 40.99 -21.32 21.27
N VAL D 164 40.11 -20.38 21.61
CA VAL D 164 38.79 -20.28 20.98
C VAL D 164 38.83 -19.18 19.93
N MET D 165 38.29 -19.49 18.75
CA MET D 165 38.23 -18.57 17.62
C MET D 165 36.78 -18.26 17.28
N GLY D 166 36.58 -17.15 16.57
CA GLY D 166 35.25 -16.76 16.15
C GLY D 166 35.22 -16.22 14.73
N TRP D 167 34.18 -16.59 13.99
CA TRP D 167 33.92 -16.06 12.67
C TRP D 167 32.71 -15.15 12.73
N LYS D 168 32.71 -14.07 11.97
CA LYS D 168 31.55 -13.20 11.94
C LYS D 168 31.14 -12.91 10.50
N ALA D 169 29.91 -13.28 10.17
CA ALA D 169 29.22 -12.81 8.98
C ALA D 169 28.05 -11.96 9.40
N ASP D 170 27.87 -10.84 8.71
CA ASP D 170 26.64 -10.08 8.68
C ASP D 170 26.41 -9.26 9.94
N GLY D 171 27.33 -9.27 10.90
CA GLY D 171 27.07 -8.53 12.11
C GLY D 171 28.04 -7.40 12.37
N GLU D 172 28.06 -6.99 13.63
CA GLU D 172 29.17 -6.31 14.28
C GLU D 172 29.34 -7.07 15.59
N VAL D 173 30.58 -7.39 15.97
CA VAL D 173 30.75 -8.11 17.23
C VAL D 173 32.08 -7.73 17.86
N ASP D 174 32.01 -7.27 19.10
CA ASP D 174 33.18 -6.95 19.90
C ASP D 174 33.87 -8.25 20.32
N PHE D 175 35.02 -8.54 19.70
CA PHE D 175 35.78 -9.75 20.01
C PHE D 175 36.47 -9.69 21.37
N THR D 176 36.29 -8.61 22.13
CA THR D 176 36.80 -8.51 23.48
C THR D 176 35.73 -8.75 24.53
N ALA D 177 34.46 -8.76 24.15
CA ALA D 177 33.37 -9.00 25.08
C ALA D 177 33.49 -10.40 25.69
N SER D 178 32.71 -10.64 26.74
CA SER D 178 32.72 -11.94 27.39
C SER D 178 31.73 -12.87 26.73
N LEU D 179 32.01 -14.17 26.82
CA LEU D 179 31.19 -15.22 26.25
C LEU D 179 30.71 -16.14 27.37
N TYR D 180 29.41 -16.39 27.41
CA TYR D 180 28.79 -17.27 28.40
C TYR D 180 28.15 -18.43 27.64
N CYS D 181 28.86 -19.55 27.56
CA CYS D 181 28.36 -20.69 26.82
C CYS D 181 27.33 -21.46 27.66
N ASP D 182 26.56 -22.30 26.97
CA ASP D 182 25.54 -23.11 27.62
C ASP D 182 26.11 -24.45 28.07
N PHE D 183 25.41 -25.08 29.01
CA PHE D 183 25.91 -26.28 29.67
C PHE D 183 25.95 -27.47 28.71
N ARG D 184 26.97 -28.32 28.87
CA ARG D 184 27.06 -29.55 28.10
C ARG D 184 28.07 -30.48 28.77
N GLY D 185 28.00 -31.77 28.41
CA GLY D 185 28.89 -32.75 28.99
C GLY D 185 30.30 -32.66 28.43
N GLY D 186 31.24 -33.23 29.19
CA GLY D 186 32.63 -33.13 28.79
C GLY D 186 33.14 -31.70 28.89
N ASP D 187 34.06 -31.36 28.01
CA ASP D 187 34.58 -29.98 27.98
C ASP D 187 33.51 -29.03 27.47
N GLN D 188 33.40 -27.87 28.13
CA GLN D 188 32.40 -26.89 27.75
C GLN D 188 32.75 -26.18 26.45
N TRP D 189 34.01 -26.26 26.01
CA TRP D 189 34.40 -25.67 24.74
C TRP D 189 35.04 -26.74 23.86
N GLY E 6 -11.97 -4.89 -3.58
CA GLY E 6 -12.77 -3.81 -3.01
C GLY E 6 -13.23 -2.76 -4.02
N SER E 7 -13.69 -1.62 -3.50
CA SER E 7 -14.24 -0.55 -4.32
C SER E 7 -13.61 0.77 -3.89
N HIS E 8 -13.62 1.76 -4.80
CA HIS E 8 -12.90 3.00 -4.53
C HIS E 8 -13.69 4.22 -5.02
N MET E 9 -13.39 5.36 -4.38
CA MET E 9 -13.95 6.65 -4.75
C MET E 9 -13.07 7.74 -4.14
N GLY E 10 -13.05 8.89 -4.80
CA GLY E 10 -12.34 10.07 -4.31
C GLY E 10 -13.29 11.26 -4.28
N SER E 11 -13.04 12.14 -3.30
CA SER E 11 -13.78 13.38 -3.14
C SER E 11 -13.01 14.27 -2.17
N MET E 12 -12.52 15.41 -2.65
CA MET E 12 -11.75 16.37 -1.85
C MET E 12 -10.42 15.76 -1.37
N GLY E 13 -9.80 14.94 -2.21
CA GLY E 13 -8.49 14.40 -1.90
C GLY E 13 -8.50 13.29 -0.87
N ILE E 14 -9.63 12.63 -0.66
CA ILE E 14 -9.75 11.56 0.32
C ILE E 14 -10.36 10.34 -0.37
N GLU E 15 -9.67 9.21 -0.32
CA GLU E 15 -10.08 8.01 -1.03
CA GLU E 15 -10.07 8.02 -1.03
C GLU E 15 -10.88 7.11 -0.09
N TYR E 16 -12.05 6.68 -0.57
CA TYR E 16 -12.96 5.85 0.22
C TYR E 16 -12.98 4.44 -0.36
N ARG E 17 -12.61 3.46 0.45
CA ARG E 17 -12.54 2.07 0.04
C ARG E 17 -13.64 1.28 0.75
N SER E 18 -14.43 0.54 -0.02
CA SER E 18 -15.45 -0.36 0.51
C SER E 18 -14.89 -1.77 0.46
N LEU E 19 -14.50 -2.29 1.63
CA LEU E 19 -13.82 -3.57 1.75
C LEU E 19 -14.55 -4.42 2.78
N HIS E 20 -14.67 -5.71 2.49
CA HIS E 20 -15.24 -6.67 3.42
C HIS E 20 -14.14 -7.10 4.40
N THR E 21 -14.51 -7.42 5.64
CA THR E 21 -13.55 -7.86 6.66
C THR E 21 -12.52 -8.83 6.10
N SER E 22 -12.94 -9.78 5.26
CA SER E 22 -12.05 -10.77 4.66
C SER E 22 -11.09 -10.17 3.63
N GLN E 23 -11.34 -8.94 3.18
CA GLN E 23 -10.49 -8.31 2.18
C GLN E 23 -9.47 -7.36 2.79
N LEU E 24 -9.55 -7.10 4.08
CA LEU E 24 -8.61 -6.17 4.70
C LEU E 24 -7.25 -6.83 4.87
N THR E 25 -6.21 -6.12 4.44
CA THR E 25 -4.85 -6.54 4.78
C THR E 25 -4.63 -6.40 6.28
N LEU E 26 -3.62 -7.11 6.78
CA LEU E 26 -3.31 -6.99 8.20
C LEU E 26 -2.94 -5.56 8.56
N SER E 27 -2.21 -4.88 7.68
CA SER E 27 -1.89 -3.47 7.91
C SER E 27 -3.15 -2.64 8.08
N GLU E 28 -4.16 -2.87 7.23
CA GLU E 28 -5.40 -2.11 7.34
C GLU E 28 -6.08 -2.37 8.68
N LYS E 29 -6.00 -3.61 9.18
CA LYS E 29 -6.71 -3.95 10.41
C LYS E 29 -6.04 -3.32 11.63
N GLU E 30 -4.70 -3.30 11.66
CA GLU E 30 -4.00 -2.65 12.76
C GLU E 30 -4.35 -1.17 12.82
N ALA E 31 -4.25 -0.49 11.69
CA ALA E 31 -4.58 0.94 11.63
C ALA E 31 -6.03 1.17 12.03
N LEU E 32 -6.94 0.27 11.65
CA LEU E 32 -8.34 0.40 12.04
C LEU E 32 -8.49 0.37 13.55
N TYR E 33 -7.84 -0.59 14.21
CA TYR E 33 -7.94 -0.67 15.67
C TYR E 33 -7.42 0.59 16.32
N ASP E 34 -6.28 1.11 15.84
CA ASP E 34 -5.74 2.35 16.40
C ASP E 34 -6.72 3.50 16.24
N LEU E 35 -7.36 3.61 15.07
CA LEU E 35 -8.28 4.70 14.85
C LEU E 35 -9.49 4.60 15.78
N LEU E 36 -9.94 3.39 16.06
CA LEU E 36 -11.12 3.22 16.91
C LEU E 36 -10.83 3.64 18.34
N ILE E 37 -9.68 3.23 18.89
CA ILE E 37 -9.33 3.62 20.25
C ILE E 37 -9.10 5.12 20.34
N GLU E 38 -8.42 5.69 19.34
CA GLU E 38 -8.09 7.11 19.39
C GLU E 38 -9.32 7.98 19.14
N GLY E 39 -10.15 7.59 18.16
CA GLY E 39 -11.31 8.40 17.82
C GLY E 39 -12.39 8.38 18.89
N PHE E 40 -12.48 7.29 19.65
CA PHE E 40 -13.51 7.13 20.67
C PHE E 40 -13.03 7.46 22.07
N GLU E 41 -11.80 7.93 22.23
CA GLU E 41 -11.27 8.35 23.52
C GLU E 41 -11.34 7.22 24.55
N GLY E 42 -10.67 6.11 24.21
CA GLY E 42 -10.61 4.98 25.12
C GLY E 42 -11.91 4.23 25.30
N ASP E 43 -13.03 4.94 25.30
CA ASP E 43 -14.34 4.32 25.49
C ASP E 43 -14.71 3.46 24.29
N PHE E 44 -13.95 2.40 24.04
CA PHE E 44 -14.25 1.41 22.99
C PHE E 44 -13.84 0.06 23.57
N SER E 45 -14.82 -0.69 24.05
CA SER E 45 -14.53 -1.98 24.66
C SER E 45 -14.23 -3.02 23.58
N HIS E 46 -13.53 -4.07 23.99
CA HIS E 46 -13.23 -5.16 23.07
C HIS E 46 -14.50 -5.88 22.62
N ASP E 47 -15.62 -5.68 23.33
CA ASP E 47 -16.90 -6.11 22.80
C ASP E 47 -17.31 -5.28 21.59
N ASP E 48 -17.07 -3.96 21.66
CA ASP E 48 -17.39 -3.10 20.52
C ASP E 48 -16.55 -3.45 19.31
N PHE E 49 -15.28 -3.84 19.52
CA PHE E 49 -14.44 -4.21 18.40
C PHE E 49 -14.94 -5.47 17.72
N ALA E 50 -15.49 -6.42 18.48
CA ALA E 50 -16.05 -7.63 17.89
C ALA E 50 -17.26 -7.32 17.02
N HIS E 51 -18.11 -6.38 17.47
CA HIS E 51 -19.25 -5.96 16.66
C HIS E 51 -18.84 -5.35 15.33
N THR E 52 -17.56 -5.06 15.14
CA THR E 52 -17.07 -4.48 13.90
C THR E 52 -16.73 -5.53 12.85
N LEU E 53 -16.33 -6.73 13.28
CA LEU E 53 -15.79 -7.73 12.36
C LEU E 53 -16.90 -8.61 11.81
N GLY E 54 -16.77 -8.95 10.53
CA GLY E 54 -17.67 -9.88 9.86
C GLY E 54 -18.43 -9.31 8.69
N GLY E 55 -18.58 -7.99 8.62
CA GLY E 55 -19.33 -7.40 7.52
C GLY E 55 -18.49 -6.51 6.64
N MET E 56 -19.11 -5.51 6.03
CA MET E 56 -18.42 -4.56 5.17
C MET E 56 -17.87 -3.41 6.00
N HIS E 57 -16.80 -2.80 5.50
CA HIS E 57 -16.28 -1.57 6.07
C HIS E 57 -16.04 -0.55 4.96
N VAL E 58 -16.46 0.69 5.20
CA VAL E 58 -16.04 1.82 4.39
C VAL E 58 -14.92 2.52 5.14
N MET E 59 -13.78 2.71 4.46
CA MET E 59 -12.60 3.27 5.09
C MET E 59 -12.10 4.46 4.29
N ALA E 60 -11.78 5.54 4.98
CA ALA E 60 -11.39 6.80 4.37
C ALA E 60 -9.89 7.01 4.56
N PHE E 61 -9.21 7.37 3.47
CA PHE E 61 -7.76 7.48 3.46
C PHE E 61 -7.32 8.87 2.98
N ASP E 62 -6.31 9.41 3.64
CA ASP E 62 -5.58 10.58 3.17
C ASP E 62 -4.13 10.13 2.94
N GLN E 63 -3.79 9.88 1.68
CA GLN E 63 -2.43 9.48 1.29
C GLN E 63 -1.87 8.39 2.21
N GLN E 64 -2.52 7.24 2.15
CA GLN E 64 -2.15 5.99 2.81
C GLN E 64 -2.50 5.98 4.31
N LYS E 65 -2.90 7.11 4.89
CA LYS E 65 -3.22 7.16 6.31
C LYS E 65 -4.74 7.02 6.50
N LEU E 66 -5.14 6.05 7.31
CA LEU E 66 -6.55 5.82 7.59
C LEU E 66 -7.09 6.97 8.42
N VAL E 67 -8.13 7.66 7.91
CA VAL E 67 -8.69 8.83 8.57
C VAL E 67 -10.11 8.60 9.07
N GLY E 68 -10.80 7.59 8.57
CA GLY E 68 -12.20 7.42 8.90
C GLY E 68 -12.63 6.00 8.65
N HIS E 69 -13.72 5.61 9.30
CA HIS E 69 -14.20 4.24 9.19
C HIS E 69 -15.67 4.16 9.59
N VAL E 70 -16.37 3.23 8.96
CA VAL E 70 -17.69 2.79 9.41
C VAL E 70 -17.89 1.35 8.96
N ALA E 71 -18.62 0.58 9.76
CA ALA E 71 -18.87 -0.82 9.47
C ALA E 71 -20.36 -1.06 9.26
N ILE E 72 -20.68 -2.04 8.41
CA ILE E 72 -22.06 -2.44 8.17
C ILE E 72 -22.17 -3.94 8.42
N ILE E 73 -22.83 -4.30 9.52
CA ILE E 73 -22.98 -5.69 9.95
C ILE E 73 -24.34 -6.19 9.50
N GLN E 74 -24.37 -7.39 8.94
CA GLN E 74 -25.65 -8.04 8.63
CA GLN E 74 -25.63 -8.06 8.63
C GLN E 74 -26.24 -8.60 9.91
N ARG E 75 -27.50 -8.26 10.18
CA ARG E 75 -28.21 -8.76 11.34
C ARG E 75 -29.57 -9.28 10.91
N HIS E 76 -30.02 -10.34 11.60
CA HIS E 76 -31.30 -10.99 11.37
C HIS E 76 -32.19 -10.66 12.57
N MET E 77 -33.26 -9.88 12.34
CA MET E 77 -34.11 -9.47 13.45
C MET E 77 -35.56 -9.76 13.13
N ALA E 78 -36.44 -9.42 14.09
CA ALA E 78 -37.88 -9.55 13.92
C ALA E 78 -38.50 -8.16 13.92
N LEU E 79 -39.29 -7.87 12.88
CA LEU E 79 -39.97 -6.58 12.76
C LEU E 79 -41.34 -6.61 13.43
N ASP E 80 -42.15 -7.62 13.13
CA ASP E 80 -43.42 -7.87 13.79
C ASP E 80 -43.77 -9.33 13.57
N ASN E 81 -43.08 -10.22 14.29
CA ASN E 81 -42.94 -11.64 13.98
C ASN E 81 -42.80 -11.84 12.47
N THR E 82 -42.11 -10.90 11.81
CA THR E 82 -41.76 -10.99 10.41
C THR E 82 -40.26 -10.82 10.28
N PRO E 83 -39.57 -11.71 9.57
CA PRO E 83 -38.10 -11.65 9.53
C PRO E 83 -37.61 -10.43 8.76
N ILE E 84 -36.66 -9.72 9.35
CA ILE E 84 -36.10 -8.51 8.75
C ILE E 84 -34.60 -8.68 8.60
N SER E 85 -34.09 -8.45 7.40
CA SER E 85 -32.66 -8.48 7.14
C SER E 85 -32.12 -7.06 7.29
N VAL E 86 -31.27 -6.86 8.28
CA VAL E 86 -30.87 -5.53 8.72
C VAL E 86 -29.38 -5.36 8.50
N GLY E 87 -28.99 -4.22 7.93
CA GLY E 87 -27.59 -3.82 7.93
C GLY E 87 -27.33 -2.88 9.09
N TYR E 88 -26.72 -3.40 10.16
CA TYR E 88 -26.47 -2.61 11.35
C TYR E 88 -25.17 -1.83 11.21
N VAL E 89 -25.26 -0.52 11.43
CA VAL E 89 -24.12 0.38 11.27
C VAL E 89 -23.37 0.45 12.60
N GLU E 90 -22.03 0.32 12.53
CA GLU E 90 -21.24 0.24 13.74
C GLU E 90 -19.95 1.04 13.58
N ALA E 91 -19.45 1.56 14.71
CA ALA E 91 -18.09 2.08 14.83
C ALA E 91 -17.78 3.17 13.82
N MET E 92 -18.72 4.09 13.65
CA MET E 92 -18.49 5.25 12.79
C MET E 92 -17.55 6.21 13.50
N VAL E 93 -16.42 6.53 12.86
CA VAL E 93 -15.41 7.33 13.52
C VAL E 93 -14.58 8.06 12.46
N VAL E 94 -14.24 9.31 12.75
CA VAL E 94 -13.32 10.09 11.96
C VAL E 94 -12.22 10.58 12.89
N GLU E 95 -10.97 10.48 12.45
CA GLU E 95 -9.88 10.97 13.29
C GLU E 95 -10.09 12.44 13.62
N GLN E 96 -9.68 12.82 14.83
CA GLN E 96 -10.06 14.11 15.39
C GLN E 96 -9.69 15.26 14.45
N SER E 97 -8.45 15.28 13.97
CA SER E 97 -7.98 16.40 13.17
C SER E 97 -8.62 16.46 11.79
N TYR E 98 -9.31 15.41 11.34
CA TYR E 98 -9.96 15.39 10.04
C TYR E 98 -11.46 15.62 10.13
N ARG E 99 -11.98 16.02 11.29
CA ARG E 99 -13.41 16.21 11.43
C ARG E 99 -13.84 17.56 10.86
N ARG E 100 -15.15 17.68 10.63
CA ARG E 100 -15.78 18.86 10.02
C ARG E 100 -15.35 19.04 8.57
N GLN E 101 -14.96 17.96 7.90
CA GLN E 101 -14.50 18.00 6.52
C GLN E 101 -15.42 17.25 5.55
N GLY E 102 -16.53 16.69 6.02
CA GLY E 102 -17.42 15.93 5.17
C GLY E 102 -17.14 14.45 5.11
N ILE E 103 -16.13 13.94 5.83
CA ILE E 103 -15.77 12.54 5.72
C ILE E 103 -16.88 11.66 6.29
N GLY E 104 -17.40 12.01 7.46
CA GLY E 104 -18.50 11.25 8.03
C GLY E 104 -19.70 11.18 7.11
N ARG E 105 -19.99 12.28 6.41
CA ARG E 105 -21.10 12.30 5.46
C ARG E 105 -20.84 11.33 4.32
N GLN E 106 -19.62 11.35 3.76
CA GLN E 106 -19.31 10.47 2.64
C GLN E 106 -19.30 9.01 3.09
N LEU E 107 -18.78 8.73 4.29
CA LEU E 107 -18.84 7.38 4.82
C LEU E 107 -20.28 6.87 4.89
N MET E 108 -21.21 7.75 5.30
CA MET E 108 -22.61 7.31 5.45
C MET E 108 -23.30 7.13 4.11
N LEU E 109 -22.96 7.94 3.10
CA LEU E 109 -23.60 7.76 1.81
C LEU E 109 -23.14 6.48 1.13
N GLN E 110 -21.86 6.12 1.29
CA GLN E 110 -21.41 4.80 0.87
C GLN E 110 -22.08 3.71 1.68
N THR E 111 -22.27 3.96 2.98
CA THR E 111 -23.02 3.04 3.83
C THR E 111 -24.43 2.83 3.30
N ASN E 112 -25.13 3.93 2.97
CA ASN E 112 -26.48 3.82 2.43
C ASN E 112 -26.49 2.99 1.15
N LYS E 113 -25.51 3.18 0.29
CA LYS E 113 -25.47 2.47 -0.99
C LYS E 113 -25.25 0.98 -0.78
N ILE E 114 -24.46 0.61 0.23
CA ILE E 114 -24.29 -0.80 0.56
C ILE E 114 -25.59 -1.37 1.11
N ILE E 115 -26.22 -0.65 2.04
CA ILE E 115 -27.46 -1.14 2.66
C ILE E 115 -28.56 -1.31 1.62
N ALA E 116 -28.65 -0.36 0.68
CA ALA E 116 -29.72 -0.41 -0.31
C ALA E 116 -29.57 -1.59 -1.27
N SER E 117 -28.38 -2.13 -1.43
CA SER E 117 -28.15 -3.25 -2.34
C SER E 117 -28.15 -4.60 -1.65
N CYS E 118 -28.25 -4.65 -0.33
CA CYS E 118 -28.11 -5.92 0.37
C CYS E 118 -29.21 -6.21 1.37
N TYR E 119 -29.75 -5.19 2.04
CA TYR E 119 -30.63 -5.41 3.17
C TYR E 119 -31.92 -4.60 2.99
N GLN E 120 -32.95 -5.03 3.71
CA GLN E 120 -34.23 -4.32 3.62
C GLN E 120 -34.29 -3.10 4.51
N LEU E 121 -33.41 -3.00 5.51
CA LEU E 121 -33.47 -1.91 6.47
C LEU E 121 -32.10 -1.71 7.10
N GLY E 122 -31.71 -0.45 7.27
CA GLY E 122 -30.52 -0.10 8.01
C GLY E 122 -30.90 0.31 9.42
N LEU E 123 -30.00 0.04 10.37
CA LEU E 123 -30.25 0.38 11.76
C LEU E 123 -28.94 0.79 12.43
N LEU E 124 -29.06 1.66 13.44
CA LEU E 124 -27.91 2.05 14.25
C LEU E 124 -28.45 2.60 15.57
N SER E 125 -27.52 2.74 16.52
CA SER E 125 -27.81 3.39 17.80
C SER E 125 -26.80 4.52 17.96
N ALA E 126 -27.29 5.75 18.08
CA ALA E 126 -26.43 6.93 18.04
C ALA E 126 -26.55 7.75 19.32
N SER E 127 -25.47 8.44 19.64
CA SER E 127 -25.52 9.49 20.64
C SER E 127 -26.33 10.67 20.11
N ASP E 128 -26.75 11.55 21.03
CA ASP E 128 -27.51 12.73 20.61
C ASP E 128 -26.64 13.67 19.80
N ASP E 129 -25.33 13.71 20.06
CA ASP E 129 -24.37 14.47 19.28
C ASP E 129 -24.05 13.81 17.93
N GLY E 130 -24.76 12.74 17.58
CA GLY E 130 -24.52 12.06 16.31
C GLY E 130 -25.75 12.00 15.43
N GLN E 131 -26.92 12.28 16.01
CA GLN E 131 -28.16 12.14 15.26
C GLN E 131 -28.23 13.10 14.07
N LYS E 132 -27.61 14.27 14.19
CA LYS E 132 -27.68 15.26 13.11
C LYS E 132 -27.06 14.72 11.84
N LEU E 133 -25.91 14.05 11.94
CA LEU E 133 -25.28 13.46 10.76
C LEU E 133 -26.19 12.45 10.10
N TYR E 134 -26.72 11.51 10.88
CA TYR E 134 -27.56 10.45 10.34
C TYR E 134 -28.86 11.01 9.75
N HIS E 135 -29.47 11.95 10.46
CA HIS E 135 -30.65 12.60 9.90
C HIS E 135 -30.31 13.30 8.60
N SER E 136 -29.10 13.87 8.50
CA SER E 136 -28.67 14.61 7.33
C SER E 136 -28.44 13.71 6.11
N VAL E 137 -28.49 12.39 6.25
CA VAL E 137 -28.43 11.53 5.06
C VAL E 137 -29.58 10.53 5.07
N GLY E 138 -30.74 10.96 5.59
CA GLY E 138 -31.98 10.25 5.39
C GLY E 138 -32.42 9.34 6.51
N TRP E 139 -31.66 9.23 7.60
CA TRP E 139 -32.05 8.39 8.70
C TRP E 139 -33.01 9.12 9.62
N GLN E 140 -33.88 8.36 10.29
CA GLN E 140 -34.88 8.92 11.18
C GLN E 140 -35.05 8.00 12.38
N ILE E 141 -35.49 8.57 13.51
CA ILE E 141 -35.52 7.83 14.75
C ILE E 141 -36.56 6.72 14.69
N TRP E 142 -36.19 5.55 15.21
CA TRP E 142 -37.12 4.44 15.35
C TRP E 142 -38.02 4.70 16.55
N LYS E 143 -39.33 4.79 16.31
CA LYS E 143 -40.28 5.16 17.35
C LYS E 143 -40.92 3.95 18.02
N GLY E 144 -40.71 2.74 17.51
CA GLY E 144 -41.20 1.55 18.16
C GLY E 144 -40.36 1.22 19.38
N LYS E 145 -40.73 0.12 20.04
CA LYS E 145 -39.99 -0.34 21.20
C LYS E 145 -38.92 -1.35 20.78
N LEU E 146 -37.92 -1.50 21.64
CA LEU E 146 -36.75 -2.30 21.34
C LEU E 146 -36.68 -3.47 22.30
N PHE E 147 -36.36 -4.65 21.74
CA PHE E 147 -36.25 -5.88 22.50
C PHE E 147 -34.93 -6.55 22.19
N GLU E 148 -34.39 -7.24 23.17
CA GLU E 148 -33.15 -7.98 23.00
C GLU E 148 -33.32 -9.30 23.71
N LEU E 149 -32.70 -10.35 23.17
CA LEU E 149 -32.80 -11.68 23.76
C LEU E 149 -31.85 -11.98 24.94
N LYS E 150 -32.15 -11.43 26.12
CA LYS E 150 -31.38 -11.67 27.32
C LYS E 150 -31.84 -13.02 27.87
N GLN E 151 -30.89 -13.84 28.33
CA GLN E 151 -31.24 -15.04 29.08
C GLN E 151 -31.89 -16.14 28.24
N GLY E 152 -32.07 -15.94 26.95
CA GLY E 152 -32.83 -16.88 26.13
C GLY E 152 -34.20 -16.40 25.72
N SER E 153 -34.72 -15.32 26.31
CA SER E 153 -35.97 -14.73 25.81
C SER E 153 -35.99 -13.22 26.08
N TYR E 154 -36.94 -12.55 25.42
CA TYR E 154 -36.86 -11.10 25.19
C TYR E 154 -37.19 -10.28 26.43
N ILE E 155 -36.39 -9.24 26.65
CA ILE E 155 -36.71 -8.15 27.56
C ILE E 155 -36.71 -6.88 26.73
N ARG E 156 -36.96 -5.73 27.35
CA ARG E 156 -37.03 -4.46 26.63
C ARG E 156 -35.83 -3.58 26.96
N SER E 157 -35.26 -2.97 25.91
CA SER E 157 -34.09 -2.10 26.05
C SER E 157 -34.59 -0.67 26.25
N ILE E 158 -34.81 -0.30 27.50
CA ILE E 158 -35.40 1.00 27.79
C ILE E 158 -34.38 2.12 27.59
N GLU E 159 -33.13 1.89 28.00
CA GLU E 159 -32.11 2.91 27.77
C GLU E 159 -31.73 3.05 26.30
N GLU E 160 -32.19 2.14 25.43
CA GLU E 160 -31.83 2.21 24.02
C GLU E 160 -32.89 2.84 23.13
N GLU E 161 -34.14 2.92 23.56
CA GLU E 161 -35.17 3.50 22.70
C GLU E 161 -35.13 5.01 22.74
N GLY E 162 -35.23 5.62 21.57
CA GLY E 162 -34.95 7.01 21.37
C GLY E 162 -33.59 7.26 20.75
N GLY E 163 -32.65 6.34 20.95
CA GLY E 163 -31.32 6.45 20.39
C GLY E 163 -31.07 5.59 19.16
N VAL E 164 -32.02 4.77 18.76
CA VAL E 164 -31.89 3.88 17.62
C VAL E 164 -32.60 4.51 16.42
N MET E 165 -31.93 4.51 15.27
CA MET E 165 -32.46 5.10 14.05
C MET E 165 -32.48 4.07 12.94
N GLY E 166 -33.33 4.33 11.93
CA GLY E 166 -33.45 3.46 10.80
C GLY E 166 -33.37 4.23 9.50
N TRP E 167 -33.01 3.50 8.45
CA TRP E 167 -32.99 4.03 7.09
C TRP E 167 -33.64 3.00 6.19
N LYS E 168 -34.71 3.39 5.53
CA LYS E 168 -35.38 2.50 4.60
C LYS E 168 -34.92 2.81 3.19
N ALA E 169 -34.68 1.75 2.43
CA ALA E 169 -34.55 1.81 0.99
C ALA E 169 -35.70 1.01 0.40
N ASP E 170 -36.59 1.67 -0.32
CA ASP E 170 -37.54 1.06 -1.26
C ASP E 170 -38.25 -0.17 -0.67
N GLY E 171 -38.91 0.05 0.46
CA GLY E 171 -39.87 -0.90 0.99
C GLY E 171 -40.75 0.02 1.80
N GLU E 172 -41.67 -0.50 2.61
CA GLU E 172 -42.52 0.36 3.43
C GLU E 172 -42.60 -0.16 4.85
N VAL E 173 -41.46 -0.16 5.55
CA VAL E 173 -41.41 -0.62 6.93
C VAL E 173 -42.02 0.43 7.86
N ASP E 174 -42.75 -0.03 8.88
CA ASP E 174 -43.32 0.90 9.81
C ASP E 174 -42.31 1.17 10.93
N PHE E 175 -42.09 2.43 11.29
CA PHE E 175 -41.33 2.63 12.48
C PHE E 175 -42.21 2.52 13.72
N THR E 176 -43.46 2.07 13.52
CA THR E 176 -44.36 1.70 14.60
C THR E 176 -43.78 0.55 15.42
N ALA E 177 -43.35 -0.50 14.73
CA ALA E 177 -43.29 -1.82 15.33
C ALA E 177 -42.15 -1.93 16.32
N SER E 178 -42.29 -2.90 17.21
CA SER E 178 -41.20 -3.29 18.08
C SER E 178 -40.21 -4.11 17.29
N LEU E 179 -38.93 -3.82 17.48
CA LEU E 179 -37.86 -4.62 16.88
C LEU E 179 -37.28 -5.55 17.92
N TYR E 180 -36.92 -6.75 17.50
CA TYR E 180 -36.40 -7.77 18.39
C TYR E 180 -35.05 -8.21 17.83
N CYS E 181 -33.97 -7.78 18.48
CA CYS E 181 -32.63 -7.88 17.94
C CYS E 181 -32.00 -9.23 18.28
N ASP E 182 -31.18 -9.73 17.34
CA ASP E 182 -30.48 -10.98 17.57
C ASP E 182 -29.46 -10.83 18.70
N PHE E 183 -28.98 -11.96 19.18
CA PHE E 183 -28.14 -12.02 20.36
C PHE E 183 -26.69 -11.69 20.01
N ARG E 184 -26.00 -11.08 20.97
CA ARG E 184 -24.64 -10.59 20.76
C ARG E 184 -24.00 -10.35 22.13
N GLY E 185 -22.66 -10.25 22.14
CA GLY E 185 -21.95 -9.90 23.36
C GLY E 185 -21.97 -8.40 23.63
N GLY E 186 -21.63 -8.05 24.87
CA GLY E 186 -21.63 -6.64 25.24
C GLY E 186 -23.04 -6.06 25.21
N ASP E 187 -23.14 -4.83 24.70
CA ASP E 187 -24.45 -4.20 24.53
C ASP E 187 -25.15 -4.78 23.30
N GLN E 188 -26.45 -4.98 23.40
CA GLN E 188 -27.22 -5.58 22.32
C GLN E 188 -27.47 -4.60 21.16
N TRP E 189 -27.44 -3.29 21.42
CA TRP E 189 -27.67 -2.30 20.37
C TRP E 189 -26.47 -1.39 20.21
N ILE F 14 -9.72 -22.72 -14.38
CA ILE F 14 -10.76 -22.14 -13.53
C ILE F 14 -10.18 -21.01 -12.69
N GLU F 15 -10.88 -19.87 -12.68
CA GLU F 15 -10.47 -18.70 -11.92
C GLU F 15 -11.54 -18.37 -10.88
N TYR F 16 -11.10 -17.90 -9.72
CA TYR F 16 -11.96 -17.72 -8.55
C TYR F 16 -11.97 -16.26 -8.12
N ARG F 17 -13.14 -15.79 -7.69
CA ARG F 17 -13.34 -14.43 -7.23
C ARG F 17 -14.13 -14.46 -5.93
N SER F 18 -13.74 -13.60 -4.98
CA SER F 18 -14.45 -13.45 -3.71
C SER F 18 -15.05 -12.05 -3.70
N LEU F 19 -16.38 -11.98 -3.81
CA LEU F 19 -17.11 -10.73 -3.91
C LEU F 19 -18.20 -10.67 -2.85
N HIS F 20 -18.34 -9.52 -2.20
CA HIS F 20 -19.50 -9.25 -1.38
C HIS F 20 -20.73 -9.11 -2.27
N THR F 21 -21.91 -9.26 -1.66
CA THR F 21 -23.14 -9.05 -2.42
C THR F 21 -23.19 -7.64 -2.98
N SER F 22 -22.76 -6.65 -2.20
CA SER F 22 -22.77 -5.26 -2.64
C SER F 22 -21.78 -4.98 -3.79
N GLN F 23 -20.92 -5.94 -4.14
CA GLN F 23 -19.96 -5.77 -5.21
C GLN F 23 -20.36 -6.47 -6.50
N LEU F 24 -21.56 -7.05 -6.55
CA LEU F 24 -22.00 -7.83 -7.71
C LEU F 24 -22.78 -6.96 -8.67
N THR F 25 -22.48 -7.12 -9.96
CA THR F 25 -23.24 -6.45 -11.01
C THR F 25 -24.51 -7.23 -11.31
N LEU F 26 -25.55 -6.51 -11.76
CA LEU F 26 -26.83 -7.14 -12.08
C LEU F 26 -26.68 -8.25 -13.10
N SER F 27 -25.67 -8.13 -13.98
CA SER F 27 -25.21 -9.22 -14.83
C SER F 27 -24.91 -10.46 -14.00
N GLU F 28 -24.09 -10.28 -12.97
CA GLU F 28 -23.58 -11.39 -12.17
C GLU F 28 -24.67 -11.98 -11.30
N LYS F 29 -25.49 -11.13 -10.67
CA LYS F 29 -26.60 -11.64 -9.87
C LYS F 29 -27.56 -12.46 -10.71
N GLU F 30 -27.71 -12.11 -11.99
CA GLU F 30 -28.53 -12.93 -12.88
C GLU F 30 -27.85 -14.27 -13.16
N ALA F 31 -26.55 -14.23 -13.48
CA ALA F 31 -25.80 -15.47 -13.71
C ALA F 31 -25.83 -16.36 -12.49
N LEU F 32 -25.80 -15.77 -11.28
CA LEU F 32 -25.82 -16.56 -10.06
C LEU F 32 -27.18 -17.22 -9.86
N TYR F 33 -28.26 -16.45 -10.02
CA TYR F 33 -29.59 -17.06 -9.90
C TYR F 33 -29.77 -18.17 -10.93
N ASP F 34 -29.31 -17.93 -12.17
CA ASP F 34 -29.51 -18.90 -13.23
C ASP F 34 -28.73 -20.18 -12.97
N LEU F 35 -27.46 -20.05 -12.56
CA LEU F 35 -26.72 -21.25 -12.18
C LEU F 35 -27.41 -21.96 -11.03
N LEU F 36 -27.82 -21.21 -10.01
CA LEU F 36 -28.38 -21.83 -8.81
C LEU F 36 -29.73 -22.49 -9.12
N ILE F 37 -30.54 -21.88 -9.98
CA ILE F 37 -31.79 -22.53 -10.37
C ILE F 37 -31.50 -23.75 -11.25
N GLU F 38 -30.44 -23.69 -12.05
CA GLU F 38 -30.08 -24.83 -12.90
C GLU F 38 -29.61 -26.01 -12.06
N GLY F 39 -28.61 -25.79 -11.20
CA GLY F 39 -27.99 -26.89 -10.48
C GLY F 39 -28.88 -27.52 -9.43
N PHE F 40 -29.85 -26.76 -8.90
CA PHE F 40 -30.71 -27.24 -7.83
C PHE F 40 -32.08 -27.68 -8.33
N GLU F 41 -32.30 -27.71 -9.65
CA GLU F 41 -33.39 -28.45 -10.28
C GLU F 41 -34.78 -28.02 -9.79
N GLY F 42 -34.96 -26.73 -9.56
CA GLY F 42 -36.27 -26.21 -9.23
C GLY F 42 -36.69 -26.34 -7.79
N ASP F 43 -35.92 -27.00 -6.93
CA ASP F 43 -36.22 -27.03 -5.51
C ASP F 43 -35.63 -25.86 -4.76
N PHE F 44 -35.21 -24.81 -5.46
CA PHE F 44 -34.60 -23.65 -4.84
C PHE F 44 -35.66 -22.56 -4.64
N SER F 45 -35.95 -22.28 -3.37
CA SER F 45 -36.97 -21.33 -2.96
C SER F 45 -36.53 -19.89 -3.22
N HIS F 46 -37.50 -18.97 -3.26
CA HIS F 46 -37.15 -17.55 -3.25
C HIS F 46 -36.67 -17.13 -1.87
N ASP F 47 -37.24 -17.72 -0.81
CA ASP F 47 -36.67 -17.57 0.53
C ASP F 47 -35.24 -18.08 0.56
N ASP F 48 -34.91 -19.00 -0.33
CA ASP F 48 -33.58 -19.57 -0.43
C ASP F 48 -32.59 -18.59 -1.04
N PHE F 49 -32.99 -17.93 -2.14
CA PHE F 49 -32.13 -16.89 -2.70
C PHE F 49 -31.92 -15.76 -1.70
N ALA F 50 -32.95 -15.45 -0.90
CA ALA F 50 -32.78 -14.40 0.11
C ALA F 50 -31.70 -14.77 1.13
N HIS F 51 -31.50 -16.07 1.41
CA HIS F 51 -30.44 -16.49 2.32
C HIS F 51 -29.06 -16.31 1.70
N THR F 52 -28.97 -16.20 0.39
CA THR F 52 -27.67 -16.07 -0.28
C THR F 52 -27.16 -14.64 -0.28
N LEU F 53 -28.04 -13.66 -0.18
CA LEU F 53 -27.65 -12.26 -0.28
C LEU F 53 -27.30 -11.68 1.09
N GLY F 54 -26.36 -10.73 1.09
CA GLY F 54 -25.98 -10.01 2.28
C GLY F 54 -24.58 -10.30 2.77
N GLY F 55 -23.95 -11.36 2.29
CA GLY F 55 -22.62 -11.71 2.72
C GLY F 55 -21.66 -11.84 1.56
N MET F 56 -20.68 -12.72 1.66
CA MET F 56 -19.69 -12.89 0.60
C MET F 56 -20.02 -14.12 -0.24
N HIS F 57 -19.73 -13.99 -1.53
CA HIS F 57 -19.85 -15.07 -2.50
C HIS F 57 -18.46 -15.37 -3.04
N VAL F 58 -18.09 -16.65 -3.09
CA VAL F 58 -16.91 -17.05 -3.83
C VAL F 58 -17.40 -17.85 -5.03
N MET F 59 -16.85 -17.51 -6.20
CA MET F 59 -17.39 -17.96 -7.46
C MET F 59 -16.27 -18.43 -8.36
N ALA F 60 -16.49 -19.55 -9.04
CA ALA F 60 -15.57 -20.07 -10.03
C ALA F 60 -16.05 -19.69 -11.42
N PHE F 61 -15.12 -19.36 -12.30
CA PHE F 61 -15.46 -18.88 -13.64
C PHE F 61 -14.61 -19.60 -14.67
N ASP F 62 -15.26 -20.27 -15.60
CA ASP F 62 -14.60 -20.80 -16.79
C ASP F 62 -14.70 -19.72 -17.86
N GLN F 63 -13.62 -18.96 -18.03
CA GLN F 63 -13.46 -17.97 -19.10
C GLN F 63 -14.76 -17.18 -19.32
N GLN F 64 -15.15 -16.43 -18.28
CA GLN F 64 -16.24 -15.45 -18.24
C GLN F 64 -17.63 -16.04 -18.06
N LYS F 65 -17.78 -17.36 -17.88
CA LYS F 65 -19.07 -17.92 -17.54
C LYS F 65 -19.01 -18.52 -16.14
N LEU F 66 -20.03 -18.22 -15.33
CA LEU F 66 -20.09 -18.70 -13.97
C LEU F 66 -20.33 -20.20 -13.94
N VAL F 67 -19.51 -20.94 -13.19
CA VAL F 67 -19.60 -22.39 -13.19
C VAL F 67 -19.74 -22.94 -11.79
N GLY F 68 -19.48 -22.13 -10.77
CA GLY F 68 -19.55 -22.59 -9.39
C GLY F 68 -19.65 -21.44 -8.43
N HIS F 69 -20.31 -21.68 -7.30
CA HIS F 69 -20.56 -20.62 -6.33
C HIS F 69 -20.79 -21.23 -4.96
N VAL F 70 -20.39 -20.50 -3.92
CA VAL F 70 -20.80 -20.79 -2.55
C VAL F 70 -20.85 -19.46 -1.79
N ALA F 71 -21.76 -19.38 -0.84
CA ALA F 71 -22.04 -18.15 -0.10
C ALA F 71 -21.76 -18.33 1.38
N ILE F 72 -21.31 -17.24 2.02
CA ILE F 72 -21.06 -17.19 3.45
C ILE F 72 -21.77 -15.95 3.98
N ILE F 73 -22.81 -16.14 4.77
CA ILE F 73 -23.55 -15.03 5.34
C ILE F 73 -23.31 -14.98 6.84
N GLN F 74 -23.38 -13.77 7.40
CA GLN F 74 -23.14 -13.57 8.82
C GLN F 74 -24.40 -13.92 9.61
N ARG F 75 -24.23 -14.67 10.70
CA ARG F 75 -25.33 -14.99 11.60
C ARG F 75 -24.85 -14.82 13.03
N HIS F 76 -25.79 -14.51 13.93
CA HIS F 76 -25.48 -14.28 15.34
C HIS F 76 -26.31 -15.26 16.17
N MET F 77 -25.63 -16.23 16.77
CA MET F 77 -26.29 -17.31 17.49
C MET F 77 -25.81 -17.36 18.93
N ALA F 78 -26.36 -18.31 19.68
CA ALA F 78 -25.97 -18.58 21.05
C ALA F 78 -25.48 -20.02 21.15
N LEU F 79 -24.32 -20.20 21.77
CA LEU F 79 -23.78 -21.53 22.04
C LEU F 79 -23.84 -21.73 23.56
N ASP F 80 -24.93 -22.36 24.02
CA ASP F 80 -25.16 -22.63 25.43
C ASP F 80 -24.98 -21.36 26.27
N ASN F 81 -25.92 -20.44 26.03
CA ASN F 81 -25.97 -19.12 26.69
C ASN F 81 -24.67 -18.34 26.54
N THR F 82 -24.01 -18.51 25.39
CA THR F 82 -22.83 -17.74 25.05
C THR F 82 -22.98 -17.26 23.61
N PRO F 83 -22.77 -15.98 23.32
CA PRO F 83 -22.92 -15.50 21.94
C PRO F 83 -21.77 -15.99 21.07
N ILE F 84 -22.10 -16.40 19.84
CA ILE F 84 -21.14 -16.98 18.92
C ILE F 84 -21.33 -16.35 17.54
N SER F 85 -20.24 -15.89 16.94
CA SER F 85 -20.26 -15.30 15.61
C SER F 85 -20.12 -16.40 14.57
N VAL F 86 -21.07 -16.47 13.64
CA VAL F 86 -21.21 -17.61 12.74
C VAL F 86 -21.09 -17.14 11.30
N GLY F 87 -20.30 -17.85 10.51
CA GLY F 87 -20.32 -17.72 9.07
C GLY F 87 -21.08 -18.89 8.47
N TYR F 88 -22.29 -18.65 7.98
CA TYR F 88 -23.19 -19.73 7.55
C TYR F 88 -23.03 -19.99 6.06
N VAL F 89 -22.73 -21.24 5.72
CA VAL F 89 -22.51 -21.64 4.32
C VAL F 89 -23.84 -21.87 3.65
N GLU F 90 -24.00 -21.32 2.45
CA GLU F 90 -25.26 -21.45 1.70
C GLU F 90 -24.97 -21.60 0.22
N ALA F 91 -25.92 -22.23 -0.48
CA ALA F 91 -25.96 -22.24 -1.94
C ALA F 91 -24.69 -22.82 -2.56
N MET F 92 -24.18 -23.89 -1.96
CA MET F 92 -23.04 -24.60 -2.54
C MET F 92 -23.48 -25.27 -3.83
N VAL F 93 -22.78 -24.97 -4.93
CA VAL F 93 -23.28 -25.35 -6.23
C VAL F 93 -22.15 -25.37 -7.26
N VAL F 94 -22.10 -26.44 -8.07
CA VAL F 94 -21.19 -26.51 -9.21
C VAL F 94 -21.99 -27.05 -10.39
N GLU F 95 -21.84 -26.41 -11.54
CA GLU F 95 -22.59 -26.80 -12.72
C GLU F 95 -22.27 -28.25 -13.10
N GLN F 96 -23.20 -28.86 -13.83
CA GLN F 96 -23.15 -30.32 -14.06
C GLN F 96 -21.86 -30.73 -14.76
N SER F 97 -21.43 -29.95 -15.76
CA SER F 97 -20.32 -30.26 -16.66
C SER F 97 -18.96 -30.06 -16.03
N TYR F 98 -18.89 -29.53 -14.81
CA TYR F 98 -17.62 -29.18 -14.21
C TYR F 98 -17.42 -29.84 -12.86
N ARG F 99 -18.26 -30.81 -12.51
CA ARG F 99 -18.07 -31.54 -11.28
C ARG F 99 -16.91 -32.53 -11.42
N ARG F 100 -16.42 -32.99 -10.26
CA ARG F 100 -15.27 -33.88 -10.13
C ARG F 100 -13.97 -33.28 -10.69
N GLN F 101 -13.96 -31.98 -11.00
CA GLN F 101 -12.73 -31.27 -11.28
C GLN F 101 -12.08 -30.72 -10.03
N GLY F 102 -12.66 -30.97 -8.85
CA GLY F 102 -12.15 -30.42 -7.62
C GLY F 102 -12.52 -28.97 -7.38
N ILE F 103 -13.53 -28.46 -8.08
CA ILE F 103 -13.91 -27.06 -7.91
C ILE F 103 -14.58 -26.85 -6.57
N GLY F 104 -15.48 -27.76 -6.18
CA GLY F 104 -16.12 -27.65 -4.88
C GLY F 104 -15.13 -27.66 -3.73
N ARG F 105 -13.99 -28.33 -3.90
CA ARG F 105 -12.95 -28.30 -2.86
C ARG F 105 -12.30 -26.92 -2.79
N GLN F 106 -11.85 -26.40 -3.93
CA GLN F 106 -11.30 -25.05 -3.96
C GLN F 106 -12.29 -24.04 -3.43
N LEU F 107 -13.56 -24.18 -3.80
CA LEU F 107 -14.60 -23.26 -3.33
C LEU F 107 -14.66 -23.24 -1.81
N MET F 108 -14.57 -24.41 -1.17
CA MET F 108 -14.64 -24.45 0.28
C MET F 108 -13.31 -24.09 0.93
N LEU F 109 -12.20 -24.29 0.23
CA LEU F 109 -10.93 -23.79 0.75
C LEU F 109 -10.96 -22.27 0.91
N GLN F 110 -11.46 -21.55 -0.11
CA GLN F 110 -11.62 -20.11 0.03
C GLN F 110 -12.69 -19.77 1.05
N THR F 111 -13.70 -20.63 1.20
CA THR F 111 -14.71 -20.40 2.23
C THR F 111 -14.12 -20.48 3.62
N ASN F 112 -13.29 -21.50 3.87
CA ASN F 112 -12.70 -21.67 5.19
C ASN F 112 -11.84 -20.47 5.57
N LYS F 113 -11.11 -19.90 4.61
CA LYS F 113 -10.29 -18.75 4.94
C LYS F 113 -11.16 -17.52 5.23
N ILE F 114 -12.24 -17.32 4.47
CA ILE F 114 -13.16 -16.24 4.77
C ILE F 114 -13.70 -16.39 6.18
N ILE F 115 -14.15 -17.60 6.53
CA ILE F 115 -14.67 -17.86 7.88
C ILE F 115 -13.58 -17.60 8.92
N ALA F 116 -12.37 -18.11 8.67
CA ALA F 116 -11.30 -18.03 9.66
C ALA F 116 -10.94 -16.58 9.97
N SER F 117 -11.11 -15.67 9.01
CA SER F 117 -10.73 -14.28 9.24
C SER F 117 -11.89 -13.41 9.71
N CYS F 118 -13.11 -13.93 9.78
CA CYS F 118 -14.25 -13.09 10.15
C CYS F 118 -15.02 -13.59 11.36
N TYR F 119 -15.23 -14.90 11.50
CA TYR F 119 -16.21 -15.41 12.46
C TYR F 119 -15.56 -16.43 13.37
N GLN F 120 -16.30 -16.79 14.42
CA GLN F 120 -15.84 -17.75 15.40
C GLN F 120 -16.12 -19.19 14.99
N LEU F 121 -17.11 -19.42 14.13
CA LEU F 121 -17.48 -20.77 13.76
C LEU F 121 -18.27 -20.75 12.46
N GLY F 122 -17.96 -21.68 11.58
CA GLY F 122 -18.72 -21.89 10.36
C GLY F 122 -19.74 -23.00 10.58
N LEU F 123 -20.92 -22.83 9.97
CA LEU F 123 -21.98 -23.83 10.04
C LEU F 123 -22.61 -23.95 8.66
N LEU F 124 -23.07 -25.16 8.36
CA LEU F 124 -23.85 -25.41 7.15
C LEU F 124 -24.79 -26.57 7.44
N SER F 125 -25.74 -26.79 6.55
CA SER F 125 -26.59 -27.97 6.63
C SER F 125 -26.51 -28.69 5.30
N ALA F 126 -25.93 -29.89 5.33
CA ALA F 126 -25.61 -30.65 4.14
C ALA F 126 -26.37 -31.96 4.14
N SER F 127 -26.59 -32.46 2.94
CA SER F 127 -27.13 -33.79 2.80
C SER F 127 -26.06 -34.83 3.14
N ASP F 128 -26.50 -36.07 3.38
CA ASP F 128 -25.55 -37.18 3.30
C ASP F 128 -24.86 -37.19 1.95
N ASP F 129 -25.44 -36.44 1.00
CA ASP F 129 -24.93 -36.26 -0.37
C ASP F 129 -23.53 -35.66 -0.43
N GLY F 130 -23.25 -34.63 0.36
CA GLY F 130 -22.06 -33.82 0.20
C GLY F 130 -21.29 -33.69 1.48
N GLN F 131 -21.68 -34.47 2.50
CA GLN F 131 -20.94 -34.48 3.75
C GLN F 131 -19.48 -34.89 3.54
N LYS F 132 -19.22 -35.76 2.56
CA LYS F 132 -17.84 -36.15 2.30
C LYS F 132 -17.00 -34.96 1.87
N LEU F 133 -17.58 -34.07 1.07
CA LEU F 133 -16.84 -32.90 0.61
C LEU F 133 -16.39 -32.05 1.79
N TYR F 134 -17.34 -31.64 2.63
CA TYR F 134 -17.00 -30.74 3.73
C TYR F 134 -16.11 -31.42 4.76
N HIS F 135 -16.32 -32.72 5.00
CA HIS F 135 -15.43 -33.44 5.91
C HIS F 135 -14.01 -33.47 5.37
N SER F 136 -13.84 -33.48 4.04
CA SER F 136 -12.49 -33.49 3.50
C SER F 136 -11.80 -32.15 3.63
N VAL F 137 -12.51 -31.10 4.06
CA VAL F 137 -11.87 -29.81 4.32
C VAL F 137 -12.10 -29.40 5.77
N GLY F 138 -12.21 -30.39 6.66
CA GLY F 138 -12.16 -30.15 8.09
C GLY F 138 -13.49 -30.02 8.80
N TRP F 139 -14.60 -30.00 8.07
CA TRP F 139 -15.89 -29.83 8.72
C TRP F 139 -16.36 -31.15 9.32
N GLN F 140 -17.04 -31.06 10.46
CA GLN F 140 -17.50 -32.22 11.20
C GLN F 140 -18.98 -32.07 11.54
N ILE F 141 -19.61 -33.20 11.87
CA ILE F 141 -21.01 -33.19 12.26
C ILE F 141 -21.17 -32.47 13.59
N TRP F 142 -22.15 -31.56 13.66
CA TRP F 142 -22.52 -30.98 14.93
C TRP F 142 -23.31 -32.01 15.73
N LYS F 143 -22.91 -32.22 16.98
CA LYS F 143 -23.49 -33.29 17.78
C LYS F 143 -24.37 -32.80 18.92
N GLY F 144 -24.56 -31.49 19.06
CA GLY F 144 -25.47 -30.96 20.06
C GLY F 144 -26.85 -30.70 19.50
N LYS F 145 -27.73 -30.24 20.38
CA LYS F 145 -29.10 -29.92 19.98
C LYS F 145 -29.15 -28.62 19.20
N LEU F 146 -30.12 -28.53 18.29
CA LEU F 146 -30.26 -27.39 17.39
C LEU F 146 -31.61 -26.76 17.59
N PHE F 147 -31.62 -25.54 18.10
CA PHE F 147 -32.85 -24.82 18.31
C PHE F 147 -32.97 -23.69 17.30
N GLU F 148 -34.21 -23.35 16.98
CA GLU F 148 -34.56 -22.23 16.12
C GLU F 148 -35.78 -21.58 16.74
N LEU F 149 -35.88 -20.26 16.67
CA LEU F 149 -36.97 -19.61 17.36
C LEU F 149 -38.25 -19.72 16.56
N LYS F 150 -39.34 -19.87 17.28
CA LYS F 150 -40.66 -20.15 16.71
C LYS F 150 -41.60 -19.18 17.42
N GLN F 151 -41.99 -18.13 16.72
CA GLN F 151 -43.02 -17.20 17.21
C GLN F 151 -42.58 -16.56 18.52
N GLY F 152 -41.30 -16.21 18.60
CA GLY F 152 -40.76 -15.57 19.78
C GLY F 152 -40.15 -16.51 20.81
N SER F 153 -40.19 -17.82 20.61
CA SER F 153 -39.55 -18.74 21.53
C SER F 153 -39.03 -19.96 20.77
N TYR F 154 -37.88 -20.47 21.20
CA TYR F 154 -37.16 -21.49 20.45
C TYR F 154 -37.89 -22.83 20.48
N ILE F 155 -38.00 -23.46 19.30
CA ILE F 155 -38.46 -24.82 19.10
C ILE F 155 -37.25 -25.64 18.62
N ARG F 156 -37.24 -26.93 18.93
CA ARG F 156 -36.12 -27.78 18.56
C ARG F 156 -36.29 -28.35 17.16
N SER F 157 -35.29 -28.12 16.31
CA SER F 157 -35.34 -28.59 14.92
C SER F 157 -34.72 -29.98 14.85
N ILE F 158 -35.54 -30.99 15.14
CA ILE F 158 -35.05 -32.37 15.15
C ILE F 158 -34.74 -32.85 13.74
N GLU F 159 -35.49 -32.40 12.75
CA GLU F 159 -35.28 -32.85 11.37
C GLU F 159 -33.91 -32.46 10.83
N GLU F 160 -33.24 -31.49 11.46
CA GLU F 160 -31.97 -31.00 10.96
C GLU F 160 -30.76 -31.51 11.73
N GLU F 161 -30.95 -32.00 12.96
CA GLU F 161 -29.85 -32.54 13.72
C GLU F 161 -29.25 -33.75 13.02
N GLY F 162 -27.93 -33.79 12.92
CA GLY F 162 -27.24 -34.76 12.10
C GLY F 162 -26.90 -34.28 10.71
N GLY F 163 -27.55 -33.21 10.23
CA GLY F 163 -27.27 -32.68 8.92
C GLY F 163 -26.55 -31.35 9.00
N VAL F 164 -26.34 -30.87 10.22
CA VAL F 164 -25.63 -29.62 10.45
C VAL F 164 -24.16 -29.94 10.70
N MET F 165 -23.28 -29.20 10.02
CA MET F 165 -21.84 -29.41 10.17
C MET F 165 -21.18 -28.09 10.53
N GLY F 166 -20.07 -28.19 11.27
CA GLY F 166 -19.37 -27.03 11.76
C GLY F 166 -17.88 -27.09 11.46
N TRP F 167 -17.22 -25.95 11.65
CA TRP F 167 -15.79 -25.82 11.40
C TRP F 167 -15.26 -24.73 12.30
N LYS F 168 -14.50 -25.11 13.32
CA LYS F 168 -13.91 -24.14 14.23
C LYS F 168 -12.70 -23.47 13.60
N ALA F 169 -12.60 -22.17 13.79
CA ALA F 169 -11.53 -21.38 13.16
C ALA F 169 -10.31 -21.29 14.07
N ASP F 170 -10.43 -20.53 15.16
CA ASP F 170 -9.31 -20.20 16.04
C ASP F 170 -9.66 -20.61 17.47
N GLY F 171 -9.24 -21.81 17.86
CA GLY F 171 -9.41 -22.24 19.23
C GLY F 171 -10.17 -23.53 19.39
N GLU F 172 -11.24 -23.52 20.19
CA GLU F 172 -12.05 -24.72 20.29
C GLU F 172 -13.48 -24.36 20.70
N VAL F 173 -14.41 -25.11 20.14
CA VAL F 173 -15.85 -24.92 20.30
C VAL F 173 -16.43 -26.28 20.63
N ASP F 174 -17.24 -26.35 21.68
CA ASP F 174 -17.84 -27.63 22.05
C ASP F 174 -18.89 -28.02 21.02
N PHE F 175 -18.59 -29.03 20.20
CA PHE F 175 -19.57 -29.54 19.25
C PHE F 175 -20.66 -30.34 19.92
N THR F 176 -20.52 -30.51 21.25
CA THR F 176 -21.52 -31.00 22.20
C THR F 176 -22.65 -30.00 22.41
N ALA F 177 -22.30 -28.73 22.40
CA ALA F 177 -23.11 -27.68 22.99
C ALA F 177 -24.33 -27.41 22.13
N SER F 178 -25.28 -26.68 22.71
CA SER F 178 -26.51 -26.37 22.01
C SER F 178 -26.35 -25.06 21.26
N LEU F 179 -27.00 -24.98 20.11
CA LEU F 179 -26.93 -23.81 19.23
C LEU F 179 -28.33 -23.26 19.04
N TYR F 180 -28.60 -22.10 19.62
CA TYR F 180 -29.84 -21.37 19.35
C TYR F 180 -29.52 -20.31 18.31
N CYS F 181 -30.10 -20.48 17.12
CA CYS F 181 -29.81 -19.68 15.95
C CYS F 181 -30.71 -18.43 15.89
N ASP F 182 -30.38 -17.53 14.97
CA ASP F 182 -31.18 -16.34 14.75
C ASP F 182 -32.23 -16.60 13.66
N PHE F 183 -33.21 -15.70 13.57
CA PHE F 183 -34.40 -15.90 12.76
C PHE F 183 -34.22 -15.33 11.34
N ARG F 184 -34.48 -16.19 10.35
CA ARG F 184 -34.55 -15.81 8.95
C ARG F 184 -35.84 -16.37 8.36
N GLY F 185 -36.28 -15.83 7.23
CA GLY F 185 -37.44 -16.41 6.58
C GLY F 185 -37.14 -17.78 5.98
N GLY F 186 -38.19 -18.59 5.84
CA GLY F 186 -38.05 -19.88 5.16
C GLY F 186 -37.31 -20.90 6.00
N ASP F 187 -36.46 -21.68 5.34
CA ASP F 187 -35.61 -22.64 6.02
C ASP F 187 -34.75 -21.94 7.07
N GLN F 188 -34.90 -22.34 8.33
CA GLN F 188 -34.04 -21.78 9.38
C GLN F 188 -32.64 -22.37 9.38
N TRP F 189 -32.39 -23.40 8.58
CA TRP F 189 -31.04 -23.93 8.41
C TRP F 189 -30.79 -24.20 6.93
N GLY G 13 -24.67 -52.48 29.97
CA GLY G 13 -25.42 -52.49 28.73
C GLY G 13 -24.60 -52.04 27.54
N ILE G 14 -23.67 -52.90 27.10
CA ILE G 14 -22.77 -52.60 26.00
C ILE G 14 -23.24 -53.39 24.79
N GLU G 15 -23.69 -52.69 23.75
CA GLU G 15 -24.11 -53.31 22.51
C GLU G 15 -22.92 -53.44 21.58
N TYR G 16 -22.89 -54.52 20.82
CA TYR G 16 -21.81 -54.80 19.88
C TYR G 16 -22.38 -54.85 18.47
N ARG G 17 -21.71 -54.17 17.54
CA ARG G 17 -22.11 -54.12 16.15
C ARG G 17 -20.92 -54.41 15.26
N SER G 18 -21.15 -55.16 14.19
CA SER G 18 -20.11 -55.52 13.23
C SER G 18 -20.49 -54.90 11.89
N LEU G 19 -19.75 -53.85 11.50
CA LEU G 19 -20.02 -53.12 10.27
C LEU G 19 -18.77 -53.10 9.39
N HIS G 20 -18.98 -53.26 8.09
CA HIS G 20 -17.96 -52.99 7.11
C HIS G 20 -17.71 -51.49 7.04
N THR G 21 -16.49 -51.12 6.61
CA THR G 21 -16.17 -49.72 6.45
C THR G 21 -17.20 -49.02 5.57
N SER G 22 -17.64 -49.70 4.51
CA SER G 22 -18.60 -49.15 3.56
C SER G 22 -19.99 -48.94 4.17
N GLN G 23 -20.24 -49.47 5.36
CA GLN G 23 -21.53 -49.29 6.02
C GLN G 23 -21.48 -48.28 7.17
N LEU G 24 -20.29 -47.81 7.54
CA LEU G 24 -20.19 -46.83 8.60
C LEU G 24 -20.74 -45.49 8.17
N THR G 25 -21.42 -44.83 9.11
CA THR G 25 -21.83 -43.45 8.90
C THR G 25 -20.65 -42.51 9.18
N LEU G 26 -20.78 -41.27 8.69
CA LEU G 26 -19.74 -40.28 8.97
C LEU G 26 -19.56 -40.08 10.47
N SER G 27 -20.67 -40.06 11.22
CA SER G 27 -20.57 -39.92 12.67
C SER G 27 -19.80 -41.08 13.28
N GLU G 28 -19.96 -42.28 12.73
CA GLU G 28 -19.24 -43.43 13.27
C GLU G 28 -17.75 -43.36 12.95
N LYS G 29 -17.41 -42.93 11.74
CA LYS G 29 -15.99 -42.75 11.40
C LYS G 29 -15.36 -41.68 12.27
N GLU G 30 -16.07 -40.56 12.49
CA GLU G 30 -15.57 -39.50 13.35
C GLU G 30 -15.26 -40.04 14.75
N ALA G 31 -16.23 -40.73 15.35
CA ALA G 31 -16.05 -41.23 16.71
C ALA G 31 -14.95 -42.29 16.76
N LEU G 32 -14.87 -43.12 15.73
CA LEU G 32 -13.82 -44.14 15.67
C LEU G 32 -12.44 -43.49 15.67
N TYR G 33 -12.28 -42.43 14.89
CA TYR G 33 -10.96 -41.80 14.79
C TYR G 33 -10.54 -41.21 16.13
N ASP G 34 -11.47 -40.53 16.83
CA ASP G 34 -11.12 -39.94 18.12
C ASP G 34 -10.71 -41.01 19.12
N LEU G 35 -11.38 -42.15 19.11
CA LEU G 35 -11.05 -43.20 20.06
C LEU G 35 -9.66 -43.78 19.78
N LEU G 36 -9.32 -43.97 18.50
CA LEU G 36 -7.99 -44.45 18.16
C LEU G 36 -6.92 -43.45 18.59
N ILE G 37 -7.17 -42.16 18.38
CA ILE G 37 -6.18 -41.15 18.75
C ILE G 37 -6.07 -41.04 20.26
N GLU G 38 -7.21 -41.06 20.96
CA GLU G 38 -7.19 -41.05 22.42
C GLU G 38 -6.50 -42.29 22.97
N GLY G 39 -6.66 -43.43 22.31
CA GLY G 39 -6.10 -44.68 22.78
C GLY G 39 -4.61 -44.87 22.52
N PHE G 40 -4.16 -44.53 21.31
CA PHE G 40 -2.76 -44.74 20.93
C PHE G 40 -1.91 -43.48 21.01
N GLU G 41 -2.51 -42.30 20.94
CA GLU G 41 -1.83 -41.00 21.08
C GLU G 41 -0.71 -40.95 20.04
N GLY G 42 0.53 -40.69 20.43
CA GLY G 42 1.59 -40.46 19.45
C GLY G 42 2.02 -41.67 18.65
N ASP G 43 1.49 -42.86 18.97
CA ASP G 43 1.91 -44.05 18.24
C ASP G 43 1.09 -44.30 16.98
N PHE G 44 -0.09 -43.68 16.84
CA PHE G 44 -0.96 -43.92 15.70
C PHE G 44 -0.52 -43.05 14.51
N SER G 45 0.24 -43.64 13.60
CA SER G 45 0.71 -42.96 12.40
C SER G 45 -0.42 -42.85 11.37
N HIS G 46 -0.14 -42.12 10.29
CA HIS G 46 -1.09 -42.08 9.19
C HIS G 46 -1.22 -43.43 8.52
N ASP G 47 -0.15 -44.22 8.51
CA ASP G 47 -0.21 -45.56 7.93
C ASP G 47 -1.11 -46.48 8.76
N ASP G 48 -1.03 -46.39 10.09
CA ASP G 48 -1.88 -47.25 10.92
C ASP G 48 -3.35 -46.96 10.71
N PHE G 49 -3.71 -45.69 10.51
CA PHE G 49 -5.10 -45.40 10.24
C PHE G 49 -5.53 -45.99 8.91
N ALA G 50 -4.64 -45.98 7.91
CA ALA G 50 -4.95 -46.59 6.63
C ALA G 50 -5.21 -48.09 6.79
N HIS G 51 -4.42 -48.75 7.63
CA HIS G 51 -4.58 -50.18 7.88
C HIS G 51 -5.89 -50.53 8.57
N THR G 52 -6.65 -49.53 9.03
CA THR G 52 -7.95 -49.74 9.64
C THR G 52 -9.07 -49.82 8.61
N LEU G 53 -8.87 -49.27 7.41
CA LEU G 53 -9.92 -49.14 6.41
C LEU G 53 -9.92 -50.30 5.43
N GLY G 54 -11.11 -50.68 4.98
CA GLY G 54 -11.28 -51.65 3.92
C GLY G 54 -11.96 -52.93 4.34
N GLY G 55 -11.97 -53.25 5.63
CA GLY G 55 -12.56 -54.48 6.11
C GLY G 55 -13.67 -54.25 7.11
N MET G 56 -13.84 -55.21 8.03
CA MET G 56 -14.91 -55.16 9.03
C MET G 56 -14.54 -54.60 10.39
N HIS G 57 -15.45 -53.82 10.99
CA HIS G 57 -15.16 -53.21 12.28
C HIS G 57 -16.11 -53.61 13.41
N VAL G 58 -15.59 -54.35 14.39
CA VAL G 58 -16.38 -54.72 15.55
C VAL G 58 -16.34 -53.53 16.50
N MET G 59 -17.51 -52.97 16.77
CA MET G 59 -17.61 -51.73 17.55
C MET G 59 -18.51 -51.95 18.76
N ALA G 60 -18.08 -51.42 19.90
CA ALA G 60 -18.78 -51.54 21.16
C ALA G 60 -19.35 -50.19 21.55
N PHE G 61 -20.63 -50.17 21.91
CA PHE G 61 -21.35 -48.94 22.15
C PHE G 61 -21.95 -48.91 23.54
N ASP G 62 -21.84 -47.76 24.20
CA ASP G 62 -22.61 -47.44 25.40
C ASP G 62 -23.67 -46.44 24.97
N GLN G 63 -24.79 -46.95 24.47
CA GLN G 63 -25.97 -46.14 24.22
C GLN G 63 -25.63 -44.90 23.37
N GLN G 64 -25.13 -45.17 22.17
CA GLN G 64 -24.74 -44.21 21.13
C GLN G 64 -23.33 -43.63 21.33
N LYS G 65 -22.57 -44.07 22.33
CA LYS G 65 -21.20 -43.60 22.52
C LYS G 65 -20.23 -44.74 22.25
N LEU G 66 -19.29 -44.52 21.34
CA LEU G 66 -18.33 -45.55 20.98
C LEU G 66 -17.30 -45.69 22.09
N VAL G 67 -17.19 -46.89 22.65
CA VAL G 67 -16.27 -47.15 23.76
C VAL G 67 -15.24 -48.22 23.45
N GLY G 68 -15.36 -48.94 22.34
CA GLY G 68 -14.36 -49.93 21.96
C GLY G 68 -14.45 -50.24 20.49
N HIS G 69 -13.31 -50.67 19.92
CA HIS G 69 -13.27 -50.98 18.50
C HIS G 69 -12.14 -51.96 18.21
N VAL G 70 -12.38 -52.80 17.19
CA VAL G 70 -11.33 -53.61 16.58
C VAL G 70 -11.71 -53.80 15.13
N ALA G 71 -10.70 -53.89 14.27
CA ALA G 71 -10.91 -54.04 12.83
C ALA G 71 -10.30 -55.35 12.36
N ILE G 72 -10.92 -55.94 11.34
CA ILE G 72 -10.42 -57.16 10.70
C ILE G 72 -10.27 -56.89 9.22
N ILE G 73 -9.04 -56.91 8.74
CA ILE G 73 -8.69 -56.61 7.36
C ILE G 73 -8.37 -57.92 6.65
N GLN G 74 -8.73 -58.00 5.37
CA GLN G 74 -8.33 -59.15 4.56
C GLN G 74 -6.95 -58.89 3.96
N ARG G 75 -6.03 -59.83 4.18
CA ARG G 75 -4.69 -59.75 3.61
C ARG G 75 -4.37 -61.10 2.98
N HIS G 76 -3.71 -61.05 1.83
CA HIS G 76 -3.38 -62.25 1.07
C HIS G 76 -1.89 -62.52 1.18
N MET G 77 -1.56 -63.55 1.95
CA MET G 77 -0.18 -63.93 2.27
C MET G 77 0.17 -65.38 1.95
N ALA G 78 1.46 -65.66 1.88
CA ALA G 78 1.97 -66.97 1.50
C ALA G 78 2.53 -67.65 2.74
N LEU G 79 2.07 -68.87 3.00
CA LEU G 79 2.63 -69.69 4.08
C LEU G 79 3.58 -70.69 3.44
N ASP G 80 4.79 -70.22 3.15
CA ASP G 80 5.83 -70.99 2.46
C ASP G 80 5.29 -71.60 1.16
N ASN G 81 5.14 -70.71 0.18
CA ASN G 81 4.71 -70.95 -1.19
C ASN G 81 3.22 -71.20 -1.33
N THR G 82 2.50 -71.44 -0.25
CA THR G 82 1.08 -71.68 -0.42
C THR G 82 0.28 -70.40 -0.10
N PRO G 83 -0.70 -70.04 -0.93
CA PRO G 83 -1.52 -68.86 -0.62
C PRO G 83 -2.43 -69.09 0.57
N ILE G 84 -2.43 -68.15 1.50
CA ILE G 84 -3.24 -68.23 2.71
C ILE G 84 -4.10 -66.97 2.80
N SER G 85 -5.34 -67.13 3.20
CA SER G 85 -6.31 -66.05 3.33
C SER G 85 -6.31 -65.61 4.79
N VAL G 86 -5.90 -64.38 5.04
CA VAL G 86 -5.62 -63.89 6.38
C VAL G 86 -6.63 -62.82 6.76
N GLY G 87 -7.24 -62.99 7.93
CA GLY G 87 -7.95 -61.90 8.56
C GLY G 87 -7.05 -61.21 9.56
N TYR G 88 -6.55 -60.03 9.20
CA TYR G 88 -5.57 -59.32 10.01
C TYR G 88 -6.31 -58.35 10.95
N VAL G 89 -5.96 -58.40 12.23
CA VAL G 89 -6.64 -57.62 13.26
C VAL G 89 -5.83 -56.36 13.55
N GLU G 90 -6.47 -55.21 13.48
CA GLU G 90 -5.80 -53.93 13.65
C GLU G 90 -6.66 -52.99 14.48
N ALA G 91 -5.99 -52.13 15.24
CA ALA G 91 -6.62 -51.01 15.96
C ALA G 91 -7.53 -51.50 17.09
N MET G 92 -7.01 -52.43 17.88
CA MET G 92 -7.66 -52.87 19.10
C MET G 92 -7.59 -51.76 20.15
N VAL G 93 -8.74 -51.29 20.61
CA VAL G 93 -8.75 -50.15 21.54
C VAL G 93 -10.06 -50.15 22.33
N VAL G 94 -9.92 -49.91 23.64
CA VAL G 94 -11.05 -49.66 24.54
C VAL G 94 -10.77 -48.37 25.27
N GLU G 95 -11.76 -47.48 25.34
CA GLU G 95 -11.62 -46.26 26.13
C GLU G 95 -11.26 -46.61 27.57
N GLN G 96 -10.32 -45.85 28.14
CA GLN G 96 -9.69 -46.20 29.41
C GLN G 96 -10.70 -46.26 30.56
N SER G 97 -11.77 -45.45 30.48
CA SER G 97 -12.75 -45.46 31.56
C SER G 97 -13.63 -46.70 31.46
N TYR G 98 -13.88 -47.15 30.24
CA TYR G 98 -14.58 -48.41 29.99
C TYR G 98 -13.63 -49.59 29.90
N ARG G 99 -12.33 -49.36 29.99
CA ARG G 99 -11.40 -50.45 30.15
C ARG G 99 -11.79 -51.24 31.40
N ARG G 100 -11.39 -52.50 31.44
CA ARG G 100 -11.61 -53.39 32.61
C ARG G 100 -13.00 -54.01 32.66
N GLN G 101 -13.82 -53.93 31.62
CA GLN G 101 -15.17 -54.45 31.71
C GLN G 101 -15.38 -55.70 30.87
N GLY G 102 -14.30 -56.31 30.38
CA GLY G 102 -14.41 -57.46 29.50
C GLY G 102 -14.74 -57.12 28.06
N ILE G 103 -14.83 -55.83 27.72
CA ILE G 103 -15.16 -55.43 26.36
C ILE G 103 -14.11 -55.94 25.37
N GLY G 104 -12.82 -55.81 25.74
CA GLY G 104 -11.77 -56.33 24.88
C GLY G 104 -11.94 -57.78 24.52
N ARG G 105 -12.46 -58.57 25.46
CA ARG G 105 -12.68 -60.00 25.17
C ARG G 105 -13.88 -60.19 24.24
N GLN G 106 -14.96 -59.44 24.46
CA GLN G 106 -16.13 -59.57 23.60
C GLN G 106 -15.80 -59.14 22.17
N LEU G 107 -14.98 -58.10 22.00
CA LEU G 107 -14.56 -57.68 20.68
C LEU G 107 -13.80 -58.78 19.96
N MET G 108 -12.94 -59.51 20.68
CA MET G 108 -12.17 -60.56 20.04
C MET G 108 -12.98 -61.83 19.84
N LEU G 109 -14.02 -62.05 20.64
CA LEU G 109 -14.94 -63.16 20.36
C LEU G 109 -15.66 -62.93 19.04
N GLN G 110 -16.19 -61.71 18.84
CA GLN G 110 -16.79 -61.37 17.56
C GLN G 110 -15.77 -61.41 16.44
N THR G 111 -14.51 -61.07 16.74
CA THR G 111 -13.46 -61.13 15.74
C THR G 111 -13.21 -62.55 15.25
N ASN G 112 -13.08 -63.49 16.18
CA ASN G 112 -12.85 -64.86 15.76
C ASN G 112 -14.06 -65.42 15.01
N LYS G 113 -15.28 -65.03 15.41
CA LYS G 113 -16.46 -65.37 14.62
C LYS G 113 -16.29 -64.94 13.17
N ILE G 114 -15.83 -63.71 12.95
CA ILE G 114 -15.63 -63.21 11.59
C ILE G 114 -14.50 -63.97 10.91
N ILE G 115 -13.39 -64.18 11.61
CA ILE G 115 -12.24 -64.87 11.02
C ILE G 115 -12.60 -66.30 10.65
N ALA G 116 -13.36 -66.96 11.52
CA ALA G 116 -13.70 -68.37 11.28
C ALA G 116 -14.54 -68.53 10.02
N SER G 117 -15.48 -67.62 9.80
CA SER G 117 -16.41 -67.73 8.68
C SER G 117 -15.85 -67.16 7.38
N CYS G 118 -14.68 -66.53 7.39
CA CYS G 118 -14.23 -65.80 6.21
C CYS G 118 -12.84 -66.20 5.73
N TYR G 119 -11.92 -66.50 6.64
CA TYR G 119 -10.52 -66.65 6.29
C TYR G 119 -9.98 -67.96 6.87
N GLN G 120 -8.80 -68.34 6.39
CA GLN G 120 -8.18 -69.56 6.87
C GLN G 120 -7.27 -69.34 8.06
N LEU G 121 -6.92 -68.10 8.37
CA LEU G 121 -6.00 -67.83 9.47
C LEU G 121 -6.12 -66.37 9.89
N GLY G 122 -6.15 -66.15 11.21
CA GLY G 122 -6.09 -64.82 11.78
C GLY G 122 -4.68 -64.51 12.23
N LEU G 123 -4.25 -63.27 12.02
CA LEU G 123 -2.94 -62.80 12.44
C LEU G 123 -3.09 -61.43 13.08
N LEU G 124 -2.11 -61.07 13.90
CA LEU G 124 -2.05 -59.74 14.50
C LEU G 124 -0.66 -59.52 15.07
N SER G 125 -0.36 -58.26 15.34
CA SER G 125 0.87 -57.85 16.03
C SER G 125 0.47 -57.07 17.26
N ALA G 126 0.78 -57.61 18.43
CA ALA G 126 0.38 -57.01 19.70
C ALA G 126 1.60 -56.62 20.52
N SER G 127 1.35 -55.83 21.55
CA SER G 127 2.35 -55.53 22.56
C SER G 127 2.35 -56.61 23.64
N ASP G 128 3.32 -56.51 24.56
CA ASP G 128 3.40 -57.48 25.65
C ASP G 128 2.14 -57.44 26.51
N ASP G 129 1.68 -56.24 26.85
CA ASP G 129 0.47 -56.11 27.66
C ASP G 129 -0.74 -56.68 26.94
N GLY G 130 -0.73 -56.67 25.60
CA GLY G 130 -1.88 -57.17 24.86
C GLY G 130 -1.94 -58.67 24.75
N GLN G 131 -0.78 -59.35 24.78
CA GLN G 131 -0.73 -60.76 24.41
C GLN G 131 -1.66 -61.61 25.25
N LYS G 132 -1.80 -61.29 26.54
CA LYS G 132 -2.63 -62.12 27.42
C LYS G 132 -4.09 -62.09 26.99
N LEU G 133 -4.59 -60.96 26.51
CA LEU G 133 -5.98 -60.93 26.10
C LEU G 133 -6.19 -61.82 24.88
N TYR G 134 -5.30 -61.69 23.87
CA TYR G 134 -5.45 -62.57 22.71
C TYR G 134 -5.13 -64.02 23.07
N HIS G 135 -4.16 -64.25 23.97
CA HIS G 135 -3.93 -65.62 24.40
CA HIS G 135 -3.89 -65.58 24.50
C HIS G 135 -5.12 -66.20 25.13
N SER G 136 -5.99 -65.36 25.69
CA SER G 136 -7.13 -65.84 26.46
C SER G 136 -8.27 -66.38 25.59
N VAL G 137 -8.28 -66.12 24.29
CA VAL G 137 -9.35 -66.65 23.45
C VAL G 137 -8.77 -67.34 22.21
N GLY G 138 -7.62 -68.01 22.38
CA GLY G 138 -7.16 -68.98 21.40
C GLY G 138 -5.97 -68.58 20.56
N TRP G 139 -5.44 -67.38 20.72
CA TRP G 139 -4.32 -66.94 19.88
C TRP G 139 -3.01 -67.42 20.46
N GLN G 140 -2.10 -67.83 19.57
CA GLN G 140 -0.77 -68.29 19.96
C GLN G 140 0.29 -67.53 19.18
N ILE G 141 1.44 -67.33 19.82
CA ILE G 141 2.55 -66.65 19.18
C ILE G 141 3.02 -67.45 17.98
N TRP G 142 3.31 -66.76 16.88
CA TRP G 142 3.74 -67.44 15.65
C TRP G 142 5.20 -67.84 15.78
N LYS G 143 5.46 -69.15 15.72
CA LYS G 143 6.81 -69.68 15.90
C LYS G 143 7.68 -69.54 14.66
N GLY G 144 7.07 -69.45 13.48
CA GLY G 144 7.82 -69.41 12.25
C GLY G 144 8.43 -68.06 11.96
N LYS G 145 9.08 -67.99 10.80
CA LYS G 145 9.77 -66.78 10.36
C LYS G 145 8.83 -65.90 9.55
N LEU G 146 9.01 -64.59 9.69
CA LEU G 146 8.15 -63.59 9.07
C LEU G 146 8.97 -62.73 8.11
N PHE G 147 8.43 -62.51 6.92
CA PHE G 147 9.11 -61.77 5.87
C PHE G 147 8.18 -60.68 5.33
N GLU G 148 8.73 -59.48 5.11
CA GLU G 148 8.00 -58.40 4.48
C GLU G 148 8.45 -58.22 3.04
N LEU G 149 7.67 -57.43 2.30
CA LEU G 149 7.90 -57.17 0.88
C LEU G 149 8.48 -55.77 0.73
N LYS G 150 9.79 -55.67 0.97
CA LYS G 150 10.50 -54.38 0.88
C LYS G 150 11.13 -54.25 -0.50
N GLN G 151 10.77 -53.18 -1.21
CA GLN G 151 11.41 -52.79 -2.46
C GLN G 151 11.38 -53.91 -3.50
N GLY G 152 10.22 -54.55 -3.65
CA GLY G 152 10.05 -55.57 -4.66
C GLY G 152 10.31 -57.00 -4.26
N SER G 153 11.33 -57.25 -3.43
CA SER G 153 11.69 -58.62 -3.09
C SER G 153 11.83 -58.80 -1.59
N TYR G 154 11.46 -59.99 -1.14
CA TYR G 154 11.15 -60.24 0.26
C TYR G 154 12.38 -60.14 1.15
N ILE G 155 12.27 -59.36 2.21
CA ILE G 155 13.23 -59.32 3.30
C ILE G 155 12.52 -59.81 4.56
N ARG G 156 13.30 -60.35 5.50
CA ARG G 156 12.72 -60.95 6.69
C ARG G 156 12.66 -59.95 7.84
N SER G 157 11.56 -60.02 8.59
CA SER G 157 11.28 -59.08 9.68
C SER G 157 11.66 -59.72 11.01
N ILE G 158 12.89 -59.46 11.46
CA ILE G 158 13.34 -59.93 12.77
C ILE G 158 12.53 -59.27 13.88
N GLU G 159 12.34 -57.95 13.77
CA GLU G 159 11.78 -57.11 14.81
C GLU G 159 10.37 -57.54 15.24
N GLU G 160 9.75 -58.46 14.53
CA GLU G 160 8.34 -58.81 14.73
C GLU G 160 8.11 -60.20 15.29
N GLU G 161 9.01 -61.14 15.02
CA GLU G 161 8.80 -62.52 15.43
C GLU G 161 8.84 -62.62 16.95
N GLY G 162 7.80 -63.22 17.51
CA GLY G 162 7.51 -63.13 18.93
C GLY G 162 6.42 -62.12 19.26
N GLY G 163 6.14 -61.21 18.34
CA GLY G 163 5.08 -60.23 18.53
C GLY G 163 3.83 -60.56 17.73
N VAL G 164 4.00 -61.32 16.66
CA VAL G 164 2.88 -61.74 15.82
C VAL G 164 2.28 -63.00 16.40
N MET G 165 0.95 -63.02 16.53
CA MET G 165 0.25 -64.22 16.96
C MET G 165 -0.86 -64.56 15.98
N GLY G 166 -1.24 -65.85 15.98
CA GLY G 166 -2.18 -66.36 15.02
C GLY G 166 -3.34 -67.10 15.67
N TRP G 167 -4.36 -67.32 14.86
CA TRP G 167 -5.56 -68.04 15.27
C TRP G 167 -6.16 -68.70 14.04
N LYS G 168 -6.38 -70.01 14.13
CA LYS G 168 -6.72 -70.83 12.97
C LYS G 168 -8.18 -71.26 13.01
N ALA G 169 -8.76 -71.44 11.83
CA ALA G 169 -10.15 -71.88 11.69
C ALA G 169 -10.22 -73.10 10.78
N ASP G 170 -10.46 -74.29 11.38
CA ASP G 170 -10.88 -75.51 10.67
C ASP G 170 -9.81 -76.08 9.72
N GLY G 171 -8.55 -76.11 10.14
CA GLY G 171 -7.52 -76.77 9.38
C GLY G 171 -6.30 -77.12 10.21
N GLU G 172 -5.11 -76.98 9.66
CA GLU G 172 -3.88 -77.22 10.42
C GLU G 172 -2.79 -76.30 9.84
N VAL G 173 -2.64 -75.12 10.41
CA VAL G 173 -1.62 -74.17 9.96
C VAL G 173 -0.38 -74.40 10.81
N ASP G 174 0.74 -74.68 10.14
CA ASP G 174 2.01 -74.93 10.81
C ASP G 174 2.56 -73.63 11.35
N PHE G 175 2.41 -73.38 12.65
CA PHE G 175 2.87 -72.14 13.23
C PHE G 175 4.39 -72.01 13.21
N THR G 176 5.10 -73.04 12.75
CA THR G 176 6.54 -72.99 12.53
C THR G 176 6.90 -72.62 11.09
N ALA G 177 5.95 -72.70 10.16
CA ALA G 177 6.23 -72.34 8.78
C ALA G 177 6.45 -70.84 8.65
N SER G 178 6.95 -70.44 7.48
CA SER G 178 7.28 -69.05 7.20
C SER G 178 6.08 -68.30 6.66
N LEU G 179 5.98 -67.02 7.02
CA LEU G 179 4.89 -66.15 6.58
C LEU G 179 5.46 -65.03 5.73
N TYR G 180 4.88 -64.84 4.54
CA TYR G 180 5.28 -63.78 3.62
C TYR G 180 4.08 -62.87 3.39
N CYS G 181 4.11 -61.68 3.99
CA CYS G 181 2.97 -60.78 4.01
C CYS G 181 2.88 -59.96 2.72
N ASP G 182 1.71 -59.38 2.49
CA ASP G 182 1.53 -58.47 1.38
C ASP G 182 2.10 -57.08 1.73
N PHE G 183 2.10 -56.20 0.74
CA PHE G 183 2.75 -54.91 0.85
C PHE G 183 1.78 -53.84 1.31
N ARG G 184 2.30 -52.89 2.10
CA ARG G 184 1.53 -51.74 2.55
C ARG G 184 2.48 -50.73 3.17
N GLY G 185 1.97 -49.51 3.36
CA GLY G 185 2.77 -48.47 3.97
C GLY G 185 2.98 -48.67 5.45
N GLY G 186 4.00 -48.01 5.98
CA GLY G 186 4.28 -48.11 7.40
C GLY G 186 4.79 -49.49 7.78
N ASP G 187 4.43 -49.92 8.99
CA ASP G 187 4.83 -51.24 9.43
C ASP G 187 4.04 -52.31 8.68
N GLN G 188 4.75 -53.29 8.14
CA GLN G 188 4.09 -54.34 7.37
C GLN G 188 3.25 -55.26 8.26
N TRP G 189 3.57 -55.34 9.54
CA TRP G 189 2.77 -56.10 10.49
C TRP G 189 2.09 -55.17 11.47
N MET H 12 -37.07 -51.66 -10.37
CA MET H 12 -38.32 -51.50 -9.63
C MET H 12 -38.65 -52.76 -8.85
N GLY H 13 -38.83 -53.87 -9.58
CA GLY H 13 -39.10 -55.14 -8.94
C GLY H 13 -37.89 -55.86 -8.39
N ILE H 14 -36.69 -55.33 -8.63
CA ILE H 14 -35.44 -55.96 -8.20
C ILE H 14 -34.90 -55.21 -7.00
N GLU H 15 -34.55 -55.96 -5.95
CA GLU H 15 -34.00 -55.40 -4.72
C GLU H 15 -32.52 -55.74 -4.62
N TYR H 16 -31.74 -54.79 -4.10
CA TYR H 16 -30.29 -54.92 -4.01
C TYR H 16 -29.87 -54.89 -2.56
N ARG H 17 -28.84 -55.67 -2.22
CA ARG H 17 -28.39 -55.78 -0.83
CA ARG H 17 -28.39 -55.77 -0.83
C ARG H 17 -26.89 -55.98 -0.81
N SER H 18 -26.20 -55.17 -0.01
CA SER H 18 -24.76 -55.26 0.17
C SER H 18 -24.48 -55.91 1.52
N LEU H 19 -23.70 -57.00 1.51
CA LEU H 19 -23.42 -57.73 2.73
C LEU H 19 -22.00 -58.27 2.70
N HIS H 20 -21.29 -58.13 3.82
CA HIS H 20 -20.01 -58.81 3.96
C HIS H 20 -20.21 -60.32 3.93
N THR H 21 -19.15 -61.03 3.57
CA THR H 21 -19.23 -62.49 3.61
C THR H 21 -19.53 -62.97 5.03
N SER H 22 -18.97 -62.27 6.04
CA SER H 22 -19.26 -62.58 7.44
C SER H 22 -20.74 -62.51 7.77
N GLN H 23 -21.57 -61.97 6.89
CA GLN H 23 -22.98 -61.77 7.18
C GLN H 23 -23.91 -62.65 6.34
N LEU H 24 -23.36 -63.50 5.48
CA LEU H 24 -24.18 -64.38 4.66
C LEU H 24 -24.51 -65.66 5.43
N THR H 25 -25.79 -66.02 5.41
CA THR H 25 -26.21 -67.34 5.88
C THR H 25 -25.56 -68.42 5.03
N LEU H 26 -25.48 -69.63 5.58
CA LEU H 26 -24.93 -70.74 4.81
C LEU H 26 -25.81 -71.04 3.61
N SER H 27 -27.13 -70.92 3.77
CA SER H 27 -28.03 -71.05 2.63
C SER H 27 -27.70 -70.02 1.55
N GLU H 28 -27.39 -68.78 1.97
CA GLU H 28 -27.09 -67.74 1.00
C GLU H 28 -25.79 -68.03 0.25
N LYS H 29 -24.77 -68.54 0.95
CA LYS H 29 -23.54 -68.96 0.29
C LYS H 29 -23.83 -70.04 -0.75
N GLU H 30 -24.71 -70.99 -0.40
CA GLU H 30 -25.08 -72.03 -1.36
C GLU H 30 -25.88 -71.46 -2.53
N ALA H 31 -26.82 -70.56 -2.25
CA ALA H 31 -27.56 -69.90 -3.32
C ALA H 31 -26.64 -69.06 -4.20
N LEU H 32 -25.56 -68.52 -3.62
CA LEU H 32 -24.60 -67.76 -4.40
C LEU H 32 -23.74 -68.69 -5.27
N TYR H 33 -23.31 -69.81 -4.71
CA TYR H 33 -22.52 -70.77 -5.49
C TYR H 33 -23.32 -71.29 -6.68
N ASP H 34 -24.60 -71.59 -6.47
CA ASP H 34 -25.46 -71.99 -7.59
C ASP H 34 -25.48 -70.92 -8.68
N LEU H 35 -25.67 -69.66 -8.27
CA LEU H 35 -25.78 -68.59 -9.26
C LEU H 35 -24.49 -68.42 -10.07
N LEU H 36 -23.33 -68.66 -9.46
CA LEU H 36 -22.12 -68.33 -10.20
C LEU H 36 -21.75 -69.43 -11.19
N ILE H 37 -21.79 -70.71 -10.79
CA ILE H 37 -21.58 -71.78 -11.76
C ILE H 37 -22.54 -71.61 -12.93
N GLU H 38 -23.79 -71.28 -12.64
CA GLU H 38 -24.81 -71.20 -13.67
C GLU H 38 -24.51 -70.11 -14.68
N GLY H 39 -24.13 -68.92 -14.19
CA GLY H 39 -23.83 -67.83 -15.10
C GLY H 39 -22.52 -67.98 -15.83
N PHE H 40 -21.57 -68.73 -15.27
CA PHE H 40 -20.25 -68.89 -15.85
C PHE H 40 -20.08 -70.23 -16.58
N GLU H 41 -21.16 -70.72 -17.18
CA GLU H 41 -21.15 -71.87 -18.08
C GLU H 41 -20.60 -73.14 -17.45
N GLY H 42 -20.38 -73.15 -16.14
CA GLY H 42 -19.82 -74.30 -15.45
C GLY H 42 -18.31 -74.27 -15.28
N ASP H 43 -17.60 -73.48 -16.08
CA ASP H 43 -16.14 -73.42 -15.98
C ASP H 43 -15.69 -72.96 -14.60
N PHE H 44 -16.50 -72.13 -13.94
CA PHE H 44 -16.22 -71.53 -12.64
C PHE H 44 -15.59 -72.50 -11.64
N SER H 45 -14.31 -72.30 -11.34
CA SER H 45 -13.56 -73.17 -10.46
C SER H 45 -13.83 -72.85 -8.99
N HIS H 46 -13.39 -73.76 -8.12
CA HIS H 46 -13.51 -73.51 -6.68
C HIS H 46 -12.54 -72.44 -6.22
N ASP H 47 -11.41 -72.28 -6.92
CA ASP H 47 -10.50 -71.19 -6.61
C ASP H 47 -11.18 -69.84 -6.86
N ASP H 48 -12.03 -69.77 -7.89
CA ASP H 48 -12.81 -68.56 -8.12
C ASP H 48 -13.81 -68.31 -7.01
N PHE H 49 -14.37 -69.37 -6.43
CA PHE H 49 -15.30 -69.20 -5.32
C PHE H 49 -14.60 -68.64 -4.09
N ALA H 50 -13.37 -69.09 -3.83
CA ALA H 50 -12.59 -68.52 -2.74
C ALA H 50 -12.29 -67.04 -2.99
N HIS H 51 -11.96 -66.69 -4.24
CA HIS H 51 -11.63 -65.31 -4.59
C HIS H 51 -12.76 -64.34 -4.31
N THR H 52 -13.99 -64.84 -4.21
CA THR H 52 -15.14 -63.98 -3.96
C THR H 52 -15.54 -63.92 -2.51
N LEU H 53 -14.91 -64.72 -1.66
CA LEU H 53 -15.22 -64.73 -0.24
C LEU H 53 -14.14 -63.96 0.52
N GLY H 54 -14.58 -63.11 1.45
CA GLY H 54 -13.65 -62.32 2.24
C GLY H 54 -14.01 -60.85 2.27
N GLY H 55 -14.75 -60.39 1.25
CA GLY H 55 -15.12 -58.99 1.17
C GLY H 55 -16.61 -58.77 1.09
N MET H 56 -17.03 -57.77 0.33
CA MET H 56 -18.44 -57.41 0.20
C MET H 56 -19.06 -58.06 -1.02
N HIS H 57 -20.34 -58.37 -0.91
CA HIS H 57 -21.15 -58.88 -2.02
C HIS H 57 -22.29 -57.92 -2.28
N VAL H 58 -22.50 -57.57 -3.54
CA VAL H 58 -23.66 -56.80 -3.98
C VAL H 58 -24.58 -57.76 -4.72
N MET H 59 -25.77 -57.99 -4.17
CA MET H 59 -26.64 -59.05 -4.66
C MET H 59 -27.98 -58.49 -5.09
N ALA H 60 -28.51 -59.02 -6.20
CA ALA H 60 -29.79 -58.63 -6.75
C ALA H 60 -30.79 -59.75 -6.52
N PHE H 61 -31.96 -59.41 -6.01
CA PHE H 61 -32.97 -60.39 -5.67
C PHE H 61 -34.28 -60.07 -6.37
N ASP H 62 -34.92 -61.11 -6.90
CA ASP H 62 -36.31 -61.03 -7.37
C ASP H 62 -37.16 -61.72 -6.30
N GLN H 63 -37.63 -60.86 -5.39
CA GLN H 63 -38.34 -61.29 -4.22
C GLN H 63 -37.22 -62.01 -3.48
N GLN H 64 -37.45 -63.29 -3.19
CA GLN H 64 -36.48 -64.10 -2.47
C GLN H 64 -35.60 -64.97 -3.40
N LYS H 65 -35.60 -64.65 -4.69
CA LYS H 65 -34.80 -65.39 -5.66
C LYS H 65 -33.54 -64.60 -5.98
N LEU H 66 -32.37 -65.22 -5.75
CA LEU H 66 -31.11 -64.55 -6.03
C LEU H 66 -30.89 -64.48 -7.54
N VAL H 67 -30.76 -63.25 -8.05
CA VAL H 67 -30.78 -62.97 -9.47
C VAL H 67 -29.44 -62.45 -9.97
N GLY H 68 -28.74 -61.65 -9.17
CA GLY H 68 -27.49 -61.07 -9.58
C GLY H 68 -26.53 -60.96 -8.43
N HIS H 69 -25.24 -60.94 -8.76
CA HIS H 69 -24.20 -60.83 -7.73
C HIS H 69 -22.94 -60.23 -8.33
N VAL H 70 -22.22 -59.47 -7.50
CA VAL H 70 -20.85 -59.08 -7.77
C VAL H 70 -20.17 -58.90 -6.43
N ALA H 71 -18.88 -59.17 -6.39
CA ALA H 71 -18.12 -59.15 -5.15
C ALA H 71 -16.94 -58.18 -5.26
N ILE H 72 -16.68 -57.48 -4.17
CA ILE H 72 -15.52 -56.60 -4.04
C ILE H 72 -14.67 -57.12 -2.90
N ILE H 73 -13.42 -57.46 -3.19
CA ILE H 73 -12.51 -57.99 -2.19
C ILE H 73 -11.32 -57.05 -2.07
N GLN H 74 -10.86 -56.85 -0.84
CA GLN H 74 -9.74 -55.95 -0.59
C GLN H 74 -8.44 -56.62 -1.01
N ARG H 75 -7.62 -55.88 -1.75
CA ARG H 75 -6.29 -56.33 -2.13
C ARG H 75 -5.30 -55.19 -1.90
N HIS H 76 -4.09 -55.56 -1.51
CA HIS H 76 -3.03 -54.60 -1.21
C HIS H 76 -1.94 -54.77 -2.24
N MET H 77 -1.76 -53.75 -3.08
CA MET H 77 -0.84 -53.80 -4.20
C MET H 77 0.18 -52.67 -4.07
N ALA H 78 1.11 -52.64 -5.03
CA ALA H 78 2.09 -51.57 -5.13
C ALA H 78 1.94 -50.91 -6.49
N LEU H 79 1.77 -49.59 -6.49
CA LEU H 79 1.76 -48.83 -7.74
C LEU H 79 3.13 -48.16 -7.86
N ASP H 80 4.08 -48.91 -8.40
CA ASP H 80 5.42 -48.40 -8.72
C ASP H 80 6.12 -47.85 -7.47
N ASN H 81 6.34 -48.76 -6.52
CA ASN H 81 6.99 -48.61 -5.22
C ASN H 81 6.03 -48.00 -4.16
N THR H 82 4.87 -47.52 -4.53
CA THR H 82 3.94 -46.93 -3.58
C THR H 82 2.82 -47.91 -3.22
N PRO H 83 2.45 -48.01 -1.94
CA PRO H 83 1.30 -48.85 -1.58
C PRO H 83 0.02 -48.28 -2.12
N ILE H 84 -0.85 -49.15 -2.63
CA ILE H 84 -2.17 -48.75 -3.09
C ILE H 84 -3.20 -49.74 -2.58
N SER H 85 -4.28 -49.22 -2.00
CA SER H 85 -5.36 -50.04 -1.46
C SER H 85 -6.39 -50.26 -2.56
N VAL H 86 -6.62 -51.52 -2.93
CA VAL H 86 -7.37 -51.88 -4.12
C VAL H 86 -8.67 -52.56 -3.71
N GLY H 87 -9.77 -52.15 -4.34
CA GLY H 87 -11.01 -52.88 -4.28
C GLY H 87 -11.18 -53.70 -5.55
N TYR H 88 -10.99 -55.01 -5.46
CA TYR H 88 -10.97 -55.89 -6.62
C TYR H 88 -12.35 -56.51 -6.82
N VAL H 89 -12.87 -56.41 -8.05
CA VAL H 89 -14.23 -56.81 -8.38
C VAL H 89 -14.20 -58.23 -8.93
N GLU H 90 -15.10 -59.09 -8.43
CA GLU H 90 -15.05 -60.51 -8.72
C GLU H 90 -16.44 -61.08 -8.95
N ALA H 91 -16.51 -62.13 -9.77
CA ALA H 91 -17.70 -62.93 -10.03
C ALA H 91 -18.94 -62.07 -10.31
N MET H 92 -18.82 -61.25 -11.35
CA MET H 92 -19.99 -60.53 -11.86
C MET H 92 -20.86 -61.50 -12.64
N VAL H 93 -22.11 -61.64 -12.25
CA VAL H 93 -23.01 -62.61 -12.88
C VAL H 93 -24.45 -62.11 -12.77
N VAL H 94 -25.19 -62.29 -13.86
CA VAL H 94 -26.63 -62.05 -13.89
C VAL H 94 -27.28 -63.28 -14.51
N GLU H 95 -28.37 -63.74 -13.89
CA GLU H 95 -29.05 -64.93 -14.41
C GLU H 95 -29.66 -64.65 -15.78
N GLN H 96 -29.52 -65.64 -16.67
CA GLN H 96 -29.91 -65.53 -18.07
C GLN H 96 -31.29 -64.94 -18.24
N SER H 97 -32.28 -65.52 -17.55
CA SER H 97 -33.66 -65.06 -17.66
C SER H 97 -33.83 -63.62 -17.19
N TYR H 98 -32.83 -63.04 -16.52
CA TYR H 98 -32.94 -61.70 -15.97
C TYR H 98 -31.98 -60.71 -16.61
N ARG H 99 -31.26 -61.13 -17.65
CA ARG H 99 -30.35 -60.22 -18.33
C ARG H 99 -31.14 -59.18 -19.13
N ARG H 100 -30.43 -58.24 -19.74
CA ARG H 100 -31.05 -57.18 -20.53
C ARG H 100 -32.00 -56.30 -19.70
N GLN H 101 -31.81 -56.25 -18.39
CA GLN H 101 -32.64 -55.44 -17.51
C GLN H 101 -31.88 -54.29 -16.87
N GLY H 102 -30.59 -54.16 -17.14
CA GLY H 102 -29.80 -53.15 -16.47
C GLY H 102 -29.38 -53.53 -15.07
N ILE H 103 -29.49 -54.81 -14.70
CA ILE H 103 -29.13 -55.24 -13.36
C ILE H 103 -27.64 -55.10 -13.14
N GLY H 104 -26.82 -55.52 -14.11
CA GLY H 104 -25.39 -55.39 -13.99
C GLY H 104 -24.95 -53.96 -13.76
N ARG H 105 -25.63 -53.00 -14.39
CA ARG H 105 -25.28 -51.61 -14.15
C ARG H 105 -25.61 -51.19 -12.72
N GLN H 106 -26.79 -51.58 -12.23
CA GLN H 106 -27.11 -51.30 -10.83
C GLN H 106 -26.09 -51.93 -9.89
N LEU H 107 -25.67 -53.16 -10.19
CA LEU H 107 -24.66 -53.81 -9.37
C LEU H 107 -23.37 -53.00 -9.38
N MET H 108 -22.91 -52.60 -10.57
CA MET H 108 -21.62 -51.90 -10.66
C MET H 108 -21.68 -50.50 -10.08
N LEU H 109 -22.84 -49.83 -10.15
CA LEU H 109 -22.94 -48.53 -9.51
C LEU H 109 -22.94 -48.66 -7.99
N GLN H 110 -23.51 -49.75 -7.47
CA GLN H 110 -23.34 -50.04 -6.06
C GLN H 110 -21.89 -50.37 -5.73
N THR H 111 -21.22 -51.10 -6.63
CA THR H 111 -19.81 -51.46 -6.45
C THR H 111 -18.91 -50.23 -6.44
N ASN H 112 -19.15 -49.31 -7.37
CA ASN H 112 -18.43 -48.05 -7.42
C ASN H 112 -18.57 -47.30 -6.09
N LYS H 113 -19.78 -47.25 -5.54
CA LYS H 113 -19.99 -46.54 -4.28
C LYS H 113 -19.24 -47.19 -3.14
N ILE H 114 -19.06 -48.51 -3.17
CA ILE H 114 -18.31 -49.19 -2.13
C ILE H 114 -16.81 -48.92 -2.28
N ILE H 115 -16.31 -48.97 -3.52
CA ILE H 115 -14.90 -48.70 -3.76
C ILE H 115 -14.56 -47.26 -3.38
N ALA H 116 -15.39 -46.32 -3.80
CA ALA H 116 -15.13 -44.91 -3.51
C ALA H 116 -15.11 -44.66 -2.00
N SER H 117 -15.81 -45.47 -1.23
CA SER H 117 -15.88 -45.30 0.21
C SER H 117 -14.76 -45.97 0.97
N CYS H 118 -14.04 -46.92 0.35
CA CYS H 118 -13.14 -47.78 1.11
C CYS H 118 -11.72 -47.82 0.58
N TYR H 119 -11.55 -47.66 -0.74
CA TYR H 119 -10.29 -48.00 -1.39
C TYR H 119 -9.80 -46.85 -2.23
N GLN H 120 -8.51 -46.90 -2.58
CA GLN H 120 -7.94 -45.89 -3.45
C GLN H 120 -8.13 -46.19 -4.93
N LEU H 121 -8.36 -47.46 -5.28
CA LEU H 121 -8.48 -47.82 -6.69
C LEU H 121 -9.32 -49.09 -6.84
N GLY H 122 -10.25 -49.07 -7.78
CA GLY H 122 -10.97 -50.27 -8.17
C GLY H 122 -10.28 -50.93 -9.35
N LEU H 123 -10.16 -52.26 -9.28
CA LEU H 123 -9.57 -53.03 -10.37
C LEU H 123 -10.44 -54.26 -10.62
N LEU H 124 -10.37 -54.75 -11.85
CA LEU H 124 -11.05 -55.99 -12.23
C LEU H 124 -10.39 -56.54 -13.48
N SER H 125 -10.46 -57.85 -13.64
CA SER H 125 -10.00 -58.51 -14.85
C SER H 125 -11.23 -58.91 -15.64
N ALA H 126 -11.51 -58.14 -16.70
CA ALA H 126 -12.56 -58.52 -17.63
C ALA H 126 -11.99 -58.65 -19.02
N SER H 127 -12.80 -58.33 -20.03
CA SER H 127 -12.55 -59.03 -21.26
C SER H 127 -13.47 -58.49 -22.35
N ASP H 128 -13.07 -58.71 -23.62
CA ASP H 128 -13.80 -58.15 -24.75
C ASP H 128 -15.21 -58.70 -24.88
N ASP H 129 -15.72 -59.47 -23.92
CA ASP H 129 -17.14 -59.75 -23.83
C ASP H 129 -17.84 -58.97 -22.72
N GLY H 130 -17.09 -58.42 -21.75
CA GLY H 130 -17.69 -57.71 -20.64
C GLY H 130 -17.14 -56.32 -20.39
N GLN H 131 -16.15 -55.88 -21.16
CA GLN H 131 -15.57 -54.56 -20.97
C GLN H 131 -16.56 -53.43 -21.21
N LYS H 132 -17.71 -53.71 -21.84
CA LYS H 132 -18.65 -52.66 -22.20
C LYS H 132 -19.47 -52.20 -21.00
N LEU H 133 -19.99 -53.16 -20.23
CA LEU H 133 -20.70 -52.82 -19.00
C LEU H 133 -19.82 -51.97 -18.09
N TYR H 134 -18.57 -52.38 -17.91
CA TYR H 134 -17.67 -51.63 -17.04
C TYR H 134 -17.25 -50.31 -17.67
N HIS H 135 -17.13 -50.25 -18.99
CA HIS H 135 -16.82 -48.98 -19.64
C HIS H 135 -17.95 -47.97 -19.48
N SER H 136 -19.18 -48.45 -19.36
CA SER H 136 -20.35 -47.60 -19.24
C SER H 136 -20.55 -47.06 -17.83
N VAL H 137 -19.73 -47.46 -16.86
CA VAL H 137 -19.82 -46.96 -15.51
C VAL H 137 -18.57 -46.21 -15.08
N GLY H 138 -17.64 -45.97 -16.00
CA GLY H 138 -16.45 -45.18 -15.72
C GLY H 138 -15.16 -45.97 -15.69
N TRP H 139 -15.18 -47.27 -15.93
CA TRP H 139 -13.96 -48.06 -15.89
C TRP H 139 -13.25 -48.00 -17.24
N GLN H 140 -11.92 -48.02 -17.18
CA GLN H 140 -11.09 -47.90 -18.36
C GLN H 140 -9.97 -48.92 -18.31
N ILE H 141 -9.49 -49.32 -19.48
CA ILE H 141 -8.41 -50.29 -19.57
C ILE H 141 -7.16 -49.73 -18.89
N TRP H 142 -6.57 -50.51 -18.01
CA TRP H 142 -5.29 -50.14 -17.41
C TRP H 142 -4.18 -50.30 -18.46
N LYS H 143 -3.38 -49.25 -18.63
CA LYS H 143 -2.40 -49.24 -19.72
C LYS H 143 -1.00 -49.61 -19.27
N GLY H 144 -0.72 -49.60 -17.97
CA GLY H 144 0.60 -49.94 -17.48
C GLY H 144 0.83 -51.44 -17.47
N LYS H 145 2.03 -51.82 -17.04
CA LYS H 145 2.32 -53.25 -16.96
C LYS H 145 1.89 -53.80 -15.61
N LEU H 146 1.76 -55.12 -15.56
CA LEU H 146 1.24 -55.82 -14.39
C LEU H 146 2.21 -56.91 -13.97
N PHE H 147 2.29 -57.13 -12.66
CA PHE H 147 3.23 -58.09 -12.09
C PHE H 147 2.53 -58.94 -11.04
N GLU H 148 3.04 -60.16 -10.88
CA GLU H 148 2.52 -61.08 -9.88
C GLU H 148 3.68 -61.80 -9.22
N LEU H 149 3.39 -62.42 -8.08
CA LEU H 149 4.37 -63.15 -7.29
C LEU H 149 4.41 -64.61 -7.73
N LYS H 150 5.56 -65.10 -8.16
CA LYS H 150 5.67 -66.55 -8.26
C LYS H 150 7.07 -67.04 -7.93
N GLN H 151 7.11 -67.86 -6.87
CA GLN H 151 8.32 -68.46 -6.31
C GLN H 151 9.22 -67.41 -5.66
N GLY H 152 8.62 -66.38 -5.07
CA GLY H 152 9.32 -65.42 -4.26
C GLY H 152 9.65 -64.11 -4.96
N SER H 153 9.74 -64.11 -6.29
CA SER H 153 10.08 -62.92 -7.04
C SER H 153 8.93 -62.54 -7.96
N TYR H 154 8.96 -61.30 -8.42
CA TYR H 154 7.86 -60.73 -9.20
C TYR H 154 8.05 -61.01 -10.68
N ILE H 155 7.06 -61.65 -11.28
CA ILE H 155 7.03 -61.95 -12.71
C ILE H 155 6.00 -61.05 -13.36
N ARG H 156 6.22 -60.71 -14.62
CA ARG H 156 5.26 -59.90 -15.35
C ARG H 156 4.13 -60.77 -15.90
N SER H 157 2.89 -60.29 -15.77
CA SER H 157 1.71 -61.00 -16.25
C SER H 157 1.32 -60.44 -17.62
N ILE H 158 2.05 -60.90 -18.64
CA ILE H 158 1.84 -60.38 -20.00
C ILE H 158 0.47 -60.77 -20.55
N GLU H 159 -0.04 -61.93 -20.14
CA GLU H 159 -1.30 -62.43 -20.71
C GLU H 159 -2.50 -61.63 -20.22
N GLU H 160 -2.40 -60.98 -19.07
CA GLU H 160 -3.51 -60.23 -18.52
C GLU H 160 -3.50 -58.76 -18.92
N GLU H 161 -2.36 -58.24 -19.37
CA GLU H 161 -2.30 -56.84 -19.80
C GLU H 161 -3.25 -56.63 -20.97
N GLY H 162 -4.06 -55.56 -20.89
CA GLY H 162 -5.13 -55.30 -21.82
C GLY H 162 -6.49 -55.73 -21.33
N GLY H 163 -6.55 -56.60 -20.32
CA GLY H 163 -7.83 -57.07 -19.81
C GLY H 163 -8.19 -56.48 -18.47
N VAL H 164 -7.21 -55.94 -17.76
CA VAL H 164 -7.42 -55.36 -16.44
C VAL H 164 -7.90 -53.93 -16.58
N MET H 165 -9.02 -53.61 -15.95
CA MET H 165 -9.59 -52.26 -16.02
C MET H 165 -9.63 -51.64 -14.64
N GLY H 166 -9.44 -50.31 -14.60
CA GLY H 166 -9.38 -49.56 -13.37
C GLY H 166 -10.49 -48.51 -13.30
N TRP H 167 -10.65 -48.00 -12.08
CA TRP H 167 -11.65 -46.98 -11.80
C TRP H 167 -11.16 -46.20 -10.58
N LYS H 168 -11.03 -44.89 -10.71
CA LYS H 168 -10.43 -44.11 -9.65
C LYS H 168 -11.47 -43.58 -8.67
N ALA H 169 -11.10 -43.58 -7.39
CA ALA H 169 -11.94 -43.06 -6.31
C ALA H 169 -11.43 -41.69 -5.86
N ASP H 170 -12.19 -40.63 -6.20
CA ASP H 170 -12.05 -39.19 -5.92
C ASP H 170 -10.68 -38.52 -6.06
N GLY H 171 -10.28 -38.25 -7.31
CA GLY H 171 -8.99 -37.65 -7.69
C GLY H 171 -8.40 -38.30 -8.92
N GLU H 172 -7.11 -38.55 -9.04
CA GLU H 172 -6.55 -39.24 -10.22
C GLU H 172 -5.28 -40.05 -9.93
N VAL H 173 -5.14 -41.18 -10.67
CA VAL H 173 -3.97 -42.07 -10.58
C VAL H 173 -3.46 -42.39 -11.99
N ASP H 174 -2.14 -42.52 -12.12
CA ASP H 174 -1.48 -42.84 -13.38
C ASP H 174 -1.88 -44.22 -13.87
N PHE H 175 -2.76 -44.29 -14.87
CA PHE H 175 -3.16 -45.57 -15.43
C PHE H 175 -2.07 -46.21 -16.29
N THR H 176 -0.90 -45.58 -16.39
CA THR H 176 0.23 -46.15 -17.10
C THR H 176 1.32 -46.67 -16.19
N ALA H 177 1.22 -46.44 -14.88
CA ALA H 177 2.21 -46.98 -13.95
C ALA H 177 2.07 -48.49 -13.85
N SER H 178 3.06 -49.13 -13.25
CA SER H 178 3.02 -50.57 -13.08
C SER H 178 2.25 -50.94 -11.82
N LEU H 179 1.61 -52.10 -11.88
CA LEU H 179 0.84 -52.64 -10.76
C LEU H 179 1.47 -53.95 -10.32
N TYR H 180 1.64 -54.11 -9.01
CA TYR H 180 2.24 -55.31 -8.41
C TYR H 180 1.22 -55.91 -7.45
N CYS H 181 0.48 -56.92 -7.90
CA CYS H 181 -0.62 -57.45 -7.11
C CYS H 181 -0.10 -58.35 -6.00
N ASP H 182 -0.99 -58.69 -5.08
CA ASP H 182 -0.67 -59.60 -4.00
C ASP H 182 -0.96 -61.04 -4.41
N PHE H 183 -0.30 -61.98 -3.75
CA PHE H 183 -0.34 -63.37 -4.17
C PHE H 183 -1.57 -64.07 -3.59
N ARG H 184 -2.22 -64.88 -4.42
CA ARG H 184 -3.40 -65.63 -4.01
C ARG H 184 -3.44 -66.94 -4.79
N GLY H 185 -4.43 -67.77 -4.47
CA GLY H 185 -4.60 -69.02 -5.17
C GLY H 185 -5.29 -68.85 -6.51
N GLY H 186 -5.04 -69.79 -7.41
CA GLY H 186 -5.64 -69.71 -8.73
C GLY H 186 -5.03 -68.57 -9.54
N ASP H 187 -5.85 -67.99 -10.42
CA ASP H 187 -5.37 -66.89 -11.25
C ASP H 187 -5.14 -65.64 -10.40
N GLN H 188 -3.96 -65.04 -10.57
CA GLN H 188 -3.60 -63.86 -9.80
C GLN H 188 -4.48 -62.66 -10.16
N TRP H 189 -4.77 -62.48 -11.43
CA TRP H 189 -5.62 -61.38 -11.86
C TRP H 189 -6.98 -61.92 -12.30
N MET I 12 45.05 -12.90 -3.37
CA MET I 12 44.39 -13.48 -2.21
C MET I 12 43.50 -14.64 -2.62
N GLY I 13 43.69 -15.14 -3.83
CA GLY I 13 42.90 -16.24 -4.36
C GLY I 13 41.65 -15.82 -5.10
N ILE I 14 41.25 -14.56 -5.01
CA ILE I 14 40.07 -14.05 -5.70
C ILE I 14 40.51 -13.35 -6.99
N GLU I 15 39.88 -13.71 -8.10
CA GLU I 15 40.16 -13.09 -9.39
C GLU I 15 39.05 -12.12 -9.76
N TYR I 16 39.42 -11.06 -10.46
CA TYR I 16 38.49 -10.01 -10.86
C TYR I 16 38.50 -9.87 -12.38
N ARG I 17 37.31 -9.76 -12.96
CA ARG I 17 37.16 -9.63 -14.40
C ARG I 17 36.12 -8.55 -14.70
N SER I 18 36.33 -7.83 -15.79
CA SER I 18 35.47 -6.74 -16.22
C SER I 18 34.94 -7.03 -17.62
N LEU I 19 33.64 -7.20 -17.74
CA LEU I 19 33.02 -7.55 -19.00
C LEU I 19 31.71 -6.79 -19.19
N HIS I 20 31.46 -6.32 -20.40
CA HIS I 20 30.21 -5.66 -20.71
C HIS I 20 29.08 -6.69 -20.82
N THR I 21 27.85 -6.22 -20.62
CA THR I 21 26.67 -7.09 -20.72
C THR I 21 26.69 -7.91 -22.00
N SER I 22 27.07 -7.28 -23.12
CA SER I 22 27.10 -7.95 -24.41
C SER I 22 28.16 -9.04 -24.50
N GLN I 23 29.10 -9.10 -23.55
CA GLN I 23 30.15 -10.11 -23.56
C GLN I 23 29.88 -11.28 -22.63
N LEU I 24 28.72 -11.30 -21.97
CA LEU I 24 28.38 -12.38 -21.04
C LEU I 24 27.66 -13.51 -21.77
N THR I 25 28.00 -14.75 -21.42
CA THR I 25 27.32 -15.90 -21.96
C THR I 25 25.95 -16.06 -21.32
N LEU I 26 25.12 -16.90 -21.93
CA LEU I 26 23.81 -17.22 -21.36
C LEU I 26 23.97 -17.77 -19.94
N SER I 27 25.00 -18.58 -19.71
CA SER I 27 25.24 -19.13 -18.39
C SER I 27 25.62 -18.03 -17.40
N GLU I 28 26.62 -17.21 -17.76
CA GLU I 28 27.12 -16.19 -16.84
C GLU I 28 26.01 -15.23 -16.41
N LYS I 29 25.12 -14.87 -17.35
CA LYS I 29 24.02 -13.98 -17.01
C LYS I 29 23.11 -14.58 -15.96
N GLU I 30 22.99 -15.91 -15.92
CA GLU I 30 22.09 -16.55 -14.98
C GLU I 30 22.74 -16.71 -13.61
N ALA I 31 24.04 -17.04 -13.57
CA ALA I 31 24.74 -17.05 -12.29
C ALA I 31 24.69 -15.68 -11.64
N LEU I 32 24.81 -14.63 -12.45
CA LEU I 32 24.73 -13.27 -11.94
C LEU I 32 23.39 -13.01 -11.25
N TYR I 33 22.29 -13.43 -11.87
CA TYR I 33 20.98 -13.21 -11.28
C TYR I 33 20.84 -13.95 -9.96
N ASP I 34 21.27 -15.21 -9.92
CA ASP I 34 21.13 -15.97 -8.68
C ASP I 34 22.02 -15.40 -7.58
N LEU I 35 23.26 -15.02 -7.91
CA LEU I 35 24.09 -14.33 -6.92
C LEU I 35 23.39 -13.07 -6.42
N LEU I 36 22.80 -12.33 -7.36
CA LEU I 36 22.05 -11.12 -7.05
C LEU I 36 20.79 -11.35 -6.21
N ILE I 37 20.05 -12.41 -6.50
CA ILE I 37 18.79 -12.66 -5.79
C ILE I 37 19.05 -13.25 -4.41
N GLU I 38 20.13 -14.01 -4.23
CA GLU I 38 20.42 -14.50 -2.88
C GLU I 38 21.14 -13.44 -2.06
N GLY I 39 22.04 -12.68 -2.68
CA GLY I 39 22.75 -11.64 -1.96
C GLY I 39 21.83 -10.63 -1.29
N PHE I 40 20.68 -10.35 -1.90
CA PHE I 40 19.71 -9.41 -1.36
C PHE I 40 18.56 -10.08 -0.63
N GLU I 41 18.61 -11.42 -0.48
CA GLU I 41 17.59 -12.18 0.23
C GLU I 41 16.19 -11.89 -0.31
N GLY I 42 16.06 -11.94 -1.63
CA GLY I 42 14.79 -11.74 -2.28
C GLY I 42 14.37 -10.29 -2.48
N ASP I 43 15.02 -9.35 -1.80
CA ASP I 43 14.70 -7.93 -1.95
C ASP I 43 15.49 -7.37 -3.14
N PHE I 44 15.13 -7.87 -4.33
CA PHE I 44 15.78 -7.41 -5.56
C PHE I 44 14.78 -7.65 -6.70
N SER I 45 14.12 -6.59 -7.13
CA SER I 45 13.02 -6.70 -8.08
C SER I 45 13.56 -6.96 -9.49
N HIS I 46 12.64 -7.26 -10.40
CA HIS I 46 13.03 -7.41 -11.81
C HIS I 46 13.43 -6.07 -12.41
N ASP I 47 12.86 -4.97 -11.94
CA ASP I 47 13.36 -3.68 -12.40
C ASP I 47 14.76 -3.41 -11.85
N ASP I 48 15.06 -3.89 -10.63
CA ASP I 48 16.42 -3.79 -10.13
C ASP I 48 17.40 -4.55 -11.04
N PHE I 49 16.98 -5.72 -11.55
CA PHE I 49 17.84 -6.47 -12.45
C PHE I 49 18.05 -5.73 -13.77
N ALA I 50 16.99 -5.12 -14.30
CA ALA I 50 17.12 -4.40 -15.57
C ALA I 50 18.07 -3.22 -15.43
N HIS I 51 18.13 -2.58 -14.26
CA HIS I 51 19.03 -1.46 -14.05
C HIS I 51 20.51 -1.86 -14.14
N THR I 52 20.83 -3.15 -13.99
CA THR I 52 22.21 -3.61 -13.98
C THR I 52 22.69 -4.08 -15.34
N LEU I 53 21.84 -4.08 -16.36
CA LEU I 53 22.18 -4.60 -17.67
C LEU I 53 22.30 -3.48 -18.69
N GLY I 54 23.33 -3.55 -19.52
CA GLY I 54 23.59 -2.55 -20.54
C GLY I 54 24.92 -1.82 -20.40
N GLY I 55 25.65 -2.00 -19.30
CA GLY I 55 26.92 -1.39 -19.06
C GLY I 55 27.99 -2.44 -18.79
N MET I 56 28.93 -2.07 -17.91
CA MET I 56 30.00 -2.99 -17.56
C MET I 56 29.80 -3.57 -16.17
N HIS I 57 30.22 -4.82 -16.03
CA HIS I 57 30.15 -5.55 -14.78
C HIS I 57 31.57 -5.89 -14.32
N VAL I 58 31.88 -5.55 -13.08
CA VAL I 58 33.11 -6.01 -12.43
C VAL I 58 32.73 -7.18 -11.55
N MET I 59 33.37 -8.32 -11.76
CA MET I 59 32.97 -9.57 -11.13
C MET I 59 34.16 -10.22 -10.43
N ALA I 60 33.90 -10.75 -9.23
CA ALA I 60 34.90 -11.44 -8.45
C ALA I 60 34.63 -12.95 -8.50
N PHE I 61 35.70 -13.72 -8.64
CA PHE I 61 35.59 -15.17 -8.80
C PHE I 61 36.51 -15.88 -7.82
N ASP I 62 35.97 -16.88 -7.13
CA ASP I 62 36.77 -17.82 -6.33
C ASP I 62 36.98 -19.05 -7.20
N GLN I 63 37.89 -18.91 -8.16
CA GLN I 63 38.24 -19.97 -9.11
C GLN I 63 37.00 -20.62 -9.71
N GLN I 64 36.37 -19.92 -10.65
CA GLN I 64 35.24 -20.32 -11.51
C GLN I 64 33.88 -20.10 -10.85
N LYS I 65 33.84 -19.76 -9.56
CA LYS I 65 32.57 -19.52 -8.85
C LYS I 65 32.39 -18.03 -8.65
N LEU I 66 31.31 -17.48 -9.22
CA LEU I 66 31.01 -16.07 -9.05
C LEU I 66 30.68 -15.78 -7.59
N VAL I 67 31.38 -14.79 -7.01
CA VAL I 67 31.21 -14.46 -5.60
C VAL I 67 30.97 -12.98 -5.37
N GLY I 68 31.26 -12.12 -6.33
CA GLY I 68 31.05 -10.69 -6.16
C GLY I 68 30.73 -10.06 -7.49
N HIS I 69 29.99 -8.95 -7.43
CA HIS I 69 29.65 -8.26 -8.66
C HIS I 69 29.32 -6.80 -8.35
N VAL I 70 29.71 -5.94 -9.27
CA VAL I 70 29.33 -4.53 -9.30
C VAL I 70 29.04 -4.20 -10.76
N ALA I 71 28.16 -3.23 -10.98
CA ALA I 71 27.79 -2.84 -12.33
C ALA I 71 27.83 -1.32 -12.46
N ILE I 72 28.34 -0.86 -13.59
CA ILE I 72 28.43 0.57 -13.91
C ILE I 72 27.68 0.80 -15.20
N ILE I 73 26.62 1.61 -15.14
CA ILE I 73 25.81 1.92 -16.31
C ILE I 73 25.91 3.41 -16.59
N GLN I 74 25.68 3.77 -17.85
CA GLN I 74 25.66 5.17 -18.25
C GLN I 74 24.25 5.73 -18.06
N ARG I 75 24.15 6.85 -17.36
CA ARG I 75 22.90 7.60 -17.27
C ARG I 75 23.16 9.03 -17.71
N HIS I 76 22.18 9.63 -18.37
CA HIS I 76 22.29 10.98 -18.92
C HIS I 76 21.45 11.90 -18.04
N MET I 77 22.11 12.63 -17.16
CA MET I 77 21.44 13.49 -16.20
C MET I 77 21.71 14.95 -16.53
N ALA I 78 21.08 15.83 -15.76
CA ALA I 78 21.36 17.25 -15.79
C ALA I 78 21.88 17.66 -14.43
N LEU I 79 22.95 18.44 -14.42
CA LEU I 79 23.50 19.06 -13.22
C LEU I 79 23.16 20.54 -13.30
N ASP I 80 22.16 20.97 -12.54
CA ASP I 80 21.53 22.29 -12.72
C ASP I 80 21.01 22.30 -14.15
N ASN I 81 21.46 23.22 -15.00
CA ASN I 81 21.00 23.29 -16.39
C ASN I 81 21.88 22.51 -17.36
N THR I 82 23.04 22.02 -16.91
CA THR I 82 24.05 21.47 -17.81
C THR I 82 23.97 19.96 -17.85
N PRO I 83 23.97 19.35 -19.04
CA PRO I 83 23.99 17.88 -19.10
C PRO I 83 25.30 17.34 -18.54
N ILE I 84 25.19 16.22 -17.85
CA ILE I 84 26.32 15.55 -17.20
C ILE I 84 26.24 14.07 -17.52
N SER I 85 27.39 13.46 -17.83
CA SER I 85 27.45 12.04 -18.15
C SER I 85 27.81 11.28 -16.88
N VAL I 86 26.91 10.43 -16.41
CA VAL I 86 27.02 9.80 -15.11
C VAL I 86 27.26 8.31 -15.28
N GLY I 87 28.26 7.79 -14.58
CA GLY I 87 28.39 6.36 -14.39
C GLY I 87 27.62 5.97 -13.15
N TYR I 88 26.47 5.32 -13.31
CA TYR I 88 25.65 4.94 -12.17
C TYR I 88 25.98 3.52 -11.75
N VAL I 89 26.18 3.33 -10.44
CA VAL I 89 26.66 2.07 -9.88
C VAL I 89 25.46 1.29 -9.37
N GLU I 90 25.30 0.05 -9.85
CA GLU I 90 24.15 -0.76 -9.50
C GLU I 90 24.56 -2.16 -9.07
N ALA I 91 23.75 -2.75 -8.20
CA ALA I 91 23.82 -4.18 -7.87
C ALA I 91 25.19 -4.57 -7.28
N MET I 92 25.60 -3.84 -6.24
CA MET I 92 26.82 -4.17 -5.50
C MET I 92 26.51 -5.30 -4.54
N VAL I 93 27.10 -6.47 -4.79
CA VAL I 93 26.78 -7.66 -4.02
C VAL I 93 28.03 -8.52 -3.85
N VAL I 94 28.21 -9.06 -2.67
CA VAL I 94 29.20 -10.09 -2.39
C VAL I 94 28.47 -11.23 -1.69
N GLU I 95 28.83 -12.47 -2.04
CA GLU I 95 28.20 -13.62 -1.39
C GLU I 95 28.38 -13.52 0.13
N GLN I 96 27.34 -13.93 0.87
CA GLN I 96 27.32 -13.71 2.31
C GLN I 96 28.51 -14.36 3.00
N SER I 97 28.94 -15.54 2.53
CA SER I 97 30.06 -16.23 3.15
C SER I 97 31.40 -15.61 2.78
N TYR I 98 31.45 -14.80 1.74
CA TYR I 98 32.70 -14.19 1.27
C TYR I 98 32.83 -12.74 1.70
N ARG I 99 31.87 -12.22 2.46
CA ARG I 99 31.96 -10.85 2.90
C ARG I 99 33.12 -10.69 3.88
N ARG I 100 33.68 -9.47 3.91
CA ARG I 100 34.72 -9.02 4.84
C ARG I 100 36.12 -9.49 4.49
N GLN I 101 36.39 -9.87 3.24
CA GLN I 101 37.74 -10.18 2.79
C GLN I 101 38.32 -9.10 1.90
N GLY I 102 37.69 -7.93 1.85
CA GLY I 102 38.14 -6.88 0.96
C GLY I 102 37.62 -6.96 -0.46
N ILE I 103 36.68 -7.87 -0.74
CA ILE I 103 36.17 -8.01 -2.09
C ILE I 103 35.38 -6.77 -2.48
N GLY I 104 34.54 -6.27 -1.57
CA GLY I 104 33.78 -5.06 -1.87
C GLY I 104 34.67 -3.89 -2.19
N ARG I 105 35.76 -3.73 -1.43
CA ARG I 105 36.71 -2.65 -1.71
C ARG I 105 37.38 -2.84 -3.06
N GLN I 106 37.77 -4.07 -3.38
CA GLN I 106 38.42 -4.33 -4.66
C GLN I 106 37.46 -4.11 -5.82
N LEU I 107 36.19 -4.46 -5.64
CA LEU I 107 35.19 -4.20 -6.67
C LEU I 107 35.00 -2.70 -6.89
N MET I 108 34.94 -1.93 -5.80
CA MET I 108 34.75 -0.49 -5.93
C MET I 108 35.98 0.20 -6.49
N LEU I 109 37.18 -0.33 -6.21
CA LEU I 109 38.37 0.25 -6.82
C LEU I 109 38.32 0.15 -8.33
N GLN I 110 38.01 -1.04 -8.85
CA GLN I 110 37.80 -1.19 -10.29
C GLN I 110 36.69 -0.27 -10.77
N THR I 111 35.65 -0.08 -9.94
CA THR I 111 34.55 0.81 -10.31
C THR I 111 35.03 2.24 -10.50
N ASN I 112 35.78 2.76 -9.52
CA ASN I 112 36.33 4.11 -9.65
C ASN I 112 37.15 4.25 -10.92
N LYS I 113 37.89 3.20 -11.29
CA LYS I 113 38.74 3.28 -12.48
C LYS I 113 37.92 3.39 -13.75
N ILE I 114 36.92 2.52 -13.91
CA ILE I 114 36.06 2.56 -15.09
C ILE I 114 35.34 3.91 -15.18
N ILE I 115 34.85 4.40 -14.05
CA ILE I 115 34.16 5.69 -14.03
C ILE I 115 35.13 6.81 -14.45
N ALA I 116 36.30 6.85 -13.80
CA ALA I 116 37.26 7.92 -14.07
C ALA I 116 37.67 7.96 -15.53
N SER I 117 37.63 6.81 -16.22
CA SER I 117 38.05 6.73 -17.60
C SER I 117 36.91 6.95 -18.59
N CYS I 118 35.68 7.12 -18.12
CA CYS I 118 34.56 7.10 -19.06
C CYS I 118 33.55 8.22 -18.86
N TYR I 119 33.32 8.67 -17.62
CA TYR I 119 32.25 9.62 -17.37
C TYR I 119 32.72 10.72 -16.42
N GLN I 120 31.89 11.75 -16.28
CA GLN I 120 32.21 12.93 -15.51
C GLN I 120 31.82 12.84 -14.05
N LEU I 121 31.03 11.84 -13.67
CA LEU I 121 30.56 11.73 -12.30
C LEU I 121 30.03 10.32 -12.05
N GLY I 122 30.41 9.74 -10.92
CA GLY I 122 29.82 8.50 -10.46
C GLY I 122 28.74 8.82 -9.44
N LEU I 123 27.66 8.05 -9.49
CA LEU I 123 26.56 8.19 -8.55
C LEU I 123 26.03 6.81 -8.16
N LEU I 124 25.55 6.70 -6.93
CA LEU I 124 24.94 5.46 -6.47
C LEU I 124 23.97 5.77 -5.34
N SER I 125 23.00 4.87 -5.15
CA SER I 125 22.06 4.95 -4.04
C SER I 125 22.42 3.86 -3.05
N ALA I 126 22.90 4.25 -1.88
CA ALA I 126 23.42 3.31 -0.90
C ALA I 126 22.56 3.30 0.35
N SER I 127 22.55 2.15 1.02
CA SER I 127 21.94 2.05 2.33
C SER I 127 22.84 2.71 3.38
N ASP I 128 22.32 2.81 4.60
CA ASP I 128 23.15 3.32 5.68
C ASP I 128 24.18 2.29 6.14
N ASP I 129 23.82 1.00 6.06
CA ASP I 129 24.74 -0.09 6.36
C ASP I 129 25.68 -0.40 5.20
N GLY I 130 25.70 0.44 4.17
CA GLY I 130 26.61 0.23 3.06
C GLY I 130 27.39 1.48 2.71
N GLN I 131 27.02 2.61 3.32
CA GLN I 131 27.62 3.89 2.93
C GLN I 131 29.08 3.97 3.32
N LYS I 132 29.46 3.29 4.40
CA LYS I 132 30.83 3.33 4.94
C LYS I 132 31.88 2.74 4.00
N LEU I 133 31.49 1.81 3.13
CA LEU I 133 32.45 1.22 2.21
C LEU I 133 32.75 2.17 1.07
N TYR I 134 31.71 2.83 0.54
CA TYR I 134 31.96 3.76 -0.56
C TYR I 134 32.72 4.99 -0.09
N HIS I 135 32.46 5.46 1.13
CA HIS I 135 33.25 6.56 1.67
C HIS I 135 34.70 6.16 1.86
N SER I 136 34.93 4.86 2.11
CA SER I 136 36.29 4.32 2.22
C SER I 136 37.08 4.47 0.93
N VAL I 137 36.40 4.68 -0.20
CA VAL I 137 37.06 4.81 -1.50
C VAL I 137 36.73 6.14 -2.16
N GLY I 138 36.38 7.15 -1.35
CA GLY I 138 36.29 8.51 -1.79
C GLY I 138 34.90 9.03 -2.04
N TRP I 139 33.88 8.17 -2.06
CA TRP I 139 32.54 8.65 -2.33
C TRP I 139 32.02 9.52 -1.18
N GLN I 140 31.11 10.43 -1.52
CA GLN I 140 30.59 11.37 -0.53
C GLN I 140 29.10 11.57 -0.76
N ILE I 141 28.39 11.89 0.33
CA ILE I 141 26.95 12.10 0.25
C ILE I 141 26.67 13.33 -0.59
N TRP I 142 25.82 13.18 -1.61
CA TRP I 142 25.38 14.32 -2.39
C TRP I 142 24.56 15.25 -1.52
N LYS I 143 24.89 16.55 -1.58
CA LYS I 143 24.25 17.52 -0.70
C LYS I 143 23.09 18.27 -1.36
N GLY I 144 23.04 18.32 -2.70
CA GLY I 144 22.02 19.08 -3.38
C GLY I 144 20.70 18.36 -3.50
N LYS I 145 19.74 19.03 -4.12
CA LYS I 145 18.41 18.46 -4.32
C LYS I 145 18.45 17.42 -5.42
N LEU I 146 17.58 16.42 -5.30
CA LEU I 146 17.46 15.34 -6.27
C LEU I 146 16.07 15.36 -6.88
N PHE I 147 16.01 15.22 -8.20
CA PHE I 147 14.75 15.24 -8.93
C PHE I 147 14.68 14.04 -9.86
N GLU I 148 13.46 13.53 -10.05
CA GLU I 148 13.22 12.39 -10.91
C GLU I 148 11.99 12.66 -11.78
N LEU I 149 11.93 11.98 -12.91
CA LEU I 149 10.80 12.15 -13.82
C LEU I 149 9.64 11.27 -13.35
N LYS I 150 8.45 11.85 -13.26
CA LYS I 150 7.25 11.11 -12.91
C LYS I 150 6.12 11.60 -13.81
N GLN I 151 5.64 10.73 -14.70
CA GLN I 151 4.56 11.07 -15.62
C GLN I 151 4.91 12.25 -16.52
N GLY I 152 6.18 12.31 -16.93
CA GLY I 152 6.62 13.31 -17.88
C GLY I 152 7.06 14.63 -17.31
N SER I 153 7.06 14.79 -15.98
CA SER I 153 7.48 16.02 -15.35
C SER I 153 8.37 15.70 -14.15
N TYR I 154 9.27 16.62 -13.83
CA TYR I 154 10.23 16.41 -12.75
C TYR I 154 9.60 16.72 -11.40
N ILE I 155 9.74 15.79 -10.46
CA ILE I 155 9.38 16.00 -9.08
C ILE I 155 10.63 15.82 -8.22
N ARG I 156 10.54 16.28 -6.98
CA ARG I 156 11.67 16.16 -6.07
C ARG I 156 11.71 14.77 -5.45
N SER I 157 12.88 14.14 -5.49
CA SER I 157 13.08 12.81 -4.91
C SER I 157 13.47 12.95 -3.44
N ILE I 158 12.47 13.30 -2.64
CA ILE I 158 12.72 13.66 -1.23
C ILE I 158 13.31 12.49 -0.47
N GLU I 159 12.70 11.31 -0.61
CA GLU I 159 13.10 10.17 0.21
C GLU I 159 14.47 9.62 -0.15
N GLU I 160 15.10 10.12 -1.22
CA GLU I 160 16.44 9.68 -1.58
C GLU I 160 17.54 10.64 -1.14
N GLU I 161 17.19 11.89 -0.84
CA GLU I 161 18.21 12.86 -0.43
C GLU I 161 18.85 12.41 0.88
N GLY I 162 20.17 12.32 0.87
CA GLY I 162 20.93 11.76 1.96
C GLY I 162 21.46 10.35 1.70
N GLY I 163 20.84 9.62 0.77
CA GLY I 163 21.26 8.26 0.46
C GLY I 163 22.00 8.16 -0.86
N VAL I 164 21.89 9.20 -1.66
CA VAL I 164 22.63 9.28 -2.93
C VAL I 164 24.05 9.70 -2.63
N MET I 165 25.02 8.99 -3.22
CA MET I 165 26.42 9.34 -3.05
C MET I 165 27.07 9.52 -4.42
N GLY I 166 28.10 10.39 -4.44
CA GLY I 166 28.80 10.69 -5.66
C GLY I 166 30.30 10.59 -5.47
N TRP I 167 31.00 10.53 -6.61
CA TRP I 167 32.45 10.43 -6.64
C TRP I 167 32.92 11.25 -7.82
N LYS I 168 33.63 12.34 -7.56
CA LYS I 168 34.16 13.15 -8.64
C LYS I 168 35.59 12.75 -8.94
N ALA I 169 35.89 12.67 -10.23
CA ALA I 169 37.16 12.16 -10.71
C ALA I 169 37.63 13.05 -11.86
N ASP I 170 38.86 13.56 -11.75
CA ASP I 170 39.48 14.35 -12.82
C ASP I 170 38.62 15.54 -13.21
N GLY I 171 38.04 16.19 -12.20
CA GLY I 171 37.20 17.34 -12.45
C GLY I 171 36.81 18.00 -11.16
N GLU I 172 35.92 18.99 -11.26
CA GLU I 172 35.41 19.72 -10.11
C GLU I 172 33.90 19.83 -10.26
N VAL I 173 33.17 19.17 -9.37
CA VAL I 173 31.72 19.09 -9.44
C VAL I 173 31.13 19.60 -8.13
N ASP I 174 30.17 20.52 -8.24
CA ASP I 174 29.49 21.14 -7.10
C ASP I 174 28.50 20.13 -6.53
N PHE I 175 28.83 19.52 -5.39
CA PHE I 175 27.93 18.58 -4.75
C PHE I 175 26.72 19.25 -4.13
N THR I 176 26.61 20.58 -4.19
CA THR I 176 25.46 21.30 -3.70
C THR I 176 24.42 21.57 -4.79
N ALA I 177 24.73 21.24 -6.04
CA ALA I 177 23.80 21.54 -7.11
C ALA I 177 22.73 20.47 -7.22
N SER I 178 21.68 20.79 -7.97
CA SER I 178 20.55 19.87 -8.13
C SER I 178 20.82 18.90 -9.27
N LEU I 179 20.37 17.66 -9.09
CA LEU I 179 20.53 16.61 -10.09
C LEU I 179 19.17 16.21 -10.63
N TYR I 180 19.08 16.07 -11.95
CA TYR I 180 17.86 15.65 -12.64
C TYR I 180 18.18 14.35 -13.37
N CYS I 181 17.71 13.23 -12.82
CA CYS I 181 18.02 11.93 -13.36
C CYS I 181 17.07 11.57 -14.51
N ASP I 182 17.47 10.58 -15.30
CA ASP I 182 16.68 10.10 -16.42
C ASP I 182 15.66 9.06 -15.96
N PHE I 183 14.74 8.74 -16.86
CA PHE I 183 13.56 7.94 -16.54
C PHE I 183 13.88 6.46 -16.58
N ARG I 184 13.15 5.70 -15.77
CA ARG I 184 13.49 4.29 -15.57
C ARG I 184 12.30 3.55 -14.98
N GLY I 185 12.35 2.22 -15.08
CA GLY I 185 11.40 1.40 -14.36
C GLY I 185 11.73 1.28 -12.88
N GLY I 186 10.69 1.13 -12.07
CA GLY I 186 10.90 0.97 -10.63
C GLY I 186 11.54 2.20 -10.01
N ASP I 187 12.58 1.99 -9.20
CA ASP I 187 13.22 3.08 -8.47
C ASP I 187 14.04 3.93 -9.44
N GLN I 188 13.77 5.24 -9.46
CA GLN I 188 14.54 6.13 -10.32
C GLN I 188 15.98 6.27 -9.86
N TRP I 189 16.22 6.13 -8.55
CA TRP I 189 17.59 6.16 -8.03
C TRP I 189 18.02 4.77 -7.60
N GLY J 6 8.61 16.67 22.47
CA GLY J 6 7.26 16.51 23.02
C GLY J 6 6.28 15.98 22.01
N SER J 7 6.61 16.11 20.73
CA SER J 7 5.80 15.58 19.64
C SER J 7 6.67 15.49 18.40
N HIS J 8 6.23 14.66 17.46
CA HIS J 8 6.95 14.60 16.19
C HIS J 8 6.09 13.93 15.13
N MET J 9 6.07 14.56 13.95
CA MET J 9 5.32 14.09 12.80
C MET J 9 6.14 14.38 11.57
N GLY J 10 6.33 13.38 10.72
CA GLY J 10 7.03 13.54 9.46
C GLY J 10 6.02 13.52 8.32
N SER J 11 6.19 14.43 7.37
CA SER J 11 5.48 14.30 6.10
C SER J 11 6.25 15.03 5.01
N MET J 12 6.78 14.26 4.06
CA MET J 12 7.39 14.79 2.84
C MET J 12 8.60 15.67 3.17
N GLY J 13 9.36 15.29 4.19
CA GLY J 13 10.63 15.90 4.48
C GLY J 13 10.61 16.99 5.53
N ILE J 14 9.43 17.39 6.00
CA ILE J 14 9.29 18.47 6.96
C ILE J 14 8.99 17.89 8.32
N GLU J 15 9.73 18.34 9.33
CA GLU J 15 9.55 17.88 10.70
C GLU J 15 8.64 18.84 11.46
N TYR J 16 7.67 18.29 12.17
CA TYR J 16 6.69 19.07 12.91
C TYR J 16 6.81 18.77 14.39
N ARG J 17 6.95 19.81 15.21
CA ARG J 17 7.00 19.68 16.65
C ARG J 17 5.98 20.61 17.27
N SER J 18 5.29 20.12 18.30
CA SER J 18 4.34 20.90 19.07
C SER J 18 4.92 21.09 20.46
N LEU J 19 5.13 22.34 20.85
CA LEU J 19 5.74 22.67 22.12
C LEU J 19 5.07 23.88 22.73
N HIS J 20 4.89 23.86 24.04
CA HIS J 20 4.45 25.04 24.76
C HIS J 20 5.57 26.06 24.83
N THR J 21 5.19 27.33 25.03
CA THR J 21 6.20 28.38 25.13
C THR J 21 7.19 28.08 26.25
N SER J 22 6.69 27.56 27.37
CA SER J 22 7.56 27.17 28.48
C SER J 22 8.57 26.11 28.07
N GLN J 23 8.37 25.43 26.94
CA GLN J 23 9.25 24.38 26.46
C GLN J 23 10.21 24.85 25.38
N LEU J 24 10.10 26.08 24.92
CA LEU J 24 10.95 26.56 23.83
C LEU J 24 12.35 26.88 24.35
N THR J 25 13.36 26.45 23.61
CA THR J 25 14.71 26.92 23.90
C THR J 25 14.92 28.29 23.27
N LEU J 26 15.90 29.01 23.80
CA LEU J 26 16.14 30.39 23.37
C LEU J 26 16.57 30.43 21.92
N SER J 27 17.18 29.37 21.43
CA SER J 27 17.38 29.20 19.98
C SER J 27 16.04 29.30 19.25
N GLU J 28 15.08 28.48 19.66
CA GLU J 28 13.81 28.40 18.93
C GLU J 28 13.00 29.67 19.09
N LYS J 29 13.03 30.28 20.29
CA LYS J 29 12.26 31.50 20.51
C LYS J 29 12.78 32.65 19.64
N GLU J 30 14.11 32.75 19.49
CA GLU J 30 14.65 33.77 18.60
C GLU J 30 14.25 33.50 17.17
N ALA J 31 14.51 32.28 16.68
CA ALA J 31 14.15 31.91 15.31
C ALA J 31 12.66 32.12 15.04
N LEU J 32 11.82 31.99 16.06
CA LEU J 32 10.39 32.22 15.87
C LEU J 32 10.11 33.69 15.58
N TYR J 33 10.71 34.59 16.36
CA TYR J 33 10.45 36.01 16.18
C TYR J 33 10.88 36.49 14.80
N ASP J 34 12.10 36.16 14.36
CA ASP J 34 12.53 36.69 13.07
C ASP J 34 11.75 36.06 11.92
N LEU J 35 11.36 34.78 12.03
CA LEU J 35 10.46 34.23 11.01
C LEU J 35 9.16 35.02 10.95
N LEU J 36 8.62 35.41 12.10
CA LEU J 36 7.38 36.17 12.11
C LEU J 36 7.56 37.54 11.47
N ILE J 37 8.67 38.22 11.75
CA ILE J 37 8.96 39.52 11.15
C ILE J 37 8.92 39.40 9.63
N GLU J 38 9.87 38.65 9.07
CA GLU J 38 9.97 38.52 7.63
C GLU J 38 8.73 37.88 7.03
N GLY J 39 8.07 36.99 7.79
CA GLY J 39 6.86 36.36 7.28
C GLY J 39 5.75 37.35 6.99
N PHE J 40 5.61 38.37 7.85
CA PHE J 40 4.62 39.42 7.66
C PHE J 40 5.22 40.68 7.04
N GLU J 41 6.43 40.56 6.47
CA GLU J 41 7.12 41.68 5.83
C GLU J 41 7.18 42.92 6.72
N ASP J 47 5.10 44.30 19.64
CA ASP J 47 4.08 44.09 20.64
C ASP J 47 3.04 43.07 20.18
N ASP J 48 2.95 42.90 18.86
CA ASP J 48 2.10 41.83 18.33
C ASP J 48 2.62 40.46 18.75
N PHE J 49 3.92 40.36 19.03
CA PHE J 49 4.48 39.13 19.55
C PHE J 49 3.76 38.69 20.82
N ALA J 50 3.32 39.65 21.64
CA ALA J 50 2.67 39.30 22.91
C ALA J 50 1.51 38.33 22.72
N HIS J 51 0.66 38.57 21.72
CA HIS J 51 -0.48 37.71 21.47
C HIS J 51 -0.10 36.24 21.34
N THR J 52 1.13 35.97 20.91
CA THR J 52 1.51 34.63 20.47
C THR J 52 2.00 33.73 21.60
N LEU J 53 2.48 34.29 22.71
CA LEU J 53 3.17 33.50 23.71
C LEU J 53 2.29 33.26 24.92
N GLY J 54 2.52 32.12 25.58
CA GLY J 54 1.69 31.65 26.67
C GLY J 54 0.93 30.39 26.34
N GLY J 55 0.85 30.02 25.07
CA GLY J 55 0.13 28.83 24.66
C GLY J 55 1.01 27.85 23.93
N MET J 56 0.43 27.10 22.99
CA MET J 56 1.14 26.07 22.25
C MET J 56 1.64 26.63 20.92
N HIS J 57 2.75 26.05 20.44
CA HIS J 57 3.33 26.39 19.15
C HIS J 57 3.47 25.13 18.32
N VAL J 58 2.91 25.15 17.11
CA VAL J 58 3.18 24.11 16.11
C VAL J 58 4.18 24.70 15.12
N MET J 59 5.33 24.07 14.99
CA MET J 59 6.43 24.62 14.21
C MET J 59 6.96 23.57 13.23
N ALA J 60 7.15 24.00 11.98
CA ALA J 60 7.65 23.14 10.91
C ALA J 60 9.12 23.42 10.66
N PHE J 61 9.90 22.35 10.51
CA PHE J 61 11.34 22.45 10.36
C PHE J 61 11.80 21.74 9.09
N ASP J 62 12.83 22.29 8.48
CA ASP J 62 13.51 21.69 7.33
C ASP J 62 14.96 21.46 7.74
N GLN J 63 15.20 20.39 8.50
CA GLN J 63 16.53 20.09 9.03
C GLN J 63 17.06 21.28 9.85
N GLN J 64 16.35 21.53 10.95
CA GLN J 64 16.66 22.56 11.95
C GLN J 64 16.54 23.98 11.41
N LYS J 65 15.96 24.16 10.23
CA LYS J 65 15.59 25.48 9.72
C LYS J 65 14.09 25.66 9.93
N LEU J 66 13.72 26.57 10.82
CA LEU J 66 12.29 26.79 11.09
C LEU J 66 11.65 27.51 9.90
N VAL J 67 10.67 26.86 9.29
CA VAL J 67 10.04 27.33 8.06
C VAL J 67 8.54 27.49 8.18
N GLY J 68 7.94 27.21 9.34
CA GLY J 68 6.49 27.30 9.48
C GLY J 68 6.06 27.37 10.92
N HIS J 69 5.02 28.14 11.21
CA HIS J 69 4.58 28.30 12.59
C HIS J 69 3.11 28.67 12.67
N VAL J 70 2.46 28.15 13.70
CA VAL J 70 1.12 28.57 14.10
C VAL J 70 1.02 28.38 15.61
N ALA J 71 0.21 29.22 16.26
CA ALA J 71 0.07 29.18 17.70
C ALA J 71 -1.38 28.94 18.10
N ILE J 72 -1.56 28.34 19.27
CA ILE J 72 -2.87 28.15 19.88
C ILE J 72 -2.79 28.74 21.28
N ILE J 73 -3.54 29.81 21.52
CA ILE J 73 -3.57 30.50 22.80
C ILE J 73 -4.89 30.18 23.47
N GLN J 74 -4.83 29.78 24.74
CA GLN J 74 -6.03 29.41 25.47
C GLN J 74 -6.83 30.65 25.84
N ARG J 75 -8.13 30.62 25.51
CA ARG J 75 -9.04 31.70 25.86
C ARG J 75 -10.31 31.11 26.46
N HIS J 76 -11.05 31.95 27.18
CA HIS J 76 -12.26 31.54 27.88
C HIS J 76 -13.36 32.54 27.58
N MET J 77 -14.41 32.08 26.92
CA MET J 77 -15.46 32.94 26.39
C MET J 77 -16.81 32.45 26.90
N ALA J 78 -17.86 33.13 26.44
CA ALA J 78 -19.24 32.70 26.65
C ALA J 78 -19.88 32.44 25.30
N LEU J 79 -20.40 31.24 25.11
CA LEU J 79 -21.22 30.91 23.95
C LEU J 79 -22.67 31.04 24.41
N ASP J 80 -23.34 32.08 23.94
CA ASP J 80 -24.65 32.47 24.48
C ASP J 80 -24.44 32.70 25.98
N ASN J 81 -25.12 31.97 26.86
CA ASN J 81 -24.93 32.08 28.30
C ASN J 81 -24.06 30.97 28.87
N THR J 82 -23.41 30.17 28.02
CA THR J 82 -22.65 29.03 28.51
C THR J 82 -21.15 29.28 28.40
N PRO J 83 -20.37 28.98 29.42
CA PRO J 83 -18.92 29.13 29.31
C PRO J 83 -18.35 28.11 28.34
N ILE J 84 -17.44 28.57 27.48
CA ILE J 84 -16.81 27.72 26.48
C ILE J 84 -15.30 27.93 26.57
N SER J 85 -14.55 26.84 26.55
CA SER J 85 -13.10 26.89 26.53
C SER J 85 -12.62 26.87 25.09
N VAL J 86 -11.79 27.84 24.74
CA VAL J 86 -11.43 28.11 23.36
C VAL J 86 -9.92 27.95 23.18
N GLY J 87 -9.52 27.36 22.07
CA GLY J 87 -8.17 27.48 21.57
C GLY J 87 -8.17 28.47 20.42
N TYR J 88 -7.46 29.59 20.60
CA TYR J 88 -7.45 30.67 19.62
C TYR J 88 -6.20 30.57 18.75
N VAL J 89 -6.40 30.48 17.44
CA VAL J 89 -5.33 30.23 16.49
C VAL J 89 -4.79 31.57 15.97
N GLU J 90 -3.49 31.79 16.12
CA GLU J 90 -2.85 33.05 15.74
C GLU J 90 -1.48 32.79 15.13
N ALA J 91 -0.95 33.81 14.47
CA ALA J 91 0.43 33.86 13.99
C ALA J 91 0.75 32.70 13.04
N MET J 92 -0.14 32.49 12.07
CA MET J 92 0.11 31.52 11.01
C MET J 92 1.07 32.14 10.00
N VAL J 93 2.25 31.54 9.89
CA VAL J 93 3.30 32.03 9.00
C VAL J 93 4.08 30.84 8.47
N VAL J 94 4.34 30.82 7.17
CA VAL J 94 5.29 29.87 6.63
C VAL J 94 6.21 30.61 5.67
N GLU J 95 7.52 30.36 5.82
CA GLU J 95 8.60 31.09 5.17
C GLU J 95 8.40 31.20 3.66
N GLN J 96 9.15 32.10 3.03
CA GLN J 96 8.90 32.42 1.63
C GLN J 96 9.02 31.19 0.74
N SER J 97 10.19 30.56 0.72
CA SER J 97 10.46 29.49 -0.24
C SER J 97 9.61 28.24 -0.03
N TYR J 98 8.85 28.15 1.06
CA TYR J 98 8.18 26.91 1.43
C TYR J 98 6.66 26.96 1.28
N ARG J 99 6.11 28.03 0.71
CA ARG J 99 4.69 28.05 0.41
C ARG J 99 4.36 27.05 -0.70
N ARG J 100 3.07 26.74 -0.81
CA ARG J 100 2.59 25.72 -1.75
C ARG J 100 3.39 24.43 -1.59
N GLN J 101 3.22 23.84 -0.41
CA GLN J 101 3.82 22.55 -0.11
C GLN J 101 2.96 21.73 0.83
N GLY J 102 1.80 22.22 1.27
CA GLY J 102 1.02 21.56 2.29
C GLY J 102 1.48 21.83 3.70
N ILE J 103 2.43 22.75 3.89
CA ILE J 103 2.94 23.03 5.23
C ILE J 103 1.82 23.64 6.09
N GLY J 104 1.14 24.65 5.57
CA GLY J 104 0.05 25.26 6.31
C GLY J 104 -1.04 24.25 6.62
N ARG J 105 -1.38 23.41 5.65
CA ARG J 105 -2.36 22.36 5.89
C ARG J 105 -1.90 21.44 7.01
N GLN J 106 -0.66 20.95 6.91
CA GLN J 106 -0.14 20.08 7.96
C GLN J 106 -0.07 20.79 9.31
N LEU J 107 0.20 22.08 9.31
CA LEU J 107 0.27 22.83 10.55
C LEU J 107 -1.08 22.86 11.25
N MET J 108 -2.15 23.04 10.48
CA MET J 108 -3.47 23.14 11.09
C MET J 108 -4.06 21.78 11.43
N LEU J 109 -3.67 20.72 10.71
CA LEU J 109 -4.03 19.37 11.14
C LEU J 109 -3.47 19.09 12.52
N GLN J 110 -2.21 19.46 12.76
CA GLN J 110 -1.64 19.37 14.09
C GLN J 110 -2.37 20.28 15.07
N THR J 111 -2.76 21.49 14.61
CA THR J 111 -3.51 22.40 15.46
C THR J 111 -4.87 21.84 15.81
N ASN J 112 -5.58 21.30 14.82
CA ASN J 112 -6.87 20.66 15.07
C ASN J 112 -6.78 19.59 16.16
N LYS J 113 -5.73 18.75 16.08
CA LYS J 113 -5.60 17.67 17.06
C LYS J 113 -5.35 18.21 18.46
N ILE J 114 -4.55 19.28 18.58
CA ILE J 114 -4.34 19.90 19.89
C ILE J 114 -5.65 20.48 20.42
N ILE J 115 -6.39 21.19 19.56
CA ILE J 115 -7.66 21.78 19.97
C ILE J 115 -8.60 20.69 20.47
N ALA J 116 -8.69 19.58 19.74
CA ALA J 116 -9.55 18.47 20.17
C ALA J 116 -9.08 17.88 21.49
N SER J 117 -7.79 18.00 21.79
CA SER J 117 -7.26 17.48 23.04
C SER J 117 -7.58 18.36 24.24
N CYS J 118 -7.84 19.66 24.04
CA CYS J 118 -7.77 20.58 25.15
C CYS J 118 -8.99 21.47 25.34
N TYR J 119 -9.72 21.78 24.26
CA TYR J 119 -10.73 22.83 24.35
C TYR J 119 -12.01 22.41 23.63
N GLN J 120 -13.09 23.14 23.93
CA GLN J 120 -14.39 22.84 23.36
C GLN J 120 -14.56 23.40 21.95
N LEU J 121 -13.82 24.46 21.61
CA LEU J 121 -14.04 25.15 20.34
C LEU J 121 -12.77 25.88 19.94
N GLY J 122 -12.39 25.75 18.66
CA GLY J 122 -11.30 26.52 18.10
C GLY J 122 -11.87 27.74 17.40
N LEU J 123 -11.14 28.86 17.47
CA LEU J 123 -11.57 30.10 16.88
C LEU J 123 -10.36 30.85 16.35
N LEU J 124 -10.58 31.58 15.25
CA LEU J 124 -9.54 32.41 14.65
C LEU J 124 -10.22 33.47 13.80
N SER J 125 -9.45 34.50 13.46
CA SER J 125 -9.87 35.50 12.49
C SER J 125 -8.87 35.50 11.35
N ALA J 126 -9.37 35.45 10.11
CA ALA J 126 -8.52 35.41 8.94
C ALA J 126 -9.09 36.34 7.87
N SER J 127 -8.19 36.89 7.06
CA SER J 127 -8.62 37.69 5.92
C SER J 127 -9.33 36.81 4.91
N ASP J 128 -10.00 37.47 3.94
CA ASP J 128 -10.80 36.74 2.97
C ASP J 128 -9.97 35.71 2.22
N ASP J 129 -8.71 36.03 1.92
CA ASP J 129 -7.86 35.09 1.21
C ASP J 129 -7.23 34.06 2.14
N GLY J 130 -7.02 34.42 3.40
CA GLY J 130 -6.51 33.43 4.35
C GLY J 130 -7.54 32.41 4.77
N GLN J 131 -8.83 32.70 4.59
CA GLN J 131 -9.87 31.81 5.05
C GLN J 131 -9.88 30.49 4.28
N LYS J 132 -9.41 30.51 3.03
CA LYS J 132 -9.53 29.32 2.18
C LYS J 132 -8.74 28.15 2.74
N LEU J 133 -7.58 28.42 3.35
CA LEU J 133 -6.80 27.34 3.94
C LEU J 133 -7.54 26.70 5.10
N TYR J 134 -8.05 27.51 6.03
CA TYR J 134 -8.71 26.96 7.20
C TYR J 134 -10.00 26.23 6.83
N HIS J 135 -10.68 26.68 5.78
CA HIS J 135 -11.85 25.93 5.31
C HIS J 135 -11.44 24.53 4.85
N SER J 136 -10.26 24.42 4.23
CA SER J 136 -9.71 23.17 3.75
C SER J 136 -9.56 22.12 4.85
N VAL J 137 -9.47 22.55 6.11
CA VAL J 137 -9.26 21.63 7.22
C VAL J 137 -10.42 21.74 8.20
N GLY J 138 -11.60 22.09 7.68
CA GLY J 138 -12.83 21.93 8.42
C GLY J 138 -13.39 23.19 9.06
N TRP J 139 -12.64 24.29 9.09
CA TRP J 139 -13.14 25.49 9.75
C TRP J 139 -14.24 26.14 8.92
N GLN J 140 -15.18 26.80 9.60
CA GLN J 140 -16.29 27.48 8.96
C GLN J 140 -16.43 28.89 9.53
N ILE J 141 -17.02 29.77 8.71
CA ILE J 141 -17.26 31.16 9.09
C ILE J 141 -18.24 31.20 10.26
N TRP J 142 -17.88 31.95 11.30
CA TRP J 142 -18.80 32.13 12.43
C TRP J 142 -19.97 33.01 12.01
N LYS J 143 -21.19 32.49 12.15
CA LYS J 143 -22.37 33.19 11.65
C LYS J 143 -23.04 34.05 12.70
N GLY J 144 -22.80 33.80 13.99
CA GLY J 144 -23.41 34.58 15.04
C GLY J 144 -22.73 35.91 15.27
N LYS J 145 -23.25 36.65 16.24
CA LYS J 145 -22.73 37.98 16.56
C LYS J 145 -21.60 37.89 17.56
N LEU J 146 -20.66 38.81 17.45
CA LEU J 146 -19.47 38.85 18.29
C LEU J 146 -19.53 40.05 19.23
N PHE J 147 -19.10 39.82 20.47
CA PHE J 147 -19.08 40.87 21.50
C PHE J 147 -17.73 40.87 22.19
N GLU J 148 -17.28 42.06 22.58
CA GLU J 148 -16.00 42.21 23.24
C GLU J 148 -16.13 43.08 24.48
N LEU J 149 -15.21 42.87 25.41
CA LEU J 149 -15.14 43.68 26.62
C LEU J 149 -14.47 45.00 26.29
N LYS J 150 -15.13 46.10 26.59
CA LYS J 150 -14.54 47.43 26.38
C LYS J 150 -14.88 48.29 27.58
N GLN J 151 -13.86 48.55 28.41
CA GLN J 151 -14.02 49.29 29.67
C GLN J 151 -15.04 48.63 30.58
N GLY J 152 -15.01 47.30 30.65
CA GLY J 152 -15.78 46.56 31.62
C GLY J 152 -17.15 46.10 31.17
N SER J 153 -17.64 46.56 30.02
CA SER J 153 -18.96 46.16 29.52
C SER J 153 -18.83 45.62 28.12
N TYR J 154 -19.71 44.68 27.78
CA TYR J 154 -19.69 44.05 26.48
C TYR J 154 -20.34 44.96 25.44
N ILE J 155 -19.67 45.09 24.29
CA ILE J 155 -20.21 45.80 23.14
C ILE J 155 -20.06 44.91 21.92
N ARG J 156 -21.04 44.99 21.02
CA ARG J 156 -20.97 44.20 19.80
C ARG J 156 -19.79 44.66 18.96
N SER J 157 -18.98 43.69 18.51
CA SER J 157 -17.84 43.96 17.64
C SER J 157 -18.29 43.71 16.20
N ILE J 158 -19.01 44.69 15.66
CA ILE J 158 -19.66 44.52 14.36
C ILE J 158 -18.62 44.37 13.25
N GLU J 159 -17.46 45.03 13.38
CA GLU J 159 -16.51 45.08 12.27
C GLU J 159 -15.91 43.72 11.95
N GLU J 160 -15.86 42.80 12.92
CA GLU J 160 -15.18 41.54 12.73
C GLU J 160 -16.12 40.38 12.39
N GLU J 161 -17.44 40.60 12.43
CA GLU J 161 -18.37 39.55 12.05
C GLU J 161 -18.21 39.23 10.57
N GLY J 162 -17.92 37.96 10.27
CA GLY J 162 -17.59 37.51 8.93
C GLY J 162 -16.15 37.06 8.80
N GLY J 163 -15.23 37.68 9.55
CA GLY J 163 -13.83 37.29 9.52
C GLY J 163 -13.44 36.20 10.51
N VAL J 164 -14.34 35.83 11.43
CA VAL J 164 -14.04 34.88 12.49
C VAL J 164 -14.51 33.49 12.04
N MET J 165 -13.66 32.49 12.24
CA MET J 165 -13.96 31.12 11.86
C MET J 165 -13.84 30.20 13.08
N GLY J 166 -14.61 29.12 13.06
CA GLY J 166 -14.62 28.18 14.18
C GLY J 166 -14.49 26.75 13.71
N TRP J 167 -14.09 25.90 14.65
CA TRP J 167 -14.00 24.47 14.41
C TRP J 167 -14.15 23.75 15.74
N LYS J 168 -15.09 22.80 15.79
CA LYS J 168 -15.43 22.09 17.01
C LYS J 168 -14.83 20.70 16.97
N ALA J 169 -14.16 20.32 18.05
CA ALA J 169 -13.59 18.99 18.20
C ALA J 169 -14.66 17.91 18.06
N ASP J 170 -15.47 17.77 19.11
CA ASP J 170 -16.55 16.79 19.12
C ASP J 170 -17.57 17.27 20.14
N GLY J 171 -18.77 17.59 19.69
CA GLY J 171 -19.79 18.01 20.64
C GLY J 171 -20.86 18.86 19.96
N GLU J 172 -21.43 19.76 20.76
CA GLU J 172 -22.63 20.51 20.40
C GLU J 172 -22.29 22.00 20.44
N VAL J 173 -22.22 22.64 19.28
CA VAL J 173 -21.98 24.08 19.19
C VAL J 173 -22.81 24.65 18.04
N ASP J 174 -23.65 25.64 18.35
CA ASP J 174 -24.43 26.35 17.36
C ASP J 174 -23.63 27.53 16.84
N PHE J 175 -23.35 27.53 15.54
CA PHE J 175 -22.51 28.57 14.93
C PHE J 175 -23.25 29.87 14.69
N THR J 176 -24.56 29.94 14.98
CA THR J 176 -25.27 31.22 14.95
C THR J 176 -25.33 31.87 16.32
N ALA J 177 -24.85 31.20 17.37
CA ALA J 177 -24.90 31.75 18.70
C ALA J 177 -23.91 32.90 18.84
N SER J 178 -24.11 33.70 19.89
CA SER J 178 -23.21 34.81 20.18
C SER J 178 -21.99 34.34 20.97
N LEU J 179 -20.86 35.00 20.72
CA LEU J 179 -19.64 34.77 21.49
C LEU J 179 -19.20 36.07 22.14
N TYR J 180 -18.93 36.00 23.43
CA TYR J 180 -18.46 37.13 24.22
C TYR J 180 -17.04 36.77 24.65
N CYS J 181 -16.06 37.39 24.00
CA CYS J 181 -14.68 37.00 24.20
C CYS J 181 -14.12 37.60 25.48
N ASP J 182 -12.92 37.15 25.85
CA ASP J 182 -12.24 37.65 27.02
C ASP J 182 -11.34 38.81 26.65
N PHE J 183 -11.04 39.65 27.64
CA PHE J 183 -10.37 40.91 27.40
C PHE J 183 -8.88 40.67 27.12
N ARG J 184 -8.38 41.30 26.07
CA ARG J 184 -7.06 41.00 25.55
C ARG J 184 -6.35 42.29 25.15
N GLY J 185 -5.03 42.27 25.29
CA GLY J 185 -4.21 43.29 24.66
C GLY J 185 -4.31 43.21 23.15
N GLY J 186 -4.25 44.36 22.50
CA GLY J 186 -4.39 44.40 21.05
C GLY J 186 -5.83 44.21 20.63
N ASP J 187 -6.02 43.63 19.45
CA ASP J 187 -7.35 43.37 18.92
C ASP J 187 -7.98 42.17 19.61
N GLN J 188 -9.28 42.28 19.91
CA GLN J 188 -9.95 41.23 20.67
C GLN J 188 -10.16 39.98 19.84
N TRP J 189 -10.30 40.10 18.53
CA TRP J 189 -10.41 38.93 17.65
C TRP J 189 -9.23 38.86 16.70
N GLY K 6 16.86 45.79 2.97
CA GLY K 6 17.77 44.67 2.83
C GLY K 6 17.09 43.31 2.99
N SER K 7 17.59 42.32 2.26
CA SER K 7 17.06 40.96 2.30
C SER K 7 18.20 39.99 2.60
N HIS K 8 17.90 38.97 3.40
CA HIS K 8 18.89 37.96 3.74
C HIS K 8 18.40 36.58 3.32
N MET K 9 19.36 35.70 3.04
CA MET K 9 19.09 34.33 2.60
C MET K 9 20.32 33.49 3.02
N GLY K 10 20.24 32.94 4.21
CA GLY K 10 21.34 32.08 4.63
C GLY K 10 21.16 30.69 4.05
N SER K 11 22.28 29.99 3.86
CA SER K 11 22.20 28.62 3.38
C SER K 11 23.52 27.91 3.66
N MET K 12 23.43 26.76 4.35
CA MET K 12 24.58 25.93 4.70
C MET K 12 25.60 26.71 5.53
N GLY K 13 25.10 27.35 6.59
CA GLY K 13 25.94 28.09 7.50
C GLY K 13 26.57 29.36 6.95
N ILE K 14 26.31 29.70 5.70
CA ILE K 14 26.81 30.94 5.10
C ILE K 14 25.61 31.78 4.73
N GLU K 15 25.65 33.06 5.10
CA GLU K 15 24.51 33.95 4.99
C GLU K 15 24.74 34.95 3.85
N TYR K 16 23.73 35.12 3.02
CA TYR K 16 23.77 36.00 1.87
C TYR K 16 22.86 37.21 2.12
N ARG K 17 23.36 38.40 1.79
CA ARG K 17 22.55 39.60 1.94
C ARG K 17 22.71 40.47 0.69
N SER K 18 21.58 40.92 0.15
CA SER K 18 21.56 41.78 -1.03
C SER K 18 21.45 43.23 -0.58
N LEU K 19 22.48 44.03 -0.90
CA LEU K 19 22.55 45.41 -0.47
C LEU K 19 22.93 46.30 -1.63
N HIS K 20 22.30 47.47 -1.69
CA HIS K 20 22.75 48.54 -2.56
C HIS K 20 24.09 49.09 -2.06
N THR K 21 24.83 49.73 -2.97
CA THR K 21 26.03 50.43 -2.55
C THR K 21 25.70 51.52 -1.53
N SER K 22 24.55 52.18 -1.70
CA SER K 22 24.14 53.24 -0.79
C SER K 22 23.84 52.73 0.61
N GLN K 23 23.70 51.42 0.80
CA GLN K 23 23.42 50.86 2.12
C GLN K 23 24.61 50.11 2.71
N LEU K 24 25.82 50.41 2.25
CA LEU K 24 27.03 49.78 2.74
C LEU K 24 27.80 50.76 3.63
N THR K 25 28.29 50.27 4.76
CA THR K 25 29.19 51.07 5.58
C THR K 25 30.57 51.12 4.93
N LEU K 26 31.39 52.07 5.38
CA LEU K 26 32.66 52.33 4.73
C LEU K 26 33.65 51.17 4.92
N SER K 27 33.55 50.44 6.04
CA SER K 27 34.38 49.27 6.23
C SER K 27 33.91 48.11 5.37
N GLU K 28 32.59 48.01 5.13
CA GLU K 28 32.05 47.03 4.20
C GLU K 28 32.65 47.21 2.82
N LYS K 29 32.77 48.46 2.37
CA LYS K 29 33.39 48.74 1.08
C LYS K 29 34.84 48.26 1.05
N GLU K 30 35.61 48.53 2.11
CA GLU K 30 36.99 48.10 2.09
C GLU K 30 37.11 46.59 2.29
N ALA K 31 36.24 46.00 3.11
CA ALA K 31 36.17 44.54 3.18
C ALA K 31 35.96 43.94 1.79
N LEU K 32 35.01 44.51 1.03
CA LEU K 32 34.77 44.04 -0.32
C LEU K 32 35.98 44.29 -1.22
N TYR K 33 36.56 45.48 -1.14
CA TYR K 33 37.74 45.78 -1.95
C TYR K 33 38.85 44.79 -1.70
N ASP K 34 39.14 44.52 -0.42
CA ASP K 34 40.15 43.52 -0.11
C ASP K 34 39.81 42.18 -0.76
N LEU K 35 38.59 41.69 -0.52
CA LEU K 35 38.18 40.45 -1.16
C LEU K 35 38.30 40.54 -2.67
N LEU K 36 37.99 41.71 -3.24
CA LEU K 36 38.03 41.87 -4.69
C LEU K 36 39.47 41.77 -5.22
N ILE K 37 40.33 42.70 -4.80
CA ILE K 37 41.74 42.65 -5.20
C ILE K 37 42.31 41.28 -4.89
N GLU K 38 41.99 40.76 -3.71
CA GLU K 38 42.46 39.44 -3.36
C GLU K 38 41.76 38.38 -4.22
N GLY K 39 40.45 38.50 -4.43
CA GLY K 39 39.78 37.45 -5.18
C GLY K 39 40.31 37.26 -6.59
N PHE K 40 40.56 38.37 -7.30
CA PHE K 40 40.98 38.31 -8.69
C PHE K 40 42.49 38.23 -8.86
N GLU K 41 43.23 38.04 -7.76
CA GLU K 41 44.66 37.72 -7.81
C GLU K 41 45.47 38.80 -8.53
N GLY K 42 45.17 40.05 -8.25
CA GLY K 42 45.94 41.15 -8.79
C GLY K 42 45.59 41.57 -10.20
N ASP K 43 44.60 40.95 -10.83
CA ASP K 43 44.08 41.40 -12.12
C ASP K 43 42.80 42.20 -11.90
N PHE K 44 42.84 43.17 -10.99
CA PHE K 44 41.64 43.93 -10.67
C PHE K 44 42.03 45.40 -10.57
N SER K 45 41.74 46.15 -11.62
CA SER K 45 42.09 47.56 -11.66
C SER K 45 41.03 48.39 -10.94
N HIS K 46 41.40 49.65 -10.62
CA HIS K 46 40.44 50.58 -10.05
C HIS K 46 39.23 50.74 -10.96
N ASP K 47 39.46 50.80 -12.26
CA ASP K 47 38.35 50.87 -13.22
C ASP K 47 37.40 49.71 -13.02
N ASP K 48 37.93 48.51 -12.78
CA ASP K 48 37.07 47.39 -12.43
C ASP K 48 36.34 47.65 -11.12
N PHE K 49 37.05 48.20 -10.12
CA PHE K 49 36.37 48.55 -8.88
C PHE K 49 35.28 49.58 -9.13
N ALA K 50 35.55 50.58 -9.95
CA ALA K 50 34.53 51.56 -10.30
C ALA K 50 33.30 50.88 -10.87
N HIS K 51 33.48 49.91 -11.77
CA HIS K 51 32.33 49.21 -12.35
C HIS K 51 31.52 48.46 -11.30
N THR K 52 32.10 48.17 -10.14
CA THR K 52 31.41 47.40 -9.11
C THR K 52 30.41 48.24 -8.33
N LEU K 53 30.60 49.56 -8.26
CA LEU K 53 29.82 50.42 -7.38
C LEU K 53 28.70 51.12 -8.14
N GLY K 54 27.54 51.23 -7.50
CA GLY K 54 26.42 51.94 -8.08
C GLY K 54 25.14 51.11 -8.14
N GLY K 55 25.27 49.79 -8.03
CA GLY K 55 24.11 48.92 -8.12
C GLY K 55 23.93 48.06 -6.89
N MET K 56 23.57 46.79 -7.11
CA MET K 56 23.31 45.85 -6.02
C MET K 56 24.48 44.91 -5.83
N HIS K 57 24.71 44.52 -4.58
CA HIS K 57 25.70 43.52 -4.22
C HIS K 57 25.00 42.38 -3.50
N VAL K 58 25.30 41.15 -3.89
CA VAL K 58 24.94 39.98 -3.08
C VAL K 58 26.23 39.46 -2.47
N MET K 59 26.31 39.50 -1.15
CA MET K 59 27.54 39.24 -0.41
C MET K 59 27.34 38.04 0.49
N ALA K 60 28.29 37.13 0.46
CA ALA K 60 28.23 35.92 1.27
C ALA K 60 29.10 36.10 2.50
N PHE K 61 28.61 35.65 3.65
CA PHE K 61 29.31 35.82 4.91
C PHE K 61 29.40 34.49 5.64
N ASP K 62 30.59 34.22 6.20
CA ASP K 62 30.81 33.11 7.13
C ASP K 62 31.21 33.74 8.46
N GLN K 63 30.23 33.91 9.34
CA GLN K 63 30.40 34.67 10.59
C GLN K 63 30.71 36.14 10.28
N GLN K 64 30.03 36.66 9.26
CA GLN K 64 30.20 38.02 8.74
C GLN K 64 31.66 38.37 8.46
N LYS K 65 32.47 37.38 8.09
CA LYS K 65 33.68 37.60 7.33
C LYS K 65 33.35 37.36 5.87
N LEU K 66 33.55 38.37 5.03
CA LEU K 66 33.02 38.34 3.68
C LEU K 66 33.74 37.27 2.85
N VAL K 67 32.96 36.31 2.33
CA VAL K 67 33.51 35.16 1.63
C VAL K 67 33.25 35.22 0.13
N GLY K 68 32.19 35.87 -0.33
CA GLY K 68 31.86 35.91 -1.73
C GLY K 68 31.09 37.17 -2.05
N HIS K 69 31.14 37.55 -3.32
CA HIS K 69 30.46 38.75 -3.76
C HIS K 69 30.19 38.69 -5.26
N VAL K 70 29.04 39.27 -5.65
CA VAL K 70 28.72 39.54 -7.04
C VAL K 70 27.91 40.82 -7.09
N ALA K 71 28.10 41.59 -8.15
CA ALA K 71 27.43 42.88 -8.29
C ALA K 71 26.53 42.87 -9.52
N ILE K 72 25.43 43.62 -9.44
CA ILE K 72 24.49 43.82 -10.53
C ILE K 72 24.41 45.31 -10.81
N ILE K 73 24.96 45.73 -11.94
CA ILE K 73 24.97 47.13 -12.36
C ILE K 73 23.80 47.36 -13.31
N GLN K 74 23.17 48.52 -13.20
CA GLN K 74 22.16 48.93 -14.17
C GLN K 74 22.86 49.61 -15.34
N ARG K 75 22.67 49.07 -16.54
CA ARG K 75 23.17 49.68 -17.75
C ARG K 75 22.03 49.83 -18.73
N HIS K 76 22.07 50.89 -19.53
CA HIS K 76 21.05 51.19 -20.53
C HIS K 76 21.68 51.03 -21.90
N MET K 77 21.24 50.01 -22.63
CA MET K 77 21.82 49.61 -23.90
C MET K 77 20.79 49.73 -25.00
N ALA K 78 21.20 49.36 -26.21
CA ALA K 78 20.30 49.23 -27.35
C ALA K 78 20.43 47.82 -27.90
N LEU K 79 19.30 47.15 -28.07
CA LEU K 79 19.24 45.88 -28.79
C LEU K 79 18.66 46.20 -30.18
N ASP K 80 19.60 46.21 -31.12
CA ASP K 80 19.34 46.66 -32.46
C ASP K 80 19.18 48.15 -32.17
N ASN K 81 18.07 48.71 -32.60
CA ASN K 81 17.75 50.11 -32.38
C ASN K 81 16.70 50.25 -31.27
N THR K 82 16.45 49.17 -30.43
CA THR K 82 15.46 49.26 -29.36
C THR K 82 16.14 49.49 -28.01
N PRO K 83 15.63 50.39 -27.17
CA PRO K 83 16.20 50.54 -25.83
C PRO K 83 15.97 49.28 -25.02
N ILE K 84 16.94 48.94 -24.18
CA ILE K 84 16.85 47.73 -23.37
C ILE K 84 17.53 47.97 -22.03
N SER K 85 16.83 47.63 -20.96
CA SER K 85 17.33 47.80 -19.60
C SER K 85 18.13 46.56 -19.22
N VAL K 86 19.39 46.77 -18.82
CA VAL K 86 20.33 45.68 -18.63
C VAL K 86 20.78 45.64 -17.17
N GLY K 87 20.79 44.44 -16.60
CA GLY K 87 21.49 44.20 -15.36
C GLY K 87 22.84 43.57 -15.63
N TYR K 88 23.92 44.34 -15.50
CA TYR K 88 25.25 43.84 -15.83
C TYR K 88 25.91 43.26 -14.59
N VAL K 89 26.40 42.02 -14.72
CA VAL K 89 26.98 41.29 -13.61
C VAL K 89 28.48 41.54 -13.58
N GLU K 90 29.00 41.93 -12.42
CA GLU K 90 30.38 42.35 -12.27
C GLU K 90 30.99 41.77 -11.00
N ALA K 91 32.30 41.53 -11.03
CA ALA K 91 33.09 41.22 -9.85
C ALA K 91 32.54 40.01 -9.09
N MET K 92 32.30 38.92 -9.82
CA MET K 92 31.92 37.65 -9.21
C MET K 92 33.18 37.01 -8.64
N VAL K 93 33.19 36.81 -7.32
CA VAL K 93 34.41 36.39 -6.63
C VAL K 93 34.02 35.60 -5.38
N VAL K 94 34.74 34.51 -5.14
CA VAL K 94 34.63 33.73 -3.92
C VAL K 94 36.02 33.52 -3.35
N GLU K 95 36.18 33.79 -2.05
CA GLU K 95 37.47 33.61 -1.40
C GLU K 95 37.98 32.18 -1.62
N GLN K 96 39.29 32.08 -1.88
CA GLN K 96 39.88 30.82 -2.37
C GLN K 96 39.59 29.66 -1.43
N SER K 97 39.73 29.88 -0.12
CA SER K 97 39.51 28.80 0.83
C SER K 97 38.06 28.34 0.86
N TYR K 98 37.12 29.20 0.45
CA TYR K 98 35.70 28.91 0.53
C TYR K 98 35.12 28.40 -0.79
N ARG K 99 35.97 28.12 -1.77
CA ARG K 99 35.47 27.65 -3.06
C ARG K 99 35.06 26.19 -2.96
N ARG K 100 34.29 25.74 -3.96
CA ARG K 100 33.76 24.38 -4.02
C ARG K 100 32.86 24.07 -2.82
N GLN K 101 32.07 25.07 -2.41
CA GLN K 101 31.01 24.88 -1.42
C GLN K 101 29.65 25.24 -1.98
N GLY K 102 29.56 25.54 -3.27
CA GLY K 102 28.31 26.00 -3.86
C GLY K 102 27.99 27.45 -3.62
N ILE K 103 28.94 28.23 -3.09
CA ILE K 103 28.71 29.65 -2.87
C ILE K 103 28.49 30.38 -4.19
N GLY K 104 29.33 30.09 -5.19
CA GLY K 104 29.19 30.76 -6.47
C GLY K 104 27.83 30.57 -7.09
N ARG K 105 27.32 29.33 -7.07
CA ARG K 105 25.99 29.09 -7.61
C ARG K 105 24.93 29.80 -6.78
N GLN K 106 25.10 29.84 -5.46
CA GLN K 106 24.15 30.59 -4.63
C GLN K 106 24.17 32.08 -4.97
N LEU K 107 25.35 32.64 -5.20
CA LEU K 107 25.43 34.05 -5.60
C LEU K 107 24.76 34.29 -6.94
N MET K 108 24.99 33.40 -7.91
CA MET K 108 24.38 33.58 -9.22
C MET K 108 22.87 33.38 -9.16
N LEU K 109 22.40 32.44 -8.34
CA LEU K 109 20.97 32.23 -8.22
C LEU K 109 20.28 33.46 -7.65
N GLN K 110 20.90 34.10 -6.65
CA GLN K 110 20.39 35.37 -6.16
C GLN K 110 20.49 36.45 -7.21
N THR K 111 21.54 36.42 -8.02
CA THR K 111 21.70 37.38 -9.10
C THR K 111 20.56 37.26 -10.11
N ASN K 112 20.29 36.03 -10.57
CA ASN K 112 19.19 35.81 -11.50
C ASN K 112 17.88 36.37 -10.96
N LYS K 113 17.65 36.21 -9.65
CA LYS K 113 16.42 36.74 -9.04
C LYS K 113 16.35 38.26 -9.16
N ILE K 114 17.47 38.94 -8.96
CA ILE K 114 17.46 40.40 -9.04
C ILE K 114 17.23 40.86 -10.48
N ILE K 115 17.93 40.22 -11.43
CA ILE K 115 17.76 40.57 -12.84
C ILE K 115 16.32 40.33 -13.28
N ALA K 116 15.72 39.24 -12.81
CA ALA K 116 14.36 38.89 -13.20
C ALA K 116 13.35 39.94 -12.79
N SER K 117 13.57 40.57 -11.63
CA SER K 117 12.61 41.49 -11.07
C SER K 117 12.80 42.93 -11.51
N CYS K 118 13.86 43.23 -12.25
CA CYS K 118 14.24 44.62 -12.50
C CYS K 118 14.46 44.95 -13.96
N TYR K 119 15.16 44.11 -14.70
CA TYR K 119 15.64 44.48 -16.03
C TYR K 119 15.17 43.47 -17.05
N GLN K 120 15.22 43.87 -18.32
CA GLN K 120 14.78 43.02 -19.41
C GLN K 120 15.84 41.99 -19.80
N LEU K 121 17.11 42.24 -19.45
CA LEU K 121 18.18 41.37 -19.89
C LEU K 121 19.33 41.44 -18.90
N GLY K 122 19.92 40.28 -18.61
CA GLY K 122 21.15 40.21 -17.84
C GLY K 122 22.31 39.94 -18.78
N LEU K 123 23.44 40.62 -18.53
CA LEU K 123 24.61 40.46 -19.37
C LEU K 123 25.86 40.42 -18.50
N LEU K 124 26.86 39.70 -18.98
CA LEU K 124 28.14 39.64 -18.28
C LEU K 124 29.23 39.29 -19.29
N SER K 125 30.47 39.40 -18.84
CA SER K 125 31.64 38.95 -19.58
C SER K 125 32.38 37.94 -18.70
N ALA K 126 32.70 36.78 -19.26
CA ALA K 126 33.31 35.72 -18.46
C ALA K 126 34.44 35.06 -19.23
N SER K 127 35.39 34.53 -18.48
CA SER K 127 36.45 33.72 -19.05
C SER K 127 35.89 32.41 -19.59
N ASP K 128 36.66 31.77 -20.46
CA ASP K 128 36.28 30.43 -20.93
C ASP K 128 36.13 29.47 -19.76
N ASP K 129 36.91 29.68 -18.69
CA ASP K 129 36.74 28.88 -17.48
C ASP K 129 35.47 29.29 -16.74
N GLY K 130 35.26 30.60 -16.57
CA GLY K 130 34.12 31.08 -15.81
C GLY K 130 32.77 30.81 -16.44
N GLN K 131 32.74 30.45 -17.73
CA GLN K 131 31.47 30.37 -18.44
C GLN K 131 30.57 29.25 -17.93
N LYS K 132 31.15 28.18 -17.37
CA LYS K 132 30.36 26.99 -17.10
C LYS K 132 29.42 27.19 -15.92
N LEU K 133 29.89 27.85 -14.85
CA LEU K 133 28.98 28.16 -13.74
C LEU K 133 27.78 28.96 -14.23
N TYR K 134 28.03 29.98 -15.05
CA TYR K 134 26.92 30.80 -15.55
C TYR K 134 26.02 30.00 -16.47
N HIS K 135 26.60 29.12 -17.30
CA HIS K 135 25.76 28.31 -18.17
C HIS K 135 24.89 27.35 -17.36
N SER K 136 25.40 26.88 -16.22
CA SER K 136 24.63 25.95 -15.40
C SER K 136 23.43 26.60 -14.75
N VAL K 137 23.38 27.93 -14.67
CA VAL K 137 22.24 28.64 -14.11
C VAL K 137 21.46 29.39 -15.19
N GLY K 138 21.60 28.98 -16.45
CA GLY K 138 20.74 29.44 -17.53
C GLY K 138 21.35 30.45 -18.48
N TRP K 139 22.55 30.94 -18.22
CA TRP K 139 23.14 31.94 -19.09
C TRP K 139 23.64 31.30 -20.38
N GLN K 140 23.47 32.01 -21.50
CA GLN K 140 23.90 31.54 -22.81
C GLN K 140 24.83 32.55 -23.44
N ILE K 141 25.70 32.07 -24.34
CA ILE K 141 26.61 32.98 -25.03
C ILE K 141 25.84 33.83 -26.02
N TRP K 142 26.13 35.12 -26.02
CA TRP K 142 25.50 36.04 -26.96
C TRP K 142 26.09 35.85 -28.35
N LYS K 143 25.22 35.59 -29.33
CA LYS K 143 25.70 35.25 -30.67
C LYS K 143 25.85 36.48 -31.58
N GLY K 144 25.12 37.54 -31.30
CA GLY K 144 25.15 38.72 -32.15
C GLY K 144 26.42 39.52 -31.97
N LYS K 145 26.50 40.63 -32.71
CA LYS K 145 27.67 41.48 -32.67
C LYS K 145 27.60 42.44 -31.49
N LEU K 146 28.78 42.84 -31.01
CA LEU K 146 28.91 43.68 -29.83
C LEU K 146 29.56 45.00 -30.22
N PHE K 147 28.99 46.11 -29.74
CA PHE K 147 29.49 47.43 -30.10
C PHE K 147 29.62 48.32 -28.88
N GLU K 148 30.73 49.03 -28.80
CA GLU K 148 30.95 50.02 -27.74
C GLU K 148 30.87 51.44 -28.28
N LEU K 149 30.57 52.35 -27.37
CA LEU K 149 30.69 53.77 -27.63
C LEU K 149 32.15 54.17 -27.42
N LYS K 150 32.81 54.62 -28.49
CA LYS K 150 34.16 55.13 -28.41
C LYS K 150 34.25 56.43 -29.20
N GLN K 151 34.47 57.55 -28.49
CA GLN K 151 34.76 58.83 -29.12
C GLN K 151 33.59 59.31 -29.97
N GLY K 152 32.36 59.04 -29.54
CA GLY K 152 31.20 59.42 -30.29
C GLY K 152 30.69 58.33 -31.21
N SER K 153 31.54 57.82 -32.09
CA SER K 153 31.14 56.78 -33.02
C SER K 153 31.11 55.43 -32.32
N TYR K 154 30.40 54.48 -32.93
CA TYR K 154 30.32 53.13 -32.40
C TYR K 154 31.42 52.26 -33.00
N ILE K 155 31.89 51.31 -32.20
CA ILE K 155 33.06 50.49 -32.51
C ILE K 155 32.69 49.05 -32.19
N ARG K 156 33.10 48.12 -33.06
CA ARG K 156 32.74 46.72 -32.84
C ARG K 156 33.72 46.07 -31.88
N SER K 157 33.18 45.46 -30.81
CA SER K 157 34.01 44.86 -29.76
C SER K 157 34.35 43.43 -30.13
N ILE K 158 35.27 43.31 -31.09
CA ILE K 158 35.54 41.99 -31.68
C ILE K 158 36.17 41.05 -30.65
N GLU K 159 37.04 41.57 -29.78
CA GLU K 159 37.67 40.71 -28.78
C GLU K 159 36.68 40.17 -27.78
N GLU K 160 35.51 40.80 -27.63
CA GLU K 160 34.56 40.42 -26.60
C GLU K 160 33.49 39.45 -27.09
N GLU K 161 33.31 39.30 -28.39
CA GLU K 161 32.30 38.39 -28.90
C GLU K 161 32.73 36.95 -28.66
N GLY K 162 31.81 36.14 -28.13
CA GLY K 162 32.13 34.82 -27.67
C GLY K 162 32.45 34.74 -26.19
N GLY K 163 32.57 35.89 -25.51
CA GLY K 163 32.85 35.91 -24.09
C GLY K 163 31.77 36.61 -23.29
N VAL K 164 30.87 37.31 -23.99
CA VAL K 164 29.75 37.98 -23.35
C VAL K 164 28.57 37.02 -23.31
N MET K 165 27.91 36.97 -22.17
CA MET K 165 26.78 36.06 -21.96
C MET K 165 25.54 36.80 -21.50
N GLY K 166 24.38 36.23 -21.78
CA GLY K 166 23.13 36.87 -21.44
C GLY K 166 22.18 35.91 -20.76
N TRP K 167 21.19 36.49 -20.08
CA TRP K 167 20.19 35.74 -19.35
C TRP K 167 18.90 36.55 -19.36
N LYS K 168 17.81 35.90 -19.71
CA LYS K 168 16.51 36.56 -19.78
C LYS K 168 15.54 35.96 -18.77
N ALA K 169 14.77 36.85 -18.14
CA ALA K 169 13.78 36.45 -17.14
C ALA K 169 12.38 36.67 -17.70
N ASP K 170 11.75 35.58 -18.13
CA ASP K 170 10.40 35.58 -18.68
C ASP K 170 10.16 36.52 -19.87
N GLY K 171 11.18 36.72 -20.70
CA GLY K 171 11.01 37.57 -21.87
C GLY K 171 11.23 36.80 -23.22
N GLU K 172 11.39 37.63 -24.23
CA GLU K 172 11.96 37.11 -25.47
C GLU K 172 12.92 38.07 -26.18
N VAL K 173 14.18 37.61 -26.33
CA VAL K 173 15.22 38.42 -26.96
C VAL K 173 16.04 37.54 -27.89
N ASP K 174 16.38 38.09 -29.05
CA ASP K 174 17.17 37.38 -30.06
C ASP K 174 18.63 37.50 -29.67
N PHE K 175 19.23 36.39 -29.24
CA PHE K 175 20.64 36.42 -28.85
C PHE K 175 21.59 36.53 -30.05
N THR K 176 21.06 36.69 -31.26
CA THR K 176 21.84 37.01 -32.44
C THR K 176 21.74 38.48 -32.84
N ALA K 177 20.86 39.25 -32.20
CA ALA K 177 20.79 40.67 -32.50
C ALA K 177 22.05 41.39 -32.00
N SER K 178 22.24 42.61 -32.47
CA SER K 178 23.42 43.38 -32.09
C SER K 178 23.16 44.17 -30.82
N LEU K 179 24.18 44.26 -29.98
CA LEU K 179 24.11 44.97 -28.71
C LEU K 179 25.00 46.21 -28.75
N TYR K 180 24.46 47.34 -28.32
CA TYR K 180 25.19 48.60 -28.25
C TYR K 180 25.23 49.04 -26.80
N CYS K 181 26.43 48.98 -26.21
CA CYS K 181 26.62 49.25 -24.79
C CYS K 181 26.65 50.75 -24.51
N ASP K 182 26.55 51.10 -23.23
CA ASP K 182 26.73 52.45 -22.76
C ASP K 182 28.21 52.68 -22.45
N PHE K 183 28.60 53.96 -22.39
CA PHE K 183 30.01 54.27 -22.25
C PHE K 183 30.46 54.16 -20.79
N ARG K 184 31.70 53.73 -20.62
CA ARG K 184 32.22 53.30 -19.33
C ARG K 184 33.72 53.58 -19.30
N GLY K 185 34.29 53.54 -18.10
CA GLY K 185 35.74 53.54 -17.98
C GLY K 185 36.31 52.14 -18.13
N GLY K 186 37.60 52.09 -18.44
CA GLY K 186 38.26 50.80 -18.57
C GLY K 186 37.72 50.03 -19.76
N ASP K 187 37.43 48.75 -19.53
CA ASP K 187 36.87 47.89 -20.58
C ASP K 187 35.35 47.97 -20.52
N GLN K 188 34.73 48.26 -21.67
CA GLN K 188 33.30 48.51 -21.71
C GLN K 188 32.48 47.26 -21.47
N TRP K 189 33.05 46.08 -21.72
CA TRP K 189 32.36 44.83 -21.42
C TRP K 189 33.01 44.12 -20.23
N MET L 12 5.25 66.88 8.96
CA MET L 12 6.02 65.96 9.77
C MET L 12 5.12 64.85 10.33
N GLY L 13 5.67 63.64 10.41
CA GLY L 13 4.91 62.46 10.78
C GLY L 13 5.05 61.43 9.69
N ILE L 14 5.89 61.78 8.72
CA ILE L 14 6.14 60.99 7.53
C ILE L 14 7.34 60.08 7.79
N GLU L 15 7.18 58.78 7.52
CA GLU L 15 8.32 57.86 7.59
C GLU L 15 8.83 57.60 6.18
N TYR L 16 10.13 57.76 5.99
CA TYR L 16 10.78 57.60 4.70
C TYR L 16 11.52 56.28 4.66
N ARG L 17 11.36 55.54 3.56
CA ARG L 17 12.03 54.27 3.38
C ARG L 17 12.74 54.24 2.02
N SER L 18 13.98 53.76 2.03
CA SER L 18 14.84 53.69 0.86
C SER L 18 14.98 52.23 0.46
N LEU L 19 14.39 51.86 -0.67
CA LEU L 19 14.46 50.48 -1.14
C LEU L 19 14.78 50.44 -2.62
N HIS L 20 15.62 49.49 -2.99
CA HIS L 20 15.91 49.22 -4.39
C HIS L 20 14.66 48.64 -5.07
N THR L 21 14.60 48.82 -6.39
CA THR L 21 13.47 48.28 -7.16
C THR L 21 13.30 46.78 -6.92
N SER L 22 14.41 46.06 -6.81
CA SER L 22 14.38 44.62 -6.60
C SER L 22 13.83 44.24 -5.24
N GLN L 23 13.58 45.19 -4.35
CA GLN L 23 13.06 44.88 -3.02
C GLN L 23 11.61 45.33 -2.86
N LEU L 24 10.99 45.80 -3.93
CA LEU L 24 9.57 46.17 -3.89
C LEU L 24 8.69 44.97 -4.20
N THR L 25 7.50 44.96 -3.60
CA THR L 25 6.52 43.93 -3.90
C THR L 25 5.74 44.29 -5.16
N LEU L 26 4.83 43.40 -5.57
CA LEU L 26 3.97 43.69 -6.70
C LEU L 26 3.05 44.86 -6.40
N SER L 27 2.61 45.01 -5.15
CA SER L 27 1.64 46.03 -4.81
C SER L 27 2.28 47.41 -4.69
N GLU L 28 3.49 47.48 -4.13
CA GLU L 28 4.15 48.76 -3.98
C GLU L 28 4.47 49.40 -5.33
N LYS L 29 4.90 48.60 -6.30
CA LYS L 29 5.09 49.11 -7.65
C LYS L 29 3.76 49.57 -8.24
N GLU L 30 2.66 48.89 -7.87
CA GLU L 30 1.34 49.30 -8.32
C GLU L 30 0.90 50.58 -7.64
N ALA L 31 1.11 50.68 -6.33
CA ALA L 31 0.83 51.93 -5.62
C ALA L 31 1.69 53.06 -6.16
N LEU L 32 2.95 52.77 -6.47
CA LEU L 32 3.85 53.79 -7.01
C LEU L 32 3.39 54.27 -8.38
N TYR L 33 2.99 53.33 -9.25
CA TYR L 33 2.51 53.72 -10.57
C TYR L 33 1.27 54.61 -10.46
N ASP L 34 0.37 54.29 -9.53
CA ASP L 34 -0.85 55.08 -9.38
C ASP L 34 -0.55 56.47 -8.85
N LEU L 35 0.41 56.59 -7.93
CA LEU L 35 0.78 57.91 -7.42
C LEU L 35 1.42 58.75 -8.52
N LEU L 36 2.34 58.16 -9.29
CA LEU L 36 3.00 58.89 -10.36
C LEU L 36 1.99 59.45 -11.35
N ILE L 37 1.03 58.63 -11.78
CA ILE L 37 0.02 59.09 -12.73
C ILE L 37 -0.83 60.19 -12.12
N GLU L 38 -1.20 60.04 -10.83
CA GLU L 38 -2.01 61.05 -10.18
C GLU L 38 -1.24 62.33 -9.97
N GLY L 39 -0.02 62.23 -9.44
CA GLY L 39 0.75 63.42 -9.10
C GLY L 39 1.10 64.27 -10.29
N PHE L 40 1.35 63.65 -11.45
CA PHE L 40 1.69 64.37 -12.67
C PHE L 40 0.46 64.72 -13.51
N GLU L 41 -0.75 64.37 -13.05
CA GLU L 41 -2.00 64.73 -13.70
C GLU L 41 -2.06 64.20 -15.13
N GLY L 42 -1.66 62.94 -15.32
CA GLY L 42 -1.74 62.28 -16.60
C GLY L 42 -0.55 62.50 -17.53
N ASP L 43 0.35 63.41 -17.19
CA ASP L 43 1.52 63.70 -18.03
C ASP L 43 2.62 62.66 -17.90
N PHE L 44 2.36 61.54 -17.24
CA PHE L 44 3.38 60.52 -16.97
C PHE L 44 3.19 59.35 -17.93
N SER L 45 4.10 59.22 -18.89
CA SER L 45 4.00 58.19 -19.91
C SER L 45 4.61 56.88 -19.43
N HIS L 46 4.43 55.84 -20.23
CA HIS L 46 4.98 54.53 -19.90
C HIS L 46 6.51 54.54 -19.97
N ASP L 47 7.07 55.29 -20.93
CA ASP L 47 8.51 55.46 -20.97
C ASP L 47 9.04 56.08 -19.68
N ASP L 48 8.31 57.06 -19.13
CA ASP L 48 8.73 57.69 -17.89
C ASP L 48 8.70 56.71 -16.72
N PHE L 49 7.74 55.78 -16.72
CA PHE L 49 7.74 54.76 -15.67
C PHE L 49 8.94 53.84 -15.80
N ALA L 50 9.28 53.44 -17.03
CA ALA L 50 10.47 52.64 -17.26
C ALA L 50 11.72 53.36 -16.77
N HIS L 51 11.79 54.68 -16.96
CA HIS L 51 12.93 55.45 -16.47
C HIS L 51 13.03 55.45 -14.96
N THR L 52 11.96 55.07 -14.26
CA THR L 52 11.93 55.10 -12.81
C THR L 52 12.48 53.84 -12.16
N LEU L 53 12.54 52.72 -12.88
CA LEU L 53 12.82 51.43 -12.26
C LEU L 53 14.20 50.91 -12.64
N GLY L 54 14.77 50.10 -11.75
CA GLY L 54 16.11 49.57 -11.89
C GLY L 54 17.08 50.13 -10.87
N GLY L 55 16.74 51.24 -10.23
CA GLY L 55 17.62 51.88 -9.26
C GLY L 55 16.98 52.01 -7.89
N MET L 56 17.27 53.10 -7.20
CA MET L 56 16.82 53.27 -5.82
C MET L 56 15.59 54.18 -5.77
N HIS L 57 14.66 53.81 -4.89
CA HIS L 57 13.48 54.61 -4.60
C HIS L 57 13.55 55.09 -3.15
N VAL L 58 13.32 56.38 -2.94
CA VAL L 58 13.07 56.93 -1.61
C VAL L 58 11.60 57.29 -1.54
N MET L 59 10.86 56.61 -0.68
CA MET L 59 9.42 56.72 -0.64
C MET L 59 8.97 57.27 0.71
N ALA L 60 7.98 58.16 0.67
CA ALA L 60 7.38 58.74 1.86
C ALA L 60 6.05 58.06 2.14
N PHE L 61 5.78 57.80 3.42
CA PHE L 61 4.54 57.12 3.82
C PHE L 61 3.89 57.85 4.97
N ASP L 62 2.59 58.09 4.85
CA ASP L 62 1.74 58.48 5.97
C ASP L 62 1.07 57.21 6.44
N GLN L 63 1.57 56.64 7.53
CA GLN L 63 0.92 55.57 8.26
C GLN L 63 0.31 54.53 7.32
N GLN L 64 1.18 53.94 6.48
CA GLN L 64 0.96 52.78 5.61
C GLN L 64 0.59 53.16 4.19
N LYS L 65 0.29 54.42 3.89
CA LYS L 65 -0.04 54.84 2.54
C LYS L 65 1.13 55.61 1.94
N LEU L 66 1.39 55.36 0.67
CA LEU L 66 2.42 56.09 -0.05
C LEU L 66 1.98 57.53 -0.24
N VAL L 67 2.89 58.47 0.04
CA VAL L 67 2.61 59.88 -0.04
C VAL L 67 3.55 60.60 -0.99
N GLY L 68 4.82 60.20 -1.00
CA GLY L 68 5.81 60.83 -1.84
C GLY L 68 6.79 59.81 -2.35
N HIS L 69 7.51 60.20 -3.40
CA HIS L 69 8.46 59.28 -4.02
C HIS L 69 9.46 60.06 -4.86
N VAL L 70 10.66 59.51 -4.93
CA VAL L 70 11.69 59.97 -5.87
C VAL L 70 12.63 58.80 -6.15
N ALA L 71 13.07 58.68 -7.40
CA ALA L 71 13.95 57.59 -7.80
C ALA L 71 15.32 58.11 -8.19
N ILE L 72 16.34 57.29 -7.92
CA ILE L 72 17.71 57.56 -8.33
C ILE L 72 18.19 56.35 -9.13
N ILE L 73 18.27 56.51 -10.45
CA ILE L 73 18.78 55.45 -11.31
C ILE L 73 20.20 55.79 -11.70
N GLN L 74 21.00 54.76 -11.91
CA GLN L 74 22.37 54.95 -12.38
C GLN L 74 22.36 55.08 -13.90
N ARG L 75 23.09 56.06 -14.40
CA ARG L 75 23.29 56.20 -15.82
C ARG L 75 24.76 56.40 -16.10
N HIS L 76 25.17 56.04 -17.32
CA HIS L 76 26.56 56.01 -17.72
C HIS L 76 26.74 57.06 -18.82
N MET L 77 27.29 58.21 -18.44
CA MET L 77 27.42 59.33 -19.35
C MET L 77 28.88 59.62 -19.63
N ALA L 78 29.11 60.66 -20.43
CA ALA L 78 30.45 61.16 -20.70
C ALA L 78 30.47 62.66 -20.47
N LEU L 79 31.46 63.12 -19.71
CA LEU L 79 31.77 64.54 -19.59
C LEU L 79 32.93 64.82 -20.54
N ASP L 80 32.61 65.48 -21.64
CA ASP L 80 33.57 65.69 -22.68
C ASP L 80 33.75 64.25 -23.14
N ASN L 81 34.98 63.77 -23.16
CA ASN L 81 35.23 62.39 -23.55
C ASN L 81 35.54 61.53 -22.32
N THR L 82 35.18 62.01 -21.13
CA THR L 82 35.56 61.29 -19.93
C THR L 82 34.36 60.55 -19.36
N PRO L 83 34.50 59.27 -19.03
CA PRO L 83 33.36 58.54 -18.45
C PRO L 83 33.03 59.08 -17.06
N ILE L 84 31.74 59.30 -16.83
CA ILE L 84 31.27 59.82 -15.54
C ILE L 84 30.05 59.01 -15.14
N SER L 85 30.01 58.59 -13.88
CA SER L 85 28.94 57.76 -13.36
C SER L 85 27.93 58.67 -12.66
N VAL L 86 26.70 58.71 -13.18
CA VAL L 86 25.72 59.71 -12.80
C VAL L 86 24.57 59.04 -12.07
N GLY L 87 24.14 59.65 -10.98
CA GLY L 87 22.87 59.28 -10.36
C GLY L 87 21.76 60.17 -10.91
N TYR L 88 20.84 59.61 -11.67
CA TYR L 88 19.83 60.41 -12.36
C TYR L 88 18.52 60.38 -11.58
N VAL L 89 18.02 61.56 -11.24
CA VAL L 89 16.84 61.72 -10.42
C VAL L 89 15.62 61.65 -11.32
N GLU L 90 14.70 60.73 -11.02
CA GLU L 90 13.52 60.51 -11.83
C GLU L 90 12.27 60.47 -10.95
N ALA L 91 11.20 61.07 -11.46
CA ALA L 91 9.86 60.91 -10.90
C ALA L 91 9.76 61.42 -9.46
N MET L 92 10.08 62.70 -9.29
CA MET L 92 9.83 63.39 -8.03
C MET L 92 8.34 63.72 -7.94
N VAL L 93 7.69 63.25 -6.88
CA VAL L 93 6.25 63.43 -6.75
C VAL L 93 5.86 63.34 -5.28
N VAL L 94 4.92 64.18 -4.88
CA VAL L 94 4.22 64.02 -3.61
C VAL L 94 2.74 64.29 -3.86
N GLU L 95 1.87 63.56 -3.18
CA GLU L 95 0.44 63.65 -3.43
C GLU L 95 -0.10 65.04 -3.13
N GLN L 96 -1.09 65.45 -3.93
CA GLN L 96 -1.60 66.82 -3.91
C GLN L 96 -1.98 67.29 -2.51
N SER L 97 -2.63 66.41 -1.73
CA SER L 97 -3.02 66.73 -0.36
C SER L 97 -1.83 67.05 0.52
N TYR L 98 -0.65 66.56 0.16
CA TYR L 98 0.54 66.70 0.98
C TYR L 98 1.59 67.57 0.29
N ARG L 99 1.15 68.68 -0.28
CA ARG L 99 2.07 69.59 -0.96
C ARG L 99 2.28 70.84 -0.10
N ARG L 100 3.51 71.36 -0.12
CA ARG L 100 3.96 72.55 0.63
C ARG L 100 4.18 72.27 2.12
N GLN L 101 4.76 71.11 2.45
CA GLN L 101 5.08 70.78 3.84
C GLN L 101 6.50 70.23 4.01
N GLY L 102 7.35 70.38 3.01
CA GLY L 102 8.73 69.93 3.15
C GLY L 102 8.97 68.46 2.92
N ILE L 103 8.00 67.72 2.37
CA ILE L 103 8.24 66.32 2.04
C ILE L 103 9.18 66.21 0.86
N GLY L 104 9.00 67.05 -0.16
CA GLY L 104 9.92 67.05 -1.28
C GLY L 104 11.34 67.40 -0.88
N ARG L 105 11.50 68.28 0.11
CA ARG L 105 12.84 68.60 0.57
C ARG L 105 13.47 67.41 1.30
N GLN L 106 12.69 66.71 2.12
CA GLN L 106 13.22 65.55 2.83
C GLN L 106 13.63 64.45 1.86
N LEU L 107 12.87 64.27 0.78
CA LEU L 107 13.23 63.26 -0.22
C LEU L 107 14.54 63.60 -0.89
N MET L 108 14.71 64.87 -1.28
CA MET L 108 15.95 65.27 -1.94
C MET L 108 17.15 65.12 -1.02
N LEU L 109 16.97 65.38 0.29
CA LEU L 109 18.06 65.22 1.23
C LEU L 109 18.49 63.76 1.32
N GLN L 110 17.54 62.83 1.27
CA GLN L 110 17.89 61.41 1.17
C GLN L 110 18.46 61.09 -0.19
N THR L 111 17.98 61.75 -1.24
CA THR L 111 18.53 61.56 -2.57
C THR L 111 19.98 62.03 -2.64
N ASN L 112 20.25 63.21 -2.08
CA ASN L 112 21.61 63.73 -2.08
C ASN L 112 22.57 62.75 -1.42
N LYS L 113 22.19 62.22 -0.25
CA LYS L 113 23.11 61.31 0.42
C LYS L 113 23.33 60.03 -0.37
N ILE L 114 22.29 59.54 -1.04
CA ILE L 114 22.48 58.37 -1.90
C ILE L 114 23.44 58.69 -3.03
N ILE L 115 23.24 59.83 -3.68
CA ILE L 115 24.13 60.24 -4.77
C ILE L 115 25.56 60.39 -4.26
N ALA L 116 25.73 61.08 -3.14
CA ALA L 116 27.07 61.36 -2.64
C ALA L 116 27.85 60.09 -2.34
N SER L 117 27.18 59.03 -1.91
CA SER L 117 27.86 57.80 -1.56
C SER L 117 28.08 56.86 -2.74
N CYS L 118 27.48 57.14 -3.90
CA CYS L 118 27.45 56.17 -4.99
C CYS L 118 28.05 56.69 -6.29
N TYR L 119 27.72 57.91 -6.70
CA TYR L 119 28.04 58.39 -8.02
C TYR L 119 28.91 59.64 -7.94
N GLN L 120 29.39 60.08 -9.10
CA GLN L 120 30.24 61.27 -9.16
C GLN L 120 29.46 62.54 -9.46
N LEU L 121 28.26 62.42 -10.01
CA LEU L 121 27.45 63.59 -10.32
C LEU L 121 25.98 63.21 -10.27
N GLY L 122 25.16 64.10 -9.71
CA GLY L 122 23.72 63.99 -9.78
C GLY L 122 23.22 64.84 -10.94
N LEU L 123 22.21 64.33 -11.63
CA LEU L 123 21.60 65.07 -12.73
C LEU L 123 20.09 64.83 -12.71
N LEU L 124 19.35 65.82 -13.20
CA LEU L 124 17.90 65.72 -13.32
C LEU L 124 17.43 66.80 -14.29
N SER L 125 16.19 66.64 -14.78
CA SER L 125 15.53 67.63 -15.59
C SER L 125 14.25 68.01 -14.90
N ALA L 126 14.12 69.29 -14.55
CA ALA L 126 13.02 69.72 -13.71
C ALA L 126 12.15 70.75 -14.40
N SER L 127 10.93 70.82 -13.86
CA SER L 127 9.94 71.82 -14.17
C SER L 127 10.47 73.23 -13.90
N ASP L 128 9.86 74.24 -14.56
CA ASP L 128 10.23 75.62 -14.23
C ASP L 128 9.82 75.94 -12.79
N ASP L 129 8.73 75.32 -12.34
CA ASP L 129 8.30 75.33 -10.95
C ASP L 129 9.27 74.59 -10.05
N GLY L 130 9.85 73.51 -10.54
CA GLY L 130 10.51 72.56 -9.67
C GLY L 130 11.90 73.00 -9.30
N GLN L 131 12.48 73.87 -10.13
CA GLN L 131 13.89 74.23 -9.96
C GLN L 131 14.17 74.81 -8.59
N LYS L 132 13.22 75.52 -7.98
CA LYS L 132 13.57 76.20 -6.75
C LYS L 132 13.75 75.22 -5.59
N LEU L 133 12.99 74.12 -5.56
CA LEU L 133 13.24 73.14 -4.50
C LEU L 133 14.60 72.49 -4.66
N TYR L 134 15.05 72.25 -5.89
CA TYR L 134 16.36 71.64 -6.10
C TYR L 134 17.50 72.63 -5.86
N HIS L 135 17.32 73.89 -6.25
CA HIS L 135 18.31 74.90 -5.93
C HIS L 135 18.45 75.06 -4.42
N SER L 136 17.32 74.89 -3.71
CA SER L 136 17.23 74.90 -2.25
C SER L 136 18.12 73.85 -1.59
N VAL L 137 18.59 72.87 -2.35
CA VAL L 137 19.28 71.70 -1.83
C VAL L 137 20.62 71.53 -2.56
N GLY L 138 21.14 72.62 -3.14
CA GLY L 138 22.49 72.61 -3.69
C GLY L 138 22.59 72.35 -5.18
N TRP L 139 21.49 72.02 -5.85
CA TRP L 139 21.55 71.76 -7.29
C TRP L 139 21.60 73.06 -8.07
N GLN L 140 22.46 73.11 -9.08
CA GLN L 140 22.61 74.27 -9.94
C GLN L 140 22.30 73.87 -11.38
N ILE L 141 21.86 74.86 -12.17
CA ILE L 141 21.59 74.62 -13.58
C ILE L 141 22.88 74.24 -14.28
N TRP L 142 22.81 73.22 -15.13
CA TRP L 142 23.95 72.84 -15.95
C TRP L 142 24.14 73.84 -17.08
N LYS L 143 25.36 74.33 -17.26
CA LYS L 143 25.64 75.39 -18.22
C LYS L 143 26.10 74.87 -19.57
N GLY L 144 26.86 73.78 -19.59
CA GLY L 144 27.39 73.25 -20.83
C GLY L 144 26.30 72.70 -21.73
N LYS L 145 26.74 72.21 -22.89
CA LYS L 145 25.82 71.67 -23.89
C LYS L 145 25.44 70.24 -23.54
N LEU L 146 24.27 69.83 -24.02
CA LEU L 146 23.72 68.52 -23.71
C LEU L 146 23.47 67.73 -24.98
N PHE L 147 23.77 66.43 -24.94
CA PHE L 147 23.71 65.57 -26.11
C PHE L 147 23.00 64.27 -25.77
N GLU L 148 22.22 63.78 -26.73
CA GLU L 148 21.50 62.52 -26.62
C GLU L 148 21.78 61.69 -27.86
N LEU L 149 21.80 60.36 -27.68
CA LEU L 149 22.08 59.48 -28.80
C LEU L 149 20.85 59.39 -29.69
N LYS L 150 21.03 59.79 -30.96
CA LYS L 150 19.97 59.95 -31.93
C LYS L 150 20.29 59.05 -33.12
N GLN L 151 19.42 58.07 -33.38
CA GLN L 151 19.58 57.20 -34.54
C GLN L 151 20.98 56.59 -34.58
N GLY L 152 21.54 56.31 -33.41
CA GLY L 152 22.88 55.78 -33.31
C GLY L 152 23.99 56.81 -33.21
N SER L 153 23.68 58.11 -33.34
CA SER L 153 24.68 59.16 -33.27
C SER L 153 24.21 60.27 -32.33
N TYR L 154 25.13 61.19 -32.01
CA TYR L 154 24.93 62.18 -30.96
C TYR L 154 24.57 63.53 -31.56
N ILE L 155 23.36 64.00 -31.28
CA ILE L 155 22.94 65.35 -31.62
C ILE L 155 22.72 66.12 -30.32
N ARG L 156 22.64 67.44 -30.43
CA ARG L 156 22.51 68.27 -29.24
C ARG L 156 21.05 68.36 -28.79
N SER L 157 20.88 68.49 -27.48
CA SER L 157 19.57 68.57 -26.85
C SER L 157 19.28 70.01 -26.45
N ILE L 158 19.04 70.85 -27.46
CA ILE L 158 18.83 72.28 -27.21
C ILE L 158 17.62 72.50 -26.32
N GLU L 159 16.53 71.76 -26.57
CA GLU L 159 15.29 71.98 -25.83
C GLU L 159 15.45 71.68 -24.34
N GLU L 160 16.43 70.86 -23.96
CA GLU L 160 16.67 70.52 -22.57
C GLU L 160 17.65 71.44 -21.87
N GLU L 161 18.41 72.24 -22.64
CA GLU L 161 19.43 73.08 -22.04
C GLU L 161 18.80 74.21 -21.26
N GLY L 162 19.21 74.35 -20.00
CA GLY L 162 18.61 75.28 -19.07
C GLY L 162 17.66 74.65 -18.08
N GLY L 163 17.17 73.46 -18.35
CA GLY L 163 16.26 72.77 -17.45
C GLY L 163 16.92 71.63 -16.71
N VAL L 164 18.08 71.19 -17.21
CA VAL L 164 18.84 70.11 -16.59
C VAL L 164 19.70 70.68 -15.49
N MET L 165 19.67 70.04 -14.32
CA MET L 165 20.41 70.52 -13.16
C MET L 165 21.33 69.43 -12.62
N GLY L 166 22.35 69.86 -11.86
CA GLY L 166 23.37 68.95 -11.39
C GLY L 166 23.78 69.24 -9.96
N TRP L 167 24.48 68.27 -9.38
CA TRP L 167 24.88 68.32 -7.96
C TRP L 167 26.15 67.51 -7.80
N LYS L 168 27.22 68.15 -7.33
CA LYS L 168 28.49 67.47 -7.18
C LYS L 168 28.44 66.47 -6.04
N ALA L 169 29.20 65.39 -6.19
CA ALA L 169 29.33 64.37 -5.15
C ALA L 169 30.77 64.40 -4.64
N ASP L 170 31.07 65.29 -3.68
CA ASP L 170 32.43 65.37 -3.08
C ASP L 170 33.69 65.72 -3.87
N GLY L 171 33.66 66.83 -4.61
CA GLY L 171 34.59 67.12 -5.69
C GLY L 171 33.97 68.24 -6.49
N GLU L 172 34.64 68.63 -7.56
CA GLU L 172 33.92 69.59 -8.39
C GLU L 172 34.15 69.34 -9.86
N VAL L 173 33.10 69.66 -10.59
CA VAL L 173 32.81 69.18 -11.92
C VAL L 173 32.64 70.41 -12.78
N ASP L 174 33.25 70.41 -13.96
CA ASP L 174 33.11 71.54 -14.87
C ASP L 174 31.66 71.59 -15.34
N PHE L 175 30.84 72.40 -14.68
CA PHE L 175 29.45 72.57 -15.12
C PHE L 175 29.36 73.25 -16.49
N THR L 176 30.50 73.66 -17.05
CA THR L 176 30.62 74.23 -18.39
C THR L 176 30.79 73.16 -19.46
N ALA L 177 31.25 71.96 -19.08
CA ALA L 177 31.56 70.94 -20.06
C ALA L 177 30.28 70.36 -20.68
N SER L 178 30.47 69.55 -21.71
CA SER L 178 29.36 68.96 -22.45
C SER L 178 29.05 67.56 -21.91
N LEU L 179 27.76 67.25 -21.80
CA LEU L 179 27.29 65.97 -21.31
C LEU L 179 26.70 65.18 -22.47
N TYR L 180 27.14 63.92 -22.60
CA TYR L 180 26.62 62.99 -23.60
C TYR L 180 25.97 61.84 -22.84
N CYS L 181 24.64 61.73 -22.94
CA CYS L 181 23.89 60.80 -22.11
C CYS L 181 23.75 59.44 -22.80
N ASP L 182 23.28 58.46 -22.04
CA ASP L 182 23.10 57.11 -22.53
C ASP L 182 21.70 56.91 -23.11
N PHE L 183 21.55 55.85 -23.89
CA PHE L 183 20.36 55.67 -24.71
C PHE L 183 19.18 55.11 -23.91
N ARG L 184 18.00 55.65 -24.17
CA ARG L 184 16.75 55.12 -23.64
C ARG L 184 15.61 55.60 -24.52
N GLY L 185 14.43 55.01 -24.29
CA GLY L 185 13.25 55.43 -25.03
C GLY L 185 12.60 56.66 -24.42
N GLY L 186 11.72 57.27 -25.22
CA GLY L 186 11.06 58.48 -24.74
C GLY L 186 12.01 59.65 -24.70
N ASP L 187 11.85 60.50 -23.68
CA ASP L 187 12.73 61.64 -23.52
C ASP L 187 14.02 61.20 -22.87
N GLN L 188 15.15 61.44 -23.55
CA GLN L 188 16.45 61.00 -23.08
C GLN L 188 16.94 61.78 -21.88
N TRP L 189 16.25 62.85 -21.49
CA TRP L 189 16.61 63.60 -20.29
C TRP L 189 15.45 63.60 -19.31
C4 8MM M . -7.85 29.02 -29.97
C14 8MM M . -1.88 22.91 -35.27
C5 8MM M . -6.32 28.89 -30.13
C6 8MM M . -5.99 27.92 -31.22
C11 8MM M . -4.68 24.41 -33.43
C7 8MM M . -6.29 25.78 -32.09
C8 8MM M . -7.16 24.57 -31.87
C9 8MM M . -7.00 23.65 -33.07
C10 8MM M . -5.58 23.19 -33.20
C12 8MM M . -4.81 25.25 -32.20
C13 8MM M . -2.88 24.00 -34.95
N1 8MM M . -5.52 22.27 -34.35
N2 8MM M . -8.57 24.98 -31.67
C3 8MM M . -8.47 29.44 -31.27
N3 8MM M . -5.78 28.47 -28.84
N 8MM M . 0.38 22.03 -34.58
O 8MM M . -6.69 28.30 -32.42
C1 8MM M . -8.73 28.58 -33.66
C15 8MM M . -0.67 23.05 -34.34
C16 8MM M . -0.10 24.43 -34.54
C17 8MM M . -1.20 25.50 -34.27
C18 8MM M . 1.10 24.59 -33.62
C19 8MM M . 0.01 20.64 -34.29
C2 8MM M . -8.14 28.39 -32.29
CAC 8MM M . -5.83 29.39 -26.54
CAW 8MM M . -6.13 29.63 -28.02
N4 8MM M . -7.61 28.86 -34.56
O1 8MM M . -6.52 26.63 -30.92
O2 8MM M . -3.85 26.30 -32.34
O3 8MM M . -3.33 23.89 -33.57
O4 8MM M . -2.33 25.32 -35.19
O5 8MM M . 0.35 24.56 -35.90
O6 8MM M . -2.57 21.67 -35.18
OAH 8MM M . -5.33 30.73 -28.48
O1 TAR N . 4.38 40.21 -22.26
O11 TAR N . 2.92 38.76 -21.43
C1 TAR N . 3.61 39.23 -22.35
C2 TAR N . 3.52 38.55 -23.73
O2 TAR N . 3.15 37.18 -23.55
C3 TAR N . 2.45 39.26 -24.57
O3 TAR N . 1.37 39.67 -23.73
C4 TAR N . 1.93 38.30 -25.64
O4 TAR N . 2.61 38.21 -26.70
O41 TAR N . 0.88 37.67 -25.39
C4 8MM O . -30.67 17.96 -8.96
C14 8MM O . -36.31 9.91 -10.20
C5 8MM O . -32.20 17.73 -8.93
C6 8MM O . -32.46 16.24 -9.04
C11 8MM O . -33.64 12.29 -10.52
C7 8MM O . -32.13 14.27 -10.30
C8 8MM O . -31.32 13.77 -11.47
C9 8MM O . -31.42 12.27 -11.54
C10 8MM O . -32.84 11.80 -11.70
C12 8MM O . -33.60 13.81 -10.53
C13 8MM O . -35.35 10.92 -9.68
N1 8MM O . -32.91 10.34 -11.79
N2 8MM O . -29.94 14.24 -11.39
C3 8MM O . -30.03 17.14 -7.82
N3 8MM O . -32.84 18.50 -10.00
N 8MM O . -38.58 9.76 -11.29
O 8MM O . -31.77 15.52 -8.00
C1 8MM O . -29.76 14.75 -6.94
C15 8MM O . -37.54 10.65 -10.74
C16 8MM O . -38.09 11.49 -9.60
C17 8MM O . -36.99 12.42 -9.04
C18 8MM O . -39.23 12.34 -10.19
C19 8MM O . -38.21 9.02 -12.52
C2 8MM O . -30.32 15.66 -8.03
CAC 8MM O . -33.26 20.78 -10.88
CAW 8MM O . -32.67 19.95 -9.75
N4 8MM O . -30.83 14.26 -6.05
O1 8MM O . -31.98 15.72 -10.29
O2 8MM O . -34.49 14.24 -9.48
O3 8MM O . -34.96 11.84 -10.72
O4 8MM O . -35.85 11.67 -8.53
O5 8MM O . -38.59 10.64 -8.56
O6 8MM O . -35.60 9.23 -11.24
OAH 8MM O . -33.37 20.28 -8.55
N1A ACO P . -12.12 -36.36 13.57
C2A ACO P . -12.23 -35.55 14.70
N3A ACO P . -11.35 -34.47 14.83
C4A ACO P . -10.43 -34.24 13.88
C5A ACO P . -10.35 -35.03 12.80
C6A ACO P . -11.18 -36.06 12.66
N6A ACO P . -11.03 -36.79 11.55
N7A ACO P . -9.37 -34.58 12.04
C8A ACO P . -8.84 -33.51 12.62
N9A ACO P . -9.49 -33.30 13.76
C1B ACO P . -9.22 -32.22 14.73
C2B ACO P . -8.07 -32.57 15.64
O2B ACO P . -8.55 -33.37 16.75
C3B ACO P . -7.58 -31.19 16.10
O3B ACO P . -8.11 -30.85 17.39
P3B ACO P . -7.13 -30.54 18.60
O7A ACO P . -6.70 -31.92 18.96
O8A ACO P . -7.98 -29.89 19.60
O9A ACO P . -6.08 -29.71 17.99
C4B ACO P . -8.16 -30.23 15.05
O4B ACO P . -8.74 -31.07 14.03
C5B ACO P . -6.78 -29.70 15.19
O5B ACO P . -5.89 -30.69 15.01
P1A ACO P . -5.09 -30.62 13.34
O1A ACO P . -4.28 -31.83 13.60
O2A ACO P . -5.90 -30.51 12.11
O3A ACO P . -4.09 -29.53 13.61
P2A ACO P . -4.62 -27.88 13.01
O4A ACO P . -4.41 -28.31 11.49
O5A ACO P . -5.91 -27.60 13.30
O6A ACO P . -3.36 -27.10 13.31
CBP ACO P . -2.37 -25.41 14.73
CCP ACO P . -2.96 -26.82 14.64
CDP ACO P . -0.97 -25.43 14.12
CEP ACO P . -2.28 -24.99 16.19
CAP ACO P . -3.26 -24.44 13.96
OAP ACO P . -4.50 -24.28 14.64
C9P ACO P . -2.56 -23.08 13.87
O9P ACO P . -1.98 -22.73 12.85
N8P ACO P . -2.65 -22.33 14.98
C7P ACO P . -2.03 -20.99 15.07
C6P ACO P . -0.71 -21.09 15.83
C5P ACO P . -0.99 -21.08 17.33
O5P ACO P . -1.99 -20.54 17.79
N4P ACO P . -0.06 -21.69 18.09
C3P ACO P . 1.13 -22.32 17.51
C2P ACO P . 2.03 -22.84 18.63
S1P ACO P . 3.81 -22.76 18.21
C ACO P . 4.48 -23.58 19.60
O ACO P . 5.20 -23.04 20.44
CH3 ACO P . 4.13 -25.07 19.72
C1 GOL Q . 7.50 -27.30 -2.91
O1 GOL Q . 8.53 -26.37 -2.62
C2 GOL Q . 8.01 -28.73 -2.74
O2 GOL Q . 8.71 -28.86 -1.52
C3 GOL Q . 6.82 -29.69 -2.75
O3 GOL Q . 7.24 -30.95 -2.27
C4 8MM R . 36.94 -31.15 18.79
C14 8MM R . 44.18 -28.03 24.64
C5 8MM R . 38.19 -30.30 18.46
C6 8MM R . 39.03 -30.16 19.74
C11 8MM R . 41.01 -28.58 23.29
C7 8MM R . 39.03 -29.38 21.97
C8 8MM R . 38.11 -28.77 22.99
C9 8MM R . 38.81 -28.76 24.33
C10 8MM R . 40.08 -27.97 24.30
C12 8MM R . 40.34 -28.53 21.92
C13 8MM R . 43.35 -28.65 23.55
N1 8MM R . 40.72 -27.97 25.63
N2 8MM R . 36.86 -29.54 23.05
C3 8MM R . 37.39 -32.49 19.40
N3 8MM R . 37.89 -28.99 17.84
N 8MM R . 45.47 -25.92 25.17
O 8MM R . 39.31 -31.47 20.32
C1 8MM R . 38.74 -33.53 21.36
C15 8MM R . 44.65 -26.64 24.18
C16 8MM R . 45.41 -26.84 22.87
C17 8MM R . 44.53 -27.58 21.85
C18 8MM R . 45.81 -25.47 22.32
C19 8MM R . 44.75 -25.51 26.40
C2 8MM R . 38.16 -32.25 20.71
CAC 8MM R . 36.94 -27.83 15.85
CAW 8MM R . 37.15 -29.16 16.58
N4 8MM R . 39.82 -33.15 22.26
O1 8MM R . 38.31 -29.38 20.69
O2 8MM R . 41.32 -29.00 20.98
O3 8MM R . 42.21 -27.81 23.29
O4 8MM R . 44.10 -28.88 22.33
O5 8MM R . 46.60 -27.62 23.11
O6 8MM R . 43.33 -27.98 25.80
OAH 8MM R . 37.83 -30.08 15.73
O1 TAR S . 42.95 -25.87 2.31
O11 TAR S . 44.79 -26.07 3.53
C1 TAR S . 43.74 -26.52 3.03
C2 TAR S . 43.43 -27.99 3.28
O2 TAR S . 44.48 -28.82 2.80
C3 TAR S . 43.22 -28.20 4.79
O3 TAR S . 44.38 -27.75 5.47
C4 TAR S . 43.11 -29.70 5.05
O4 TAR S . 44.15 -30.30 5.38
O41 TAR S . 41.98 -30.23 4.93
C4 8MM T . -20.69 2.18 18.50
C14 8MM T . -26.58 6.06 25.68
C5 8MM T . -21.38 3.56 18.57
C6 8MM T . -21.94 3.72 19.99
C11 8MM T . -24.61 4.03 23.41
C7 8MM T . -23.32 2.82 21.66
C8 8MM T . -24.03 1.54 22.00
C9 8MM T . -24.42 1.55 23.46
C10 8MM T . -25.33 2.69 23.76
C12 8MM T . -24.30 3.99 21.94
C13 8MM T . -25.31 5.55 25.07
N1 8MM T . -25.77 2.57 25.16
N2 8MM T . -23.17 0.38 21.71
C3 8MM T . -19.62 2.12 19.61
N3 8MM T . -22.44 3.75 17.54
N 8MM T . -28.32 7.83 25.35
O 8MM T . -20.88 3.59 20.99
C1 8MM T . -19.23 2.29 22.14
C15 8MM T . -27.08 7.25 24.83
C16 8MM T . -26.01 8.27 24.76
C17 8MM T . -24.70 7.64 24.20
C18 8MM T . -26.57 9.40 23.89
C19 8MM T . -29.46 7.02 24.92
C2 8MM T . -20.25 2.30 21.00
CAC 8MM T . -22.98 4.02 15.11
CAW 8MM T . -21.93 3.62 16.15
N4 8MM T . -19.76 2.91 23.38
O1 8MM T . -22.97 2.71 20.25
O2 8MM T . -23.77 5.27 21.61
O3 8MM T . -25.52 5.11 23.70
O4 8MM T . -24.25 6.54 25.05
O5 8MM T . -25.76 8.80 26.07
O6 8MM T . -27.51 4.96 25.72
OAH 8MM T . -20.72 4.37 15.97
N1A COA U . -19.39 23.46 5.00
C2A COA U . -20.04 23.68 6.18
N3A COA U . -20.12 22.70 7.11
C4A COA U . -19.55 21.49 6.88
C5A COA U . -18.91 21.26 5.70
C6A COA U . -18.84 22.28 4.75
N6A COA U . -18.22 22.36 3.37
N7A COA U . -18.46 19.99 5.71
C8A COA U . -18.82 19.43 6.89
N9A COA U . -19.49 20.34 7.61
C1B COA U . -20.01 20.11 8.90
C2B COA U . -21.25 19.66 8.82
O2B COA U . -22.21 20.77 8.80
C3B COA U . -21.44 18.82 10.12
O3B COA U . -22.02 19.55 11.09
P3B COA U . -23.51 19.05 11.67
O7A COA U . -24.31 18.43 10.55
O8A COA U . -23.29 18.02 12.75
O9A COA U . -24.25 20.24 12.24
C4B COA U . -19.97 18.41 10.55
O4B COA U . -19.17 18.90 9.66
C5B COA U . -19.87 16.88 10.67
O5B COA U . -20.28 16.31 9.43
P1A COA U . -19.11 15.62 8.47
O1A COA U . -18.01 16.64 8.21
O2A COA U . -19.75 15.19 7.18
O3A COA U . -18.48 14.26 9.24
P2A COA U . -17.19 14.26 10.38
O4A COA U . -15.87 14.07 9.64
O5A COA U . -17.13 15.56 11.18
O6A COA U . -17.45 12.96 11.41
CBP COA U . -18.36 11.99 13.46
CCP COA U . -18.54 13.07 12.34
CDP COA U . -19.61 11.96 14.35
CEP COA U . -18.14 10.65 12.84
CAP COA U . -17.13 12.42 14.22
OAP COA U . -17.34 13.65 14.84
C9P COA U . -16.71 11.40 15.29
O9P COA U . -15.87 10.60 15.06
N8P COA U . -17.29 11.44 16.65
C7P COA U . -16.75 10.40 17.59
C6P COA U . -17.47 9.06 17.32
C5P COA U . -18.81 9.33 17.97
O5P COA U . -18.87 10.20 18.80
N4P COA U . -20.03 8.59 17.61
C3P COA U . -20.02 7.53 16.61
C2P COA U . -21.52 7.24 16.16
S1P COA U . -22.76 8.03 17.24
C4 8MM V . -28.82 -25.01 0.82
C14 8MM V . -32.94 -33.08 4.87
C5 8MM V . -28.31 -26.45 0.80
C6 8MM V . -29.45 -27.30 1.36
C11 8MM V . -32.05 -29.61 4.09
C7 8MM V . -31.03 -27.55 3.20
C8 8MM V . -31.52 -26.79 4.41
C9 8MM V . -32.79 -27.42 4.93
C10 8MM V . -32.53 -28.83 5.32
C12 8MM V . -30.76 -29.01 3.64
C13 8MM V . -32.96 -31.77 4.15
N1 8MM V . -33.78 -29.39 5.89
N2 8MM V . -31.71 -25.37 4.08
C3 8MM V . -30.05 -24.94 -0.08
N3 8MM V . -27.12 -26.61 1.65
N 8MM V . -31.57 -35.17 5.16
O 8MM V . -30.60 -27.25 0.50
C1 8MM V . -32.48 -25.81 -0.13
C15 8MM V . -31.66 -33.85 4.49
C16 8MM V . -31.63 -34.02 3.02
C17 8MM V . -31.71 -32.64 2.33
C18 8MM V . -30.39 -34.83 2.70
C19 8MM V . -31.04 -35.03 6.52
C2 8MM V . -31.09 -25.89 0.46
CAC 8MM V . -24.71 -26.04 1.72
CAW 8MM V . -26.04 -25.83 1.01
N4 8MM V . -32.40 -26.58 -1.39
O1 8MM V . -29.80 -26.87 2.75
O2 8MM V . -30.27 -29.82 2.58
O3 8MM V . -31.82 -30.97 4.49
O4 8MM V . -32.95 -31.95 2.70
O5 8MM V . -32.75 -34.79 2.57
O6 8MM V . -33.05 -32.84 6.28
OAH 8MM V . -25.94 -26.17 -0.38
O1 TAR W . -15.64 -30.84 -8.41
O11 TAR W . -17.21 -29.30 -8.57
C1 TAR W . -16.65 -30.25 -7.99
C2 TAR W . -17.31 -30.72 -6.68
O2 TAR W . -18.74 -30.72 -6.83
C3 TAR W . -16.84 -32.12 -6.25
O3 TAR W . -17.54 -32.49 -5.07
C4 TAR W . -15.35 -32.08 -5.89
O4 TAR W . -14.56 -32.66 -6.68
O41 TAR W . -15.03 -31.47 -4.84
C4 8MM X . -2.22 -51.79 15.77
C14 8MM X . 7.05 -52.87 19.03
C5 8MM X . -1.75 -52.37 17.11
C6 8MM X . -0.23 -52.15 17.20
C11 8MM X . 4.14 -52.84 16.99
C7 8MM X . 1.86 -52.57 16.05
C8 8MM X . 2.33 -53.16 14.74
C9 8MM X . 3.80 -52.85 14.58
C10 8MM X . 4.62 -53.42 15.69
C12 8MM X . 2.70 -53.23 17.18
C13 8MM X . 5.64 -52.40 18.77
N1 8MM X . 6.05 -53.11 15.48
N2 8MM X . 1.56 -52.63 13.62
C3 8MM X . -1.82 -50.30 15.72
N3 8MM X . -2.09 -53.78 17.24
N 8MM X . 8.35 -54.64 20.06
O 8MM X . 0.09 -50.74 17.08
C1 8MM X . 0.12 -48.69 15.83
C15 8MM X . 6.98 -54.14 19.79
C16 8MM X . 6.16 -53.79 21.11
C17 8MM X . 4.78 -53.26 20.75
C18 8MM X . 5.91 -54.98 22.03
C19 8MM X . 8.50 -56.07 20.43
C2 8MM X . -0.32 -50.16 15.82
CAC 8MM X . -4.00 -55.36 17.39
CAW 8MM X . -3.55 -53.91 17.17
N4 8MM X . 1.49 -48.54 16.35
O1 8MM X . 0.44 -52.89 16.15
O2 8MM X . 2.31 -52.80 18.49
O3 8MM X . 4.97 -53.42 17.99
O4 8MM X . 4.90 -52.06 19.95
O5 8MM X . 6.88 -52.79 21.84
O6 8MM X . 7.68 -53.12 17.77
OAH 8MM X . -4.19 -53.06 18.13
C4 8MM Y . -14.42 -63.34 -12.63
C14 8MM Y . -8.93 -63.97 -20.97
C5 8MM Y . -14.56 -62.72 -14.01
C6 8MM Y . -13.57 -63.36 -14.98
C11 8MM Y . -10.13 -63.98 -17.55
C7 8MM Y . -11.29 -63.78 -15.36
C8 8MM Y . -9.96 -63.74 -14.64
C9 8MM Y . -8.93 -64.52 -15.43
C10 8MM Y . -8.78 -63.93 -16.79
C12 8MM Y . -11.09 -63.14 -16.77
C13 8MM Y . -9.70 -64.45 -19.77
N1 8MM Y . -7.70 -64.65 -17.47
N2 8MM Y . -10.09 -64.20 -13.25
C3 8MM Y . -14.56 -64.85 -12.71
N3 8MM Y . -14.42 -61.25 -13.97
N 8MM Y . -8.96 -62.36 -22.87
O 8MM Y . -13.69 -64.79 -14.93
C1 8MM Y . -13.56 -66.93 -13.77
C15 8MM Y . -9.70 -62.85 -21.70
C16 8MM Y . -11.02 -63.41 -22.13
C17 8MM Y . -11.80 -63.91 -20.88
C18 8MM Y . -11.68 -62.50 -23.17
C19 8MM Y . -8.00 -61.32 -22.46
C2 8MM Y . -13.49 -65.41 -13.61
CAC 8MM Y . -15.24 -59.15 -12.90
CAW 8MM Y . -15.27 -60.69 -12.90
N4 8MM Y . -14.68 -67.32 -14.63
O1 8MM Y . -12.23 -63.03 -14.55
O2 8MM Y . -12.29 -63.09 -17.56
O3 8MM Y . -9.93 -63.39 -18.86
O4 8MM Y . -11.00 -64.96 -20.21
O5 8MM Y . -10.76 -64.59 -22.86
O6 8MM Y . -7.62 -63.59 -20.53
OAH 8MM Y . -16.62 -61.18 -12.95
O1 TAR Z . -25.23 -57.34 -17.67
O11 TAR Z . -27.24 -58.27 -17.59
C1 TAR Z . -26.47 -57.30 -17.71
C2 TAR Z . -27.13 -55.93 -17.88
O2 TAR Z . -27.59 -55.45 -16.62
C3 TAR Z . -26.16 -54.91 -18.49
O3 TAR Z . -26.81 -53.64 -18.59
C4 TAR Z . -25.80 -55.35 -19.93
O4 TAR Z . -24.73 -56.00 -20.07
O41 TAR Z . -26.60 -55.03 -20.83
C4 8MM AA . 20.82 -1.25 -5.81
C14 8MM AA . 15.78 3.21 1.40
C5 8MM AA . 21.39 -0.99 -4.40
C6 8MM AA . 20.20 -0.47 -3.58
C11 8MM AA . 17.16 2.30 -1.77
C7 8MM AA . 18.40 1.22 -3.63
C8 8MM AA . 17.86 2.26 -4.59
C9 8MM AA . 16.53 2.74 -4.09
C10 8MM AA . 16.62 3.34 -2.73
C12 8MM AA . 18.54 1.88 -2.25
C13 8MM AA . 16.41 2.20 0.47
N1 8MM AA . 15.30 3.81 -2.28
N2 8MM AA . 17.75 1.71 -5.95
C3 8MM AA . 19.72 -2.31 -5.64
N3 8MM AA . 22.47 0.01 -4.41
N 8MM AA . 16.32 4.94 3.00
O 8MM AA . 19.17 -1.50 -3.42
C1 8MM AA . 17.47 -2.81 -4.60
C15 8MM AA . 16.88 3.92 2.08
C16 8MM AA . 17.71 2.79 2.83
C17 8MM AA . 18.24 1.78 1.81
C18 8MM AA . 18.91 3.32 3.61
C19 8MM AA . 17.20 6.08 3.32
C2 8MM AA . 18.62 -1.78 -4.73
CAC 8MM AA . 24.83 0.35 -5.15
CAW 8MM AA . 23.60 -0.58 -5.18
N4 8MM AA . 16.58 -2.66 -3.42
O1 8MM AA . 19.68 0.78 -4.17
O2 8MM AA . 19.08 0.99 -1.27
O3 8MM AA . 17.22 2.92 -0.50
O4 8MM AA . 17.12 1.17 1.12
O5 8MM AA . 16.84 2.12 3.75
O6 8MM AA . 15.05 4.18 0.63
OAH 8MM AA . 23.94 -1.88 -4.69
N1A COA BA . 40.77 -6.03 8.51
C2A COA BA . 39.90 -5.18 9.14
N3A COA BA . 38.64 -5.00 8.63
C4A COA BA . 38.28 -5.65 7.50
C5A COA BA . 39.14 -6.48 6.87
C6A COA BA . 40.41 -6.67 7.39
N6A COA BA . 41.60 -7.50 6.95
N7A COA BA . 38.52 -6.98 5.78
C8A COA BA . 37.26 -6.46 5.74
N9A COA BA . 37.12 -5.65 6.80
C1B COA BA . 35.95 -4.91 7.09
C2B COA BA . 36.10 -3.69 6.60
O2B COA BA . 36.72 -2.83 7.61
C3B COA BA . 34.65 -3.21 6.37
O3B COA BA . 34.32 -2.57 7.49
P3B COA BA . 33.32 -1.26 7.36
O7A COA BA . 33.25 -0.80 5.92
O8A COA BA . 32.08 -1.85 7.87
O9A COA BA . 33.74 -0.15 8.27
C4B COA BA . 33.79 -4.53 6.15
O4B COA BA . 34.62 -5.52 6.30
C5B COA BA . 33.17 -4.56 4.75
O5B COA BA . 34.10 -4.06 3.78
P1A COA BA . 34.58 -5.06 2.54
O1A COA BA . 35.14 -6.35 3.10
O2A COA BA . 35.64 -4.38 1.71
O3A COA BA . 33.25 -5.42 1.54
P2A COA BA . 32.28 -6.83 1.67
O4A COA BA . 33.03 -8.03 1.11
O5A COA BA . 31.92 -7.07 3.14
O6A COA BA . 30.89 -6.53 0.80
CBP COA BA . 28.62 -5.65 0.56
CCP COA BA . 29.97 -5.55 1.33
CDP COA BA . 27.78 -4.39 0.82
CEP COA BA . 28.90 -5.76 -0.90
CAP COA BA . 27.92 -6.89 1.10
OAP COA BA . 27.66 -6.70 2.46
C9P COA BA . 26.60 -7.20 0.38
O9P COA BA . 26.58 -7.71 -0.67
N8P COA BA . 25.33 -6.89 1.06
C7P COA BA . 24.04 -7.20 0.35
C6P COA BA . 23.77 -6.04 -0.65
C5P COA BA . 23.38 -4.81 0.17
O5P COA BA . 22.94 -4.96 1.28
N4P COA BA . 23.53 -3.45 -0.39
C3P COA BA . 24.07 -3.24 -1.73
C2P COA BA . 25.00 -1.95 -1.71
S1P COA BA . 24.38 -0.75 -0.49
C1 GOL CA . 39.99 7.94 -3.88
O1 GOL CA . 40.18 7.99 -2.48
C2 GOL CA . 40.72 6.73 -4.44
O2 GOL CA . 40.61 5.65 -3.55
C3 GOL CA . 40.08 6.34 -5.78
O3 GOL CA . 40.46 5.02 -6.10
O1 TAR DA . -2.03 24.29 1.15
O11 TAR DA . -1.19 24.06 3.20
C1 TAR DA . -1.22 24.57 2.06
C2 TAR DA . -0.11 25.57 1.74
O2 TAR DA . -0.50 26.32 0.59
C3 TAR DA . 0.03 26.53 2.93
O3 TAR DA . -1.16 27.31 3.11
C4 TAR DA . 1.30 27.37 2.82
O4 TAR DA . 2.35 26.82 3.22
O41 TAR DA . 1.20 28.53 2.36
C4 8MM EA . 34.55 41.21 -14.03
C14 8MM EA . 39.50 37.76 -21.99
C5 8MM EA . 34.76 39.72 -14.37
C6 8MM EA . 35.80 39.72 -15.48
C11 8MM EA . 37.72 39.65 -19.50
C7 8MM EA . 36.40 40.66 -17.65
C8 8MM EA . 35.94 41.77 -18.59
C9 8MM EA . 37.01 42.02 -19.64
C10 8MM EA . 37.24 40.77 -20.44
C12 8MM EA . 36.60 39.40 -18.51
C13 8MM EA . 39.33 38.34 -20.61
N1 8MM EA . 38.20 41.07 -21.51
N2 8MM EA . 35.65 43.00 -17.83
C3 8MM EA . 35.89 41.75 -13.51
N3 8MM EA . 33.52 39.13 -14.86
N 8MM EA . 38.99 35.86 -23.42
O 8MM EA . 37.08 40.20 -15.00
C1 8MM EA . 38.24 42.28 -14.37
C15 8MM EA . 38.83 36.43 -22.06
C16 8MM EA . 39.52 35.56 -20.92
C17 8MM EA . 39.31 36.21 -19.54
C18 8MM EA . 39.12 34.09 -20.91
C19 8MM EA . 38.08 34.78 -23.85
C2 8MM EA . 36.90 41.60 -14.63
CAC 8MM EA . 31.30 38.41 -14.06
CAW 8MM EA . 32.63 39.05 -13.68
N4 8MM EA . 39.24 41.49 -15.10
O1 8MM EA . 35.33 40.50 -16.66
O2 8MM EA . 37.00 38.27 -17.73
O3 8MM EA . 37.92 38.49 -20.31
O4 8MM EA . 39.94 37.54 -19.58
O5 8MM EA . 40.92 35.54 -21.15
O6 8MM EA . 38.91 38.64 -22.95
OAH 8MM EA . 33.26 38.28 -12.65
C1 GOL FA . 17.38 27.29 -4.77
O1 GOL FA . 18.42 27.70 -3.92
C2 GOL FA . 17.95 26.45 -5.92
O2 GOL FA . 18.46 25.23 -5.42
C3 GOL FA . 16.86 26.18 -6.94
O3 GOL FA . 17.33 25.25 -7.89
C4 8MM GA . 10.33 63.21 -14.60
C14 8MM GA . 9.40 70.75 -20.58
C5 8MM GA . 10.31 64.73 -14.33
C6 8MM GA . 10.09 65.47 -15.63
C11 8MM GA . 10.74 67.93 -19.20
C7 8MM GA . 10.98 65.86 -17.80
C8 8MM GA . 12.07 65.38 -18.73
C9 8MM GA . 11.83 65.96 -20.10
C10 8MM GA . 11.84 67.46 -20.11
C12 8MM GA . 10.99 67.42 -17.79
C13 8MM GA . 9.43 69.90 -19.34
N1 8MM GA . 11.60 67.98 -21.47
N2 8MM GA . 12.13 63.92 -18.75
C3 8MM GA . 9.07 62.79 -15.39
N3 8MM GA . 11.50 65.18 -13.58
N 8MM GA . 10.49 72.80 -21.60
O 8MM GA . 8.97 64.94 -16.38
C1 8MM GA . 7.80 63.22 -17.61
C15 8MM GA . 10.44 71.89 -20.43
C16 8MM GA . 10.06 72.66 -19.18
C17 8MM GA . 10.01 71.70 -17.99
C18 8MM GA . 11.12 73.73 -18.92
C19 8MM GA . 11.01 72.20 -22.85
C2 8MM GA . 9.01 63.52 -16.71
CAC 8MM GA . 12.84 64.96 -11.48
CAW 8MM GA . 11.68 64.42 -12.32
N4 8MM GA . 7.97 63.88 -18.92
O1 8MM GA . 11.23 65.27 -16.47
O2 8MM GA . 10.02 68.03 -16.91
O3 8MM GA . 10.75 69.36 -19.22
O4 8MM GA . 9.06 70.64 -18.16
O5 8MM GA . 8.77 73.28 -19.34
O6 8MM GA . 9.72 69.86 -21.66
OAH 8MM GA . 10.48 64.45 -11.56
N1A COA HA . 7.56 74.20 4.03
C2A COA HA . 6.56 74.30 3.10
N3A COA HA . 6.81 74.84 1.88
C4A COA HA . 8.05 75.29 1.60
C5A COA HA . 9.05 75.20 2.50
C6A COA HA . 8.79 74.65 3.74
N6A COA HA . 9.64 74.41 4.97
N7A COA HA . 10.16 75.73 1.94
C8A COA HA . 9.85 76.13 0.67
N9A COA HA . 8.54 75.85 0.47
C1B COA HA . 7.81 76.11 -0.70
C2B COA HA . 8.59 76.36 -1.74
O2B COA HA . 8.32 77.73 -2.19
C3B COA HA . 8.29 75.25 -2.82
O3B COA HA . 8.12 75.64 -4.12
P3B COA HA . 7.20 76.92 -4.72
O7A COA HA . 6.39 77.58 -3.63
O8A COA HA . 8.12 77.95 -5.31
O9A COA HA . 6.27 76.42 -5.80
C4B COA HA . 7.06 74.41 -2.28
O4B COA HA . 6.80 74.82 -1.06
C5B COA HA . 7.38 72.92 -2.20
O5B COA HA . 8.12 72.78 -1.00
P1A COA HA . 8.19 71.30 -0.26
O1A COA HA . 7.07 71.18 0.75
O2A COA HA . 9.54 71.15 0.40
O3A COA HA . 8.00 70.08 -1.42
P2A COA HA . 6.50 69.34 -1.79
O4A COA HA . 6.22 68.26 -0.76
O5A COA HA . 5.38 70.38 -1.78
O6A COA HA . 6.68 68.71 -3.33
CBP COA HA . 6.60 68.75 -5.75
CCP COA HA . 6.64 69.59 -4.44
CDP COA HA . 7.46 69.47 -6.82
CEP COA HA . 7.16 67.38 -5.52
CAP COA HA . 5.14 68.73 -6.15
OAP COA HA . 4.73 70.02 -6.49
C9P COA HA . 4.76 67.77 -7.29
O9P COA HA . 4.56 66.63 -7.08
N8P COA HA . 4.55 68.28 -8.66
C7P COA HA . 4.15 67.26 -9.67
C6P COA HA . 5.44 66.67 -10.27
C5P COA HA . 6.09 67.85 -10.98
O5P COA HA . 5.39 68.74 -11.38
N4P COA HA . 7.54 67.90 -11.17
C3P COA HA . 8.39 66.80 -10.69
C2P COA HA . 9.89 67.33 -10.67
S1P COA HA . 10.06 68.64 -11.94
#